data_3M1E
# 
_entry.id   3M1E 
# 
_audit_conform.dict_name       mmcif_pdbx.dic 
_audit_conform.dict_version    5.387 
_audit_conform.dict_location   http://mmcif.pdb.org/dictionaries/ascii/mmcif_pdbx.dic 
# 
loop_
_database_2.database_id 
_database_2.database_code 
_database_2.pdbx_database_accession 
_database_2.pdbx_DOI 
PDB   3M1E         pdb_00003m1e 10.2210/pdb3m1e/pdb 
RCSB  RCSB057985   ?            ?                   
WWPDB D_1000057985 ?            ?                   
# 
loop_
_pdbx_audit_revision_history.ordinal 
_pdbx_audit_revision_history.data_content_type 
_pdbx_audit_revision_history.major_revision 
_pdbx_audit_revision_history.minor_revision 
_pdbx_audit_revision_history.revision_date 
1 'Structure model' 1 0 2011-04-27 
2 'Structure model' 1 1 2011-07-13 
3 'Structure model' 1 2 2013-07-10 
4 'Structure model' 1 3 2017-11-08 
5 'Structure model' 1 4 2024-02-21 
# 
_pdbx_audit_revision_details.ordinal             1 
_pdbx_audit_revision_details.revision_ordinal    1 
_pdbx_audit_revision_details.data_content_type   'Structure model' 
_pdbx_audit_revision_details.provider            repository 
_pdbx_audit_revision_details.type                'Initial release' 
_pdbx_audit_revision_details.description         ? 
_pdbx_audit_revision_details.details             ? 
# 
loop_
_pdbx_audit_revision_group.ordinal 
_pdbx_audit_revision_group.revision_ordinal 
_pdbx_audit_revision_group.data_content_type 
_pdbx_audit_revision_group.group 
1 2 'Structure model' 'Version format compliance' 
2 3 'Structure model' 'Database references'       
3 4 'Structure model' 'Refinement description'    
4 5 'Structure model' 'Data collection'           
5 5 'Structure model' 'Database references'       
6 5 'Structure model' 'Derived calculations'      
# 
loop_
_pdbx_audit_revision_category.ordinal 
_pdbx_audit_revision_category.revision_ordinal 
_pdbx_audit_revision_category.data_content_type 
_pdbx_audit_revision_category.category 
1 4 'Structure model' software           
2 5 'Structure model' chem_comp_atom     
3 5 'Structure model' chem_comp_bond     
4 5 'Structure model' database_2         
5 5 'Structure model' struct_ref_seq_dif 
6 5 'Structure model' struct_site        
# 
loop_
_pdbx_audit_revision_item.ordinal 
_pdbx_audit_revision_item.revision_ordinal 
_pdbx_audit_revision_item.data_content_type 
_pdbx_audit_revision_item.item 
1 5 'Structure model' '_database_2.pdbx_DOI'                
2 5 'Structure model' '_database_2.pdbx_database_accession' 
3 5 'Structure model' '_struct_ref_seq_dif.details'         
4 5 'Structure model' '_struct_site.pdbx_auth_asym_id'      
5 5 'Structure model' '_struct_site.pdbx_auth_comp_id'      
6 5 'Structure model' '_struct_site.pdbx_auth_seq_id'       
# 
_pdbx_database_status.entry_id                        3M1E 
_pdbx_database_status.status_code                     REL 
_pdbx_database_status.deposit_site                    RCSB 
_pdbx_database_status.process_site                    RCSB 
_pdbx_database_status.recvd_initial_deposition_date   2010-03-04 
_pdbx_database_status.status_code_sf                  REL 
_pdbx_database_status.status_code_mr                  ? 
_pdbx_database_status.SG_entry                        ? 
_pdbx_database_status.status_code_cs                  ? 
_pdbx_database_status.methods_development_category    ? 
_pdbx_database_status.pdb_format_compatible           Y 
_pdbx_database_status.status_code_nmr_data            ? 
# 
loop_
_audit_author.name 
_audit_author.pdbx_ordinal 
'Alanazi, A.'  1 
'Momany, C.'   2 
'Neidle, E.L.' 3 
# 
_citation.id                        primary 
_citation.title                     'Crystal structure of the unbound LysR-type transcriptional regulator BenM DNA binding domain' 
_citation.journal_abbrev            'Acta Crystallogr.,Sect.D' 
_citation.journal_volume            ? 
_citation.page_first                ? 
_citation.page_last                 ? 
_citation.year                      2013 
_citation.journal_id_ASTM           ABCRE6 
_citation.country                   DK 
_citation.journal_id_ISSN           0907-4449 
_citation.journal_id_CSD            0766 
_citation.book_publisher            ? 
_citation.pdbx_database_id_PubMed   ? 
_citation.pdbx_database_id_DOI      ? 
# 
loop_
_citation_author.citation_id 
_citation_author.name 
_citation_author.ordinal 
_citation_author.identifier_ORCID 
primary 'Alanazi, A.'  1 ? 
primary 'Neidle, E.L.' 2 ? 
primary 'Momany, C.'   3 ? 
# 
loop_
_entity.id 
_entity.type 
_entity.src_method 
_entity.pdbx_description 
_entity.formula_weight 
_entity.pdbx_number_of_molecules 
_entity.pdbx_ec 
_entity.pdbx_mutation 
_entity.pdbx_fragment 
_entity.details 
1 polymer     man 'HTH-type transcriptional regulator benM' 10937.559 1  ? ? 'DNA BINDING DOMAIN' ? 
2 non-polymer syn 'SODIUM ION'                              22.990    1  ? ? ?                    ? 
3 water       nat water                                     18.015    97 ? ? ?                    ? 
# 
_entity_name_com.entity_id   1 
_entity_name_com.name        'Ben and cat operon transcriptional regulator' 
# 
_entity_poly.entity_id                      1 
_entity_poly.type                           'polypeptide(L)' 
_entity_poly.nstd_linkage                   no 
_entity_poly.nstd_monomer                   no 
_entity_poly.pdbx_seq_one_letter_code       
;MELRHLRYFVAVVEEQSFTKAADKLCIAQPPLSRQIQNLEEELGIQLLERGSRPVKTTPEGHFFYQYAIKLLSNVDQMVS
MTKRIASGHHHHHH
;
_entity_poly.pdbx_seq_one_letter_code_can   
;MELRHLRYFVAVVEEQSFTKAADKLCIAQPPLSRQIQNLEEELGIQLLERGSRPVKTTPEGHFFYQYAIKLLSNVDQMVS
MTKRIASGHHHHHH
;
_entity_poly.pdbx_strand_id                 A 
_entity_poly.pdbx_target_identifier         ? 
# 
loop_
_pdbx_entity_nonpoly.entity_id 
_pdbx_entity_nonpoly.name 
_pdbx_entity_nonpoly.comp_id 
2 'SODIUM ION' NA  
3 water        HOH 
# 
loop_
_entity_poly_seq.entity_id 
_entity_poly_seq.num 
_entity_poly_seq.mon_id 
_entity_poly_seq.hetero 
1 1  MET n 
1 2  GLU n 
1 3  LEU n 
1 4  ARG n 
1 5  HIS n 
1 6  LEU n 
1 7  ARG n 
1 8  TYR n 
1 9  PHE n 
1 10 VAL n 
1 11 ALA n 
1 12 VAL n 
1 13 VAL n 
1 14 GLU n 
1 15 GLU n 
1 16 GLN n 
1 17 SER n 
1 18 PHE n 
1 19 THR n 
1 20 LYS n 
1 21 ALA n 
1 22 ALA n 
1 23 ASP n 
1 24 LYS n 
1 25 LEU n 
1 26 CYS n 
1 27 ILE n 
1 28 ALA n 
1 29 GLN n 
1 30 PRO n 
1 31 PRO n 
1 32 LEU n 
1 33 SER n 
1 34 ARG n 
1 35 GLN n 
1 36 ILE n 
1 37 GLN n 
1 38 ASN n 
1 39 LEU n 
1 40 GLU n 
1 41 GLU n 
1 42 GLU n 
1 43 LEU n 
1 44 GLY n 
1 45 ILE n 
1 46 GLN n 
1 47 LEU n 
1 48 LEU n 
1 49 GLU n 
1 50 ARG n 
1 51 GLY n 
1 52 SER n 
1 53 ARG n 
1 54 PRO n 
1 55 VAL n 
1 56 LYS n 
1 57 THR n 
1 58 THR n 
1 59 PRO n 
1 60 GLU n 
1 61 GLY n 
1 62 HIS n 
1 63 PHE n 
1 64 PHE n 
1 65 TYR n 
1 66 GLN n 
1 67 TYR n 
1 68 ALA n 
1 69 ILE n 
1 70 LYS n 
1 71 LEU n 
1 72 LEU n 
1 73 SER n 
1 74 ASN n 
1 75 VAL n 
1 76 ASP n 
1 77 GLN n 
1 78 MET n 
1 79 VAL n 
1 80 SER n 
1 81 MET n 
1 82 THR n 
1 83 LYS n 
1 84 ARG n 
1 85 ILE n 
1 86 ALA n 
1 87 SER n 
1 88 GLY n 
1 89 HIS n 
1 90 HIS n 
1 91 HIS n 
1 92 HIS n 
1 93 HIS n 
1 94 HIS n 
# 
_entity_src_gen.entity_id                          1 
_entity_src_gen.pdbx_src_id                        1 
_entity_src_gen.pdbx_alt_source_flag               sample 
_entity_src_gen.pdbx_seq_type                      ? 
_entity_src_gen.pdbx_beg_seq_num                   ? 
_entity_src_gen.pdbx_end_seq_num                   ? 
_entity_src_gen.gene_src_common_name               ? 
_entity_src_gen.gene_src_genus                     ? 
_entity_src_gen.pdbx_gene_src_gene                 'ACIAD1435, benM, benR' 
_entity_src_gen.gene_src_species                   ? 
_entity_src_gen.gene_src_strain                    ADP1 
_entity_src_gen.gene_src_tissue                    ? 
_entity_src_gen.gene_src_tissue_fraction           ? 
_entity_src_gen.gene_src_details                   ? 
_entity_src_gen.pdbx_gene_src_fragment             ? 
_entity_src_gen.pdbx_gene_src_scientific_name      'Acinetobacter sp. ADP1' 
_entity_src_gen.pdbx_gene_src_ncbi_taxonomy_id     62977 
_entity_src_gen.pdbx_gene_src_variant              ? 
_entity_src_gen.pdbx_gene_src_cell_line            ? 
_entity_src_gen.pdbx_gene_src_atcc                 ? 
_entity_src_gen.pdbx_gene_src_organ                ? 
_entity_src_gen.pdbx_gene_src_organelle            ? 
_entity_src_gen.pdbx_gene_src_cell                 ? 
_entity_src_gen.pdbx_gene_src_cellular_location    ? 
_entity_src_gen.host_org_common_name               ? 
_entity_src_gen.pdbx_host_org_scientific_name      'Escherichia coli' 
_entity_src_gen.pdbx_host_org_ncbi_taxonomy_id     469008 
_entity_src_gen.host_org_genus                     ? 
_entity_src_gen.pdbx_host_org_gene                 ? 
_entity_src_gen.pdbx_host_org_organ                ? 
_entity_src_gen.host_org_species                   ? 
_entity_src_gen.pdbx_host_org_tissue               ? 
_entity_src_gen.pdbx_host_org_tissue_fraction      ? 
_entity_src_gen.pdbx_host_org_strain               'BL21(DE3)RIL' 
_entity_src_gen.pdbx_host_org_variant              ? 
_entity_src_gen.pdbx_host_org_cell_line            ? 
_entity_src_gen.pdbx_host_org_atcc                 ? 
_entity_src_gen.pdbx_host_org_culture_collection   ? 
_entity_src_gen.pdbx_host_org_cell                 ? 
_entity_src_gen.pdbx_host_org_organelle            ? 
_entity_src_gen.pdbx_host_org_cellular_location    ? 
_entity_src_gen.pdbx_host_org_vector_type          plasmid 
_entity_src_gen.pdbx_host_org_vector               ? 
_entity_src_gen.host_org_details                   ? 
_entity_src_gen.expression_system_id               ? 
_entity_src_gen.plasmid_name                       pET21B 
_entity_src_gen.plasmid_details                    ? 
_entity_src_gen.pdbx_description                   ? 
# 
loop_
_chem_comp.id 
_chem_comp.type 
_chem_comp.mon_nstd_flag 
_chem_comp.name 
_chem_comp.pdbx_synonyms 
_chem_comp.formula 
_chem_comp.formula_weight 
ALA 'L-peptide linking' y ALANINE         ? 'C3 H7 N O2'     89.093  
ARG 'L-peptide linking' y ARGININE        ? 'C6 H15 N4 O2 1' 175.209 
ASN 'L-peptide linking' y ASPARAGINE      ? 'C4 H8 N2 O3'    132.118 
ASP 'L-peptide linking' y 'ASPARTIC ACID' ? 'C4 H7 N O4'     133.103 
CYS 'L-peptide linking' y CYSTEINE        ? 'C3 H7 N O2 S'   121.158 
GLN 'L-peptide linking' y GLUTAMINE       ? 'C5 H10 N2 O3'   146.144 
GLU 'L-peptide linking' y 'GLUTAMIC ACID' ? 'C5 H9 N O4'     147.129 
GLY 'peptide linking'   y GLYCINE         ? 'C2 H5 N O2'     75.067  
HIS 'L-peptide linking' y HISTIDINE       ? 'C6 H10 N3 O2 1' 156.162 
HOH non-polymer         . WATER           ? 'H2 O'           18.015  
ILE 'L-peptide linking' y ISOLEUCINE      ? 'C6 H13 N O2'    131.173 
LEU 'L-peptide linking' y LEUCINE         ? 'C6 H13 N O2'    131.173 
LYS 'L-peptide linking' y LYSINE          ? 'C6 H15 N2 O2 1' 147.195 
MET 'L-peptide linking' y METHIONINE      ? 'C5 H11 N O2 S'  149.211 
NA  non-polymer         . 'SODIUM ION'    ? 'Na 1'           22.990  
PHE 'L-peptide linking' y PHENYLALANINE   ? 'C9 H11 N O2'    165.189 
PRO 'L-peptide linking' y PROLINE         ? 'C5 H9 N O2'     115.130 
SER 'L-peptide linking' y SERINE          ? 'C3 H7 N O3'     105.093 
THR 'L-peptide linking' y THREONINE       ? 'C4 H9 N O3'     119.119 
TYR 'L-peptide linking' y TYROSINE        ? 'C9 H11 N O3'    181.189 
VAL 'L-peptide linking' y VALINE          ? 'C5 H11 N O2'    117.146 
# 
loop_
_pdbx_poly_seq_scheme.asym_id 
_pdbx_poly_seq_scheme.entity_id 
_pdbx_poly_seq_scheme.seq_id 
_pdbx_poly_seq_scheme.mon_id 
_pdbx_poly_seq_scheme.ndb_seq_num 
_pdbx_poly_seq_scheme.pdb_seq_num 
_pdbx_poly_seq_scheme.auth_seq_num 
_pdbx_poly_seq_scheme.pdb_mon_id 
_pdbx_poly_seq_scheme.auth_mon_id 
_pdbx_poly_seq_scheme.pdb_strand_id 
_pdbx_poly_seq_scheme.pdb_ins_code 
_pdbx_poly_seq_scheme.hetero 
A 1 1  MET 1  1  1  MET MET A . n 
A 1 2  GLU 2  2  2  GLU GLU A . n 
A 1 3  LEU 3  3  3  LEU LEU A . n 
A 1 4  ARG 4  4  4  ARG ARG A . n 
A 1 5  HIS 5  5  5  HIS HIS A . n 
A 1 6  LEU 6  6  6  LEU LEU A . n 
A 1 7  ARG 7  7  7  ARG ARG A . n 
A 1 8  TYR 8  8  8  TYR TYR A . n 
A 1 9  PHE 9  9  9  PHE PHE A . n 
A 1 10 VAL 10 10 10 VAL VAL A . n 
A 1 11 ALA 11 11 11 ALA ALA A . n 
A 1 12 VAL 12 12 12 VAL VAL A . n 
A 1 13 VAL 13 13 13 VAL VAL A . n 
A 1 14 GLU 14 14 14 GLU GLU A . n 
A 1 15 GLU 15 15 15 GLU GLU A . n 
A 1 16 GLN 16 16 16 GLN GLN A . n 
A 1 17 SER 17 17 17 SER SER A . n 
A 1 18 PHE 18 18 18 PHE PHE A . n 
A 1 19 THR 19 19 19 THR THR A . n 
A 1 20 LYS 20 20 20 LYS LYS A . n 
A 1 21 ALA 21 21 21 ALA ALA A . n 
A 1 22 ALA 22 22 22 ALA ALA A . n 
A 1 23 ASP 23 23 23 ASP ASP A . n 
A 1 24 LYS 24 24 24 LYS LYS A . n 
A 1 25 LEU 25 25 25 LEU LEU A . n 
A 1 26 CYS 26 26 26 CYS CYS A . n 
A 1 27 ILE 27 27 27 ILE ILE A . n 
A 1 28 ALA 28 28 28 ALA ALA A . n 
A 1 29 GLN 29 29 29 GLN GLN A . n 
A 1 30 PRO 30 30 30 PRO PRO A . n 
A 1 31 PRO 31 31 31 PRO PRO A . n 
A 1 32 LEU 32 32 32 LEU LEU A . n 
A 1 33 SER 33 33 33 SER SER A . n 
A 1 34 ARG 34 34 34 ARG ARG A . n 
A 1 35 GLN 35 35 35 GLN GLN A . n 
A 1 36 ILE 36 36 36 ILE ILE A . n 
A 1 37 GLN 37 37 37 GLN GLN A . n 
A 1 38 ASN 38 38 38 ASN ASN A . n 
A 1 39 LEU 39 39 39 LEU LEU A . n 
A 1 40 GLU 40 40 40 GLU GLU A . n 
A 1 41 GLU 41 41 41 GLU GLU A . n 
A 1 42 GLU 42 42 42 GLU GLU A . n 
A 1 43 LEU 43 43 43 LEU LEU A . n 
A 1 44 GLY 44 44 44 GLY GLY A . n 
A 1 45 ILE 45 45 45 ILE ILE A . n 
A 1 46 GLN 46 46 46 GLN GLN A . n 
A 1 47 LEU 47 47 47 LEU LEU A . n 
A 1 48 LEU 48 48 48 LEU LEU A . n 
A 1 49 GLU 49 49 49 GLU GLU A . n 
A 1 50 ARG 50 50 50 ARG ARG A . n 
A 1 51 GLY 51 51 51 GLY GLY A . n 
A 1 52 SER 52 52 52 SER SER A . n 
A 1 53 ARG 53 53 53 ARG ARG A . n 
A 1 54 PRO 54 54 54 PRO PRO A . n 
A 1 55 VAL 55 55 55 VAL VAL A . n 
A 1 56 LYS 56 56 56 LYS LYS A . n 
A 1 57 THR 57 57 57 THR THR A . n 
A 1 58 THR 58 58 58 THR THR A . n 
A 1 59 PRO 59 59 59 PRO PRO A . n 
A 1 60 GLU 60 60 60 GLU GLU A . n 
A 1 61 GLY 61 61 61 GLY GLY A . n 
A 1 62 HIS 62 62 62 HIS HIS A . n 
A 1 63 PHE 63 63 63 PHE PHE A . n 
A 1 64 PHE 64 64 64 PHE PHE A . n 
A 1 65 TYR 65 65 65 TYR TYR A . n 
A 1 66 GLN 66 66 66 GLN GLN A . n 
A 1 67 TYR 67 67 67 TYR TYR A . n 
A 1 68 ALA 68 68 68 ALA ALA A . n 
A 1 69 ILE 69 69 69 ILE ILE A . n 
A 1 70 LYS 70 70 70 LYS LYS A . n 
A 1 71 LEU 71 71 71 LEU LEU A . n 
A 1 72 LEU 72 72 72 LEU LEU A . n 
A 1 73 SER 73 73 73 SER SER A . n 
A 1 74 ASN 74 74 74 ASN ASN A . n 
A 1 75 VAL 75 75 75 VAL VAL A . n 
A 1 76 ASP 76 76 76 ASP ASP A . n 
A 1 77 GLN 77 77 77 GLN GLN A . n 
A 1 78 MET 78 78 78 MET MET A . n 
A 1 79 VAL 79 79 79 VAL VAL A . n 
A 1 80 SER 80 80 80 SER SER A . n 
A 1 81 MET 81 81 81 MET MET A . n 
A 1 82 THR 82 82 82 THR THR A . n 
A 1 83 LYS 83 83 83 LYS LYS A . n 
A 1 84 ARG 84 84 84 ARG ARG A . n 
A 1 85 ILE 85 85 85 ILE ILE A . n 
A 1 86 ALA 86 86 86 ALA ALA A . n 
A 1 87 SER 87 87 87 SER SER A . n 
A 1 88 GLY 88 88 ?  ?   ?   A . n 
A 1 89 HIS 89 89 ?  ?   ?   A . n 
A 1 90 HIS 90 90 ?  ?   ?   A . n 
A 1 91 HIS 91 91 ?  ?   ?   A . n 
A 1 92 HIS 92 92 ?  ?   ?   A . n 
A 1 93 HIS 93 93 ?  ?   ?   A . n 
A 1 94 HIS 94 94 ?  ?   ?   A . n 
# 
loop_
_pdbx_nonpoly_scheme.asym_id 
_pdbx_nonpoly_scheme.entity_id 
_pdbx_nonpoly_scheme.mon_id 
_pdbx_nonpoly_scheme.ndb_seq_num 
_pdbx_nonpoly_scheme.pdb_seq_num 
_pdbx_nonpoly_scheme.auth_seq_num 
_pdbx_nonpoly_scheme.pdb_mon_id 
_pdbx_nonpoly_scheme.auth_mon_id 
_pdbx_nonpoly_scheme.pdb_strand_id 
_pdbx_nonpoly_scheme.pdb_ins_code 
B 2 NA  1  95  1   NA  NA  A . 
C 3 HOH 1  96  4   HOH HOH A . 
C 3 HOH 2  97  5   HOH HOH A . 
C 3 HOH 3  98  7   HOH HOH A . 
C 3 HOH 4  99  10  HOH HOH A . 
C 3 HOH 5  100 100 HOH HOH A . 
C 3 HOH 6  101 101 HOH HOH A . 
C 3 HOH 7  102 102 HOH HOH A . 
C 3 HOH 8  103 12  HOH HOH A . 
C 3 HOH 9  104 13  HOH HOH A . 
C 3 HOH 10 105 14  HOH HOH A . 
C 3 HOH 11 106 15  HOH HOH A . 
C 3 HOH 12 107 17  HOH HOH A . 
C 3 HOH 13 108 18  HOH HOH A . 
C 3 HOH 14 109 109 HOH HOH A . 
C 3 HOH 15 110 110 HOH HOH A . 
C 3 HOH 16 111 21  HOH HOH A . 
C 3 HOH 17 112 37  HOH HOH A . 
C 3 HOH 18 113 42  HOH HOH A . 
C 3 HOH 19 114 46  HOH HOH A . 
C 3 HOH 20 115 49  HOH HOH A . 
C 3 HOH 21 116 116 HOH HOH A . 
C 3 HOH 22 117 53  HOH HOH A . 
C 3 HOH 23 118 118 HOH HOH A . 
C 3 HOH 24 119 54  HOH HOH A . 
C 3 HOH 25 120 55  HOH HOH A . 
C 3 HOH 26 121 56  HOH HOH A . 
C 3 HOH 27 122 57  HOH HOH A . 
C 3 HOH 28 123 58  HOH HOH A . 
C 3 HOH 29 124 59  HOH HOH A . 
C 3 HOH 30 125 61  HOH HOH A . 
C 3 HOH 31 126 62  HOH HOH A . 
C 3 HOH 32 127 63  HOH HOH A . 
C 3 HOH 33 128 128 HOH HOH A . 
C 3 HOH 34 129 64  HOH HOH A . 
C 3 HOH 35 130 65  HOH HOH A . 
C 3 HOH 36 131 131 HOH HOH A . 
C 3 HOH 37 132 70  HOH HOH A . 
C 3 HOH 38 133 133 HOH HOH A . 
C 3 HOH 39 134 71  HOH HOH A . 
C 3 HOH 40 135 73  HOH HOH A . 
C 3 HOH 41 136 136 HOH HOH A . 
C 3 HOH 42 137 137 HOH HOH A . 
C 3 HOH 43 138 138 HOH HOH A . 
C 3 HOH 44 139 139 HOH HOH A . 
C 3 HOH 45 140 140 HOH HOH A . 
C 3 HOH 46 141 74  HOH HOH A . 
C 3 HOH 47 142 142 HOH HOH A . 
C 3 HOH 48 143 143 HOH HOH A . 
C 3 HOH 49 144 144 HOH HOH A . 
C 3 HOH 50 145 77  HOH HOH A . 
C 3 HOH 51 146 146 HOH HOH A . 
C 3 HOH 52 147 147 HOH HOH A . 
C 3 HOH 53 148 78  HOH HOH A . 
C 3 HOH 54 149 149 HOH HOH A . 
C 3 HOH 55 150 150 HOH HOH A . 
C 3 HOH 56 151 79  HOH HOH A . 
C 3 HOH 57 152 152 HOH HOH A . 
C 3 HOH 58 153 153 HOH HOH A . 
C 3 HOH 59 154 80  HOH HOH A . 
C 3 HOH 60 155 81  HOH HOH A . 
C 3 HOH 61 156 156 HOH HOH A . 
C 3 HOH 62 157 82  HOH HOH A . 
C 3 HOH 63 158 84  HOH HOH A . 
C 3 HOH 64 159 85  HOH HOH A . 
C 3 HOH 65 160 160 HOH HOH A . 
C 3 HOH 66 161 161 HOH HOH A . 
C 3 HOH 67 162 162 HOH HOH A . 
C 3 HOH 68 163 163 HOH HOH A . 
C 3 HOH 69 164 87  HOH HOH A . 
C 3 HOH 70 165 165 HOH HOH A . 
C 3 HOH 71 166 166 HOH HOH A . 
C 3 HOH 72 167 167 HOH HOH A . 
C 3 HOH 73 168 168 HOH HOH A . 
C 3 HOH 74 169 169 HOH HOH A . 
C 3 HOH 75 170 170 HOH HOH A . 
C 3 HOH 76 171 171 HOH HOH A . 
C 3 HOH 77 172 88  HOH HOH A . 
C 3 HOH 78 173 173 HOH HOH A . 
C 3 HOH 79 174 89  HOH HOH A . 
C 3 HOH 80 175 175 HOH HOH A . 
C 3 HOH 81 176 176 HOH HOH A . 
C 3 HOH 82 177 177 HOH HOH A . 
C 3 HOH 83 178 178 HOH HOH A . 
C 3 HOH 84 179 179 HOH HOH A . 
C 3 HOH 85 180 180 HOH HOH A . 
C 3 HOH 86 181 181 HOH HOH A . 
C 3 HOH 87 182 182 HOH HOH A . 
C 3 HOH 88 183 91  HOH HOH A . 
C 3 HOH 89 184 184 HOH HOH A . 
C 3 HOH 90 185 185 HOH HOH A . 
C 3 HOH 91 186 186 HOH HOH A . 
C 3 HOH 92 187 187 HOH HOH A . 
C 3 HOH 93 188 188 HOH HOH A . 
C 3 HOH 94 189 189 HOH HOH A . 
C 3 HOH 95 190 190 HOH HOH A . 
C 3 HOH 96 191 92  HOH HOH A . 
C 3 HOH 97 192 93  HOH HOH A . 
# 
loop_
_software.pdbx_ordinal 
_software.name 
_software.version 
_software.date 
_software.type 
_software.contact_author 
_software.contact_author_email 
_software.classification 
_software.location 
_software.language 
_software.citation_id 
1 REFMAC      5.5.0072 ?               program 'Garib N. Murshudov' garib@ysbl.york.ac.uk refinement        
http://www.ccp4.ac.uk/dist/html/refmac5.html Fortran_77 ? 
2 PDB_EXTRACT 3.100    'Jan. 22, 2010' package PDB                  help@deposit.rcsb.org 'data extraction' 
http://sw-tools.pdb.org/apps/PDB_EXTRACT/    C++        ? 
3 DENZO       .        ?               ?       ?                    ?                     'data reduction'  ? ?          ? 
4 SCALEPACK   .        ?               ?       ?                    ?                     'data scaling'    ? ?          ? 
# 
_cell.entry_id           3M1E 
_cell.length_a           33.360 
_cell.length_b           84.146 
_cell.length_c           68.734 
_cell.angle_alpha        90.00 
_cell.angle_beta         90.00 
_cell.angle_gamma        90.00 
_cell.Z_PDB              8 
_cell.pdbx_unique_axis   ? 
_cell.length_a_esd       ? 
_cell.length_b_esd       ? 
_cell.length_c_esd       ? 
_cell.angle_alpha_esd    ? 
_cell.angle_beta_esd     ? 
_cell.angle_gamma_esd    ? 
# 
_symmetry.entry_id                         3M1E 
_symmetry.space_group_name_H-M             'C 2 2 21' 
_symmetry.pdbx_full_space_group_name_H-M   ? 
_symmetry.cell_setting                     ? 
_symmetry.Int_Tables_number                20 
_symmetry.space_group_name_Hall            ? 
# 
_exptl.entry_id          3M1E 
_exptl.method            'X-RAY DIFFRACTION' 
_exptl.crystals_number   1 
# 
_exptl_crystal.id                    1 
_exptl_crystal.density_meas          ? 
_exptl_crystal.density_Matthews      2.21 
_exptl_crystal.density_percent_sol   44.22 
_exptl_crystal.description           ? 
_exptl_crystal.F_000                 ? 
_exptl_crystal.preparation           ? 
# 
_exptl_crystal_grow.crystal_id      1 
_exptl_crystal_grow.method          'MICROBATCH UNDER OIL' 
_exptl_crystal_grow.temp            288 
_exptl_crystal_grow.temp_details    ? 
_exptl_crystal_grow.pH              7.5 
_exptl_crystal_grow.pdbx_pH_range   ? 
_exptl_crystal_grow.pdbx_details    
;Equal volumes of precipitant and protein solution.  Precipitant:Crystal Screen 2 # 30 - 0.1 M HEPES pH 7.5, 10% PEG 6000, 5% MPD. Protein: 20 mM Tris base (pH 8.0), 0.5 M NaCl, 10% glycerol, 150 mM imidazole, 10 mM BME, MICROBATCH UNDER OIL, temperature 288K
;
# 
_diffrn.id                     1 
_diffrn.ambient_temp           100 
_diffrn.ambient_temp_details   ? 
_diffrn.crystal_id             1 
# 
_diffrn_detector.diffrn_id              1 
_diffrn_detector.detector               ? 
_diffrn_detector.type                   MAR 
_diffrn_detector.pdbx_collection_date   2007-11-18 
_diffrn_detector.details                ? 
# 
_diffrn_radiation.diffrn_id                        1 
_diffrn_radiation.wavelength_id                    1 
_diffrn_radiation.pdbx_monochromatic_or_laue_m_l   M 
_diffrn_radiation.monochromator                    ? 
_diffrn_radiation.pdbx_diffrn_protocol             'SINGLE WAVELENGTH' 
_diffrn_radiation.pdbx_scattering_type             x-ray 
# 
_diffrn_radiation_wavelength.id           1 
_diffrn_radiation_wavelength.wavelength   1.0080 
_diffrn_radiation_wavelength.wt           1.0 
# 
_diffrn_source.diffrn_id                   1 
_diffrn_source.source                      SYNCHROTRON 
_diffrn_source.type                        'APS BEAMLINE 19-ID' 
_diffrn_source.pdbx_synchrotron_site       APS 
_diffrn_source.pdbx_synchrotron_beamline   19-ID 
_diffrn_source.pdbx_wavelength             ? 
_diffrn_source.pdbx_wavelength_list        1.0080 
# 
_reflns.entry_id                     3M1E 
_reflns.observed_criterion_sigma_I   ? 
_reflns.observed_criterion_sigma_F   ? 
_reflns.d_resolution_low             42.07 
_reflns.d_resolution_high            1.80 
_reflns.number_obs                   9300 
_reflns.number_all                   ? 
_reflns.percent_possible_obs         ? 
_reflns.pdbx_Rmerge_I_obs            ? 
_reflns.pdbx_Rsym_value              ? 
_reflns.pdbx_netI_over_sigmaI        ? 
_reflns.B_iso_Wilson_estimate        ? 
_reflns.pdbx_redundancy              ? 
_reflns.R_free_details               ? 
_reflns.limit_h_max                  ? 
_reflns.limit_h_min                  ? 
_reflns.limit_k_max                  ? 
_reflns.limit_k_min                  ? 
_reflns.limit_l_max                  ? 
_reflns.limit_l_min                  ? 
_reflns.observed_criterion_F_max     ? 
_reflns.observed_criterion_F_min     ? 
_reflns.pdbx_chi_squared             ? 
_reflns.pdbx_scaling_rejects         ? 
_reflns.pdbx_ordinal                 1 
_reflns.pdbx_diffrn_id               1 
# 
_refine.pdbx_refine_id                           'X-RAY DIFFRACTION' 
_refine.entry_id                                 3M1E 
_refine.ls_number_reflns_obs                     8754 
_refine.ls_number_reflns_all                     ? 
_refine.pdbx_ls_sigma_I                          ? 
_refine.pdbx_ls_sigma_F                          . 
_refine.pdbx_data_cutoff_high_absF               ? 
_refine.pdbx_data_cutoff_low_absF                ? 
_refine.pdbx_data_cutoff_high_rms_absF           ? 
_refine.ls_d_res_low                             42.07 
_refine.ls_d_res_high                            1.80 
_refine.ls_percent_reflns_obs                    98.85 
_refine.ls_R_factor_obs                          0.18778 
_refine.ls_R_factor_all                          ? 
_refine.ls_R_factor_R_work                       0.18547 
_refine.ls_R_factor_R_free                       0.23367 
_refine.ls_R_factor_R_free_error                 ? 
_refine.ls_R_factor_R_free_error_details         ? 
_refine.ls_percent_reflns_R_free                 4.8 
_refine.ls_number_reflns_R_free                  437 
_refine.ls_number_parameters                     ? 
_refine.ls_number_restraints                     ? 
_refine.occupancy_min                            0.50 
_refine.occupancy_max                            1.00 
_refine.correlation_coeff_Fo_to_Fc               0.960 
_refine.correlation_coeff_Fo_to_Fc_free          0.935 
_refine.B_iso_mean                               32.037 
_refine.aniso_B[1][1]                            0.45 
_refine.aniso_B[2][2]                            0.00 
_refine.aniso_B[3][3]                            -0.45 
_refine.aniso_B[1][2]                            0.00 
_refine.aniso_B[1][3]                            0.00 
_refine.aniso_B[2][3]                            0.00 
_refine.solvent_model_details                    'BABINET MODEL WITH MASK' 
_refine.solvent_model_param_ksol                 ? 
_refine.solvent_model_param_bsol                 ? 
_refine.pdbx_solvent_vdw_probe_radii             1.40 
_refine.pdbx_solvent_ion_probe_radii             0.80 
_refine.pdbx_solvent_shrinkage_radii             0.80 
_refine.pdbx_ls_cross_valid_method               THROUGHOUT 
_refine.details                                  'HYDROGENS HAVE BEEN ADDED IN THE RIDING POSITIONS U VALUES      : RESIDUAL ONLY' 
_refine.pdbx_starting_model                      ? 
_refine.pdbx_method_to_determine_struct          'MOLECULAR REPLACEMENT' 
_refine.pdbx_isotropic_thermal_model             ? 
_refine.pdbx_stereochemistry_target_values       'MAXIMUM LIKELIHOOD' 
_refine.pdbx_stereochem_target_val_spec_case     ? 
_refine.pdbx_R_Free_selection_details            RANDOM 
_refine.pdbx_overall_ESU_R                       0.132 
_refine.pdbx_overall_ESU_R_Free                  0.131 
_refine.overall_SU_ML                            0.098 
_refine.pdbx_overall_phase_error                 ? 
_refine.overall_SU_B                             7.255 
_refine.overall_SU_R_Cruickshank_DPI             ? 
_refine.pdbx_overall_SU_R_free_Cruickshank_DPI   ? 
_refine.pdbx_overall_SU_R_Blow_DPI               ? 
_refine.pdbx_overall_SU_R_free_Blow_DPI          ? 
_refine.ls_redundancy_reflns_obs                 ? 
_refine.B_iso_min                                ? 
_refine.B_iso_max                                ? 
_refine.overall_SU_R_free                        ? 
_refine.ls_wR_factor_R_free                      ? 
_refine.ls_wR_factor_R_work                      ? 
_refine.overall_FOM_free_R_set                   ? 
_refine.overall_FOM_work_R_set                   ? 
_refine.pdbx_diffrn_id                           1 
_refine.pdbx_TLS_residual_ADP_flag               ? 
# 
_refine_hist.pdbx_refine_id                   'X-RAY DIFFRACTION' 
_refine_hist.cycle_id                         LAST 
_refine_hist.pdbx_number_atoms_protein        704 
_refine_hist.pdbx_number_atoms_nucleic_acid   0 
_refine_hist.pdbx_number_atoms_ligand         1 
_refine_hist.number_atoms_solvent             97 
_refine_hist.number_atoms_total               802 
_refine_hist.d_res_high                       1.80 
_refine_hist.d_res_low                        42.07 
# 
loop_
_refine_ls_restr.type 
_refine_ls_restr.dev_ideal 
_refine_ls_restr.dev_ideal_target 
_refine_ls_restr.weight 
_refine_ls_restr.number 
_refine_ls_restr.pdbx_refine_id 
_refine_ls_restr.pdbx_restraint_function 
r_bond_refined_d             0.006  0.022  ? 737 'X-RAY DIFFRACTION' ? 
r_bond_other_d               ?      ?      ? ?   'X-RAY DIFFRACTION' ? 
r_angle_refined_deg          0.917  1.984  ? 994 'X-RAY DIFFRACTION' ? 
r_angle_other_deg            ?      ?      ? ?   'X-RAY DIFFRACTION' ? 
r_dihedral_angle_1_deg       3.438  5.000  ? 92  'X-RAY DIFFRACTION' ? 
r_dihedral_angle_2_deg       30.840 23.824 ? 34  'X-RAY DIFFRACTION' ? 
r_dihedral_angle_3_deg       13.434 15.000 ? 145 'X-RAY DIFFRACTION' ? 
r_dihedral_angle_4_deg       16.431 15.000 ? 6   'X-RAY DIFFRACTION' ? 
r_chiral_restr               0.057  0.200  ? 114 'X-RAY DIFFRACTION' ? 
r_gen_planes_refined         0.004  0.021  ? 542 'X-RAY DIFFRACTION' ? 
r_gen_planes_other           ?      ?      ? ?   'X-RAY DIFFRACTION' ? 
r_nbd_refined                ?      ?      ? ?   'X-RAY DIFFRACTION' ? 
r_nbd_other                  ?      ?      ? ?   'X-RAY DIFFRACTION' ? 
r_nbtor_refined              ?      ?      ? ?   'X-RAY DIFFRACTION' ? 
r_nbtor_other                ?      ?      ? ?   'X-RAY DIFFRACTION' ? 
r_xyhbond_nbd_refined        ?      ?      ? ?   'X-RAY DIFFRACTION' ? 
r_xyhbond_nbd_other          ?      ?      ? ?   'X-RAY DIFFRACTION' ? 
r_metal_ion_refined          ?      ?      ? ?   'X-RAY DIFFRACTION' ? 
r_metal_ion_other            ?      ?      ? ?   'X-RAY DIFFRACTION' ? 
r_symmetry_vdw_refined       ?      ?      ? ?   'X-RAY DIFFRACTION' ? 
r_symmetry_vdw_other         ?      ?      ? ?   'X-RAY DIFFRACTION' ? 
r_symmetry_hbond_refined     ?      ?      ? ?   'X-RAY DIFFRACTION' ? 
r_symmetry_hbond_other       ?      ?      ? ?   'X-RAY DIFFRACTION' ? 
r_symmetry_metal_ion_refined ?      ?      ? ?   'X-RAY DIFFRACTION' ? 
r_symmetry_metal_ion_other   ?      ?      ? ?   'X-RAY DIFFRACTION' ? 
r_mcbond_it                  0.720  2.000  ? 11  'X-RAY DIFFRACTION' ? 
r_mcbond_other               ?      ?      ? ?   'X-RAY DIFFRACTION' ? 
r_mcangle_it                 1.503  5.000  ? 18  'X-RAY DIFFRACTION' ? 
r_scbond_it                  3.096  7.000  ? 8   'X-RAY DIFFRACTION' ? 
r_scangle_it                 3.739  10.000 ? 6   'X-RAY DIFFRACTION' ? 
r_rigid_bond_restr           ?      ?      ? ?   'X-RAY DIFFRACTION' ? 
r_sphericity_free            ?      ?      ? ?   'X-RAY DIFFRACTION' ? 
r_sphericity_bonded          ?      ?      ? ?   'X-RAY DIFFRACTION' ? 
# 
_refine_ls_shell.pdbx_refine_id                   'X-RAY DIFFRACTION' 
_refine_ls_shell.pdbx_total_number_of_bins_used   20 
_refine_ls_shell.d_res_high                       1.802 
_refine_ls_shell.d_res_low                        1.848 
_refine_ls_shell.number_reflns_R_work             577 
_refine_ls_shell.R_factor_R_work                  0.276 
_refine_ls_shell.percent_reflns_obs               90.22 
_refine_ls_shell.R_factor_R_free                  0.293 
_refine_ls_shell.R_factor_R_free_error            ? 
_refine_ls_shell.percent_reflns_R_free            ? 
_refine_ls_shell.number_reflns_R_free             32 
_refine_ls_shell.number_reflns_all                ? 
_refine_ls_shell.R_factor_all                     ? 
_refine_ls_shell.redundancy_reflns_obs            ? 
_refine_ls_shell.number_reflns_obs                ? 
# 
_struct.entry_id                  3M1E 
_struct.title                     'Crystal Structure of BenM_DBD' 
_struct.pdbx_model_details        ? 
_struct.pdbx_CASP_flag            ? 
_struct.pdbx_model_type_details   ? 
# 
_struct_keywords.entry_id        3M1E 
_struct_keywords.text            
'wHTH, Activator, Aromatic hydrocarbons catabolism, DNA-binding, Transcription, Transcription regulation, Transcription regulator' 
_struct_keywords.pdbx_keywords   'Transcription regulator' 
# 
loop_
_struct_asym.id 
_struct_asym.pdbx_blank_PDB_chainid_flag 
_struct_asym.pdbx_modified 
_struct_asym.entity_id 
_struct_asym.details 
A N N 1 ? 
B N N 2 ? 
C N N 3 ? 
# 
_struct_ref.id                         1 
_struct_ref.db_name                    UNP 
_struct_ref.db_code                    BENM_ACIAD 
_struct_ref.pdbx_db_accession          O68014 
_struct_ref.entity_id                  1 
_struct_ref.pdbx_seq_one_letter_code   
;MELRHLRYFVAVVEEQSFTKAADKLCIAQPPLSRQIQNLEEELGIQLLERGSRPVKTTPEGHFFYQYAIKLLSNVDQMVS
MTKRIAS
;
_struct_ref.pdbx_align_begin           1 
_struct_ref.pdbx_db_isoform            ? 
# 
_struct_ref_seq.align_id                      1 
_struct_ref_seq.ref_id                        1 
_struct_ref_seq.pdbx_PDB_id_code              3M1E 
_struct_ref_seq.pdbx_strand_id                A 
_struct_ref_seq.seq_align_beg                 1 
_struct_ref_seq.pdbx_seq_align_beg_ins_code   ? 
_struct_ref_seq.seq_align_end                 87 
_struct_ref_seq.pdbx_seq_align_end_ins_code   ? 
_struct_ref_seq.pdbx_db_accession             O68014 
_struct_ref_seq.db_align_beg                  1 
_struct_ref_seq.pdbx_db_align_beg_ins_code    ? 
_struct_ref_seq.db_align_end                  87 
_struct_ref_seq.pdbx_db_align_end_ins_code    ? 
_struct_ref_seq.pdbx_auth_seq_align_beg       1 
_struct_ref_seq.pdbx_auth_seq_align_end       87 
# 
loop_
_struct_ref_seq_dif.align_id 
_struct_ref_seq_dif.pdbx_pdb_id_code 
_struct_ref_seq_dif.mon_id 
_struct_ref_seq_dif.pdbx_pdb_strand_id 
_struct_ref_seq_dif.seq_num 
_struct_ref_seq_dif.pdbx_pdb_ins_code 
_struct_ref_seq_dif.pdbx_seq_db_name 
_struct_ref_seq_dif.pdbx_seq_db_accession_code 
_struct_ref_seq_dif.db_mon_id 
_struct_ref_seq_dif.pdbx_seq_db_seq_num 
_struct_ref_seq_dif.details 
_struct_ref_seq_dif.pdbx_auth_seq_num 
_struct_ref_seq_dif.pdbx_ordinal 
1 3M1E GLY A 88 ? UNP O68014 ? ? 'expression tag' 88 1 
1 3M1E HIS A 89 ? UNP O68014 ? ? 'expression tag' 89 2 
1 3M1E HIS A 90 ? UNP O68014 ? ? 'expression tag' 90 3 
1 3M1E HIS A 91 ? UNP O68014 ? ? 'expression tag' 91 4 
1 3M1E HIS A 92 ? UNP O68014 ? ? 'expression tag' 92 5 
1 3M1E HIS A 93 ? UNP O68014 ? ? 'expression tag' 93 6 
1 3M1E HIS A 94 ? UNP O68014 ? ? 'expression tag' 94 7 
# 
_pdbx_struct_assembly.id                   1 
_pdbx_struct_assembly.details              author_and_software_defined_assembly 
_pdbx_struct_assembly.method_details       PISA 
_pdbx_struct_assembly.oligomeric_details   dimeric 
_pdbx_struct_assembly.oligomeric_count     2 
# 
loop_
_pdbx_struct_assembly_prop.biol_id 
_pdbx_struct_assembly_prop.type 
_pdbx_struct_assembly_prop.value 
_pdbx_struct_assembly_prop.details 
1 'ABSA (A^2)' 2540 ? 
1 MORE         -42  ? 
1 'SSA (A^2)'  9260 ? 
# 
_pdbx_struct_assembly_gen.assembly_id       1 
_pdbx_struct_assembly_gen.oper_expression   1,2 
_pdbx_struct_assembly_gen.asym_id_list      A,B,C 
# 
loop_
_pdbx_struct_oper_list.id 
_pdbx_struct_oper_list.type 
_pdbx_struct_oper_list.name 
_pdbx_struct_oper_list.symmetry_operation 
_pdbx_struct_oper_list.matrix[1][1] 
_pdbx_struct_oper_list.matrix[1][2] 
_pdbx_struct_oper_list.matrix[1][3] 
_pdbx_struct_oper_list.vector[1] 
_pdbx_struct_oper_list.matrix[2][1] 
_pdbx_struct_oper_list.matrix[2][2] 
_pdbx_struct_oper_list.matrix[2][3] 
_pdbx_struct_oper_list.vector[2] 
_pdbx_struct_oper_list.matrix[3][1] 
_pdbx_struct_oper_list.matrix[3][2] 
_pdbx_struct_oper_list.matrix[3][3] 
_pdbx_struct_oper_list.vector[3] 
1 'identity operation'         1_555 x,y,z       1.0000000000 0.0000000000 0.0000000000 0.0000000000  0.0000000000 1.0000000000  0.0000000000 0.0000000000 0.0000000000 0.0000000000 1.0000000000  0.0000000000  
2 'crystal symmetry operation' 3_555 -x,y,-z+1/2 0.4969008274 0.8674355297 0.0254001875 -0.9702657566 0.8674355297 -0.4973318309 0.0147190947 1.0370594187 0.0254001875 0.0147190947 -0.9995689965 21.7639900764 
# 
_struct_biol.id        1 
_struct_biol.details   ? 
# 
loop_
_struct_conf.conf_type_id 
_struct_conf.id 
_struct_conf.pdbx_PDB_helix_id 
_struct_conf.beg_label_comp_id 
_struct_conf.beg_label_asym_id 
_struct_conf.beg_label_seq_id 
_struct_conf.pdbx_beg_PDB_ins_code 
_struct_conf.end_label_comp_id 
_struct_conf.end_label_asym_id 
_struct_conf.end_label_seq_id 
_struct_conf.pdbx_end_PDB_ins_code 
_struct_conf.beg_auth_comp_id 
_struct_conf.beg_auth_asym_id 
_struct_conf.beg_auth_seq_id 
_struct_conf.end_auth_comp_id 
_struct_conf.end_auth_asym_id 
_struct_conf.end_auth_seq_id 
_struct_conf.pdbx_PDB_helix_class 
_struct_conf.details 
_struct_conf.pdbx_PDB_helix_length 
HELX_P HELX_P1 1 GLU A 2  ? GLN A 16 ? GLU A 2  GLN A 16 1 ? 15 
HELX_P HELX_P2 2 SER A 17 ? LEU A 25 ? SER A 17 LEU A 25 1 ? 9  
HELX_P HELX_P3 3 ALA A 28 ? GLY A 44 ? ALA A 28 GLY A 44 1 ? 17 
HELX_P HELX_P4 4 THR A 58 ? SER A 87 ? THR A 58 SER A 87 1 ? 30 
# 
_struct_conf_type.id          HELX_P 
_struct_conf_type.criteria    ? 
_struct_conf_type.reference   ? 
# 
_struct_conn.id                            metalc1 
_struct_conn.conn_type_id                  metalc 
_struct_conn.pdbx_leaving_atom_flag        ? 
_struct_conn.pdbx_PDB_id                   ? 
_struct_conn.ptnr1_label_asym_id           A 
_struct_conn.ptnr1_label_comp_id           GLU 
_struct_conn.ptnr1_label_seq_id            2 
_struct_conn.ptnr1_label_atom_id           OE1 
_struct_conn.pdbx_ptnr1_label_alt_id       ? 
_struct_conn.pdbx_ptnr1_PDB_ins_code       ? 
_struct_conn.pdbx_ptnr1_standard_comp_id   ? 
_struct_conn.ptnr1_symmetry                1_555 
_struct_conn.ptnr2_label_asym_id           B 
_struct_conn.ptnr2_label_comp_id           NA 
_struct_conn.ptnr2_label_seq_id            . 
_struct_conn.ptnr2_label_atom_id           NA 
_struct_conn.pdbx_ptnr2_label_alt_id       ? 
_struct_conn.pdbx_ptnr2_PDB_ins_code       ? 
_struct_conn.ptnr1_auth_asym_id            A 
_struct_conn.ptnr1_auth_comp_id            GLU 
_struct_conn.ptnr1_auth_seq_id             2 
_struct_conn.ptnr2_auth_asym_id            A 
_struct_conn.ptnr2_auth_comp_id            NA 
_struct_conn.ptnr2_auth_seq_id             95 
_struct_conn.ptnr2_symmetry                1_555 
_struct_conn.pdbx_ptnr3_label_atom_id      ? 
_struct_conn.pdbx_ptnr3_label_seq_id       ? 
_struct_conn.pdbx_ptnr3_label_comp_id      ? 
_struct_conn.pdbx_ptnr3_label_asym_id      ? 
_struct_conn.pdbx_ptnr3_label_alt_id       ? 
_struct_conn.pdbx_ptnr3_PDB_ins_code       ? 
_struct_conn.details                       ? 
_struct_conn.pdbx_dist_value               1.997 
_struct_conn.pdbx_value_order              ? 
_struct_conn.pdbx_role                     ? 
# 
_struct_conn_type.id          metalc 
_struct_conn_type.criteria    ? 
_struct_conn_type.reference   ? 
# 
_struct_mon_prot_cis.pdbx_id                1 
_struct_mon_prot_cis.label_comp_id          ARG 
_struct_mon_prot_cis.label_seq_id           53 
_struct_mon_prot_cis.label_asym_id          A 
_struct_mon_prot_cis.label_alt_id           . 
_struct_mon_prot_cis.pdbx_PDB_ins_code      ? 
_struct_mon_prot_cis.auth_comp_id           ARG 
_struct_mon_prot_cis.auth_seq_id            53 
_struct_mon_prot_cis.auth_asym_id           A 
_struct_mon_prot_cis.pdbx_label_comp_id_2   PRO 
_struct_mon_prot_cis.pdbx_label_seq_id_2    54 
_struct_mon_prot_cis.pdbx_label_asym_id_2   A 
_struct_mon_prot_cis.pdbx_PDB_ins_code_2    ? 
_struct_mon_prot_cis.pdbx_auth_comp_id_2    PRO 
_struct_mon_prot_cis.pdbx_auth_seq_id_2     54 
_struct_mon_prot_cis.pdbx_auth_asym_id_2    A 
_struct_mon_prot_cis.pdbx_PDB_model_num     1 
_struct_mon_prot_cis.pdbx_omega_angle       -2.58 
# 
_struct_site.id                   AC1 
_struct_site.pdbx_evidence_code   Software 
_struct_site.pdbx_auth_asym_id    A 
_struct_site.pdbx_auth_comp_id    NA 
_struct_site.pdbx_auth_seq_id     95 
_struct_site.pdbx_auth_ins_code   ? 
_struct_site.pdbx_num_residues    4 
_struct_site.details              'BINDING SITE FOR RESIDUE NA A 95' 
# 
loop_
_struct_site_gen.id 
_struct_site_gen.site_id 
_struct_site_gen.pdbx_num_res 
_struct_site_gen.label_comp_id 
_struct_site_gen.label_asym_id 
_struct_site_gen.label_seq_id 
_struct_site_gen.pdbx_auth_ins_code 
_struct_site_gen.auth_comp_id 
_struct_site_gen.auth_asym_id 
_struct_site_gen.auth_seq_id 
_struct_site_gen.label_atom_id 
_struct_site_gen.label_alt_id 
_struct_site_gen.symmetry 
_struct_site_gen.details 
1 AC1 4 GLU A 2 ? GLU A 2 . ? 1_555 ? 
2 AC1 4 GLU A 2 ? GLU A 2 . ? 3_555 ? 
3 AC1 4 LEU A 3 ? LEU A 3 . ? 1_555 ? 
4 AC1 4 LEU A 3 ? LEU A 3 . ? 3_555 ? 
# 
_pdbx_struct_special_symmetry.id              1 
_pdbx_struct_special_symmetry.PDB_model_num   1 
_pdbx_struct_special_symmetry.auth_asym_id    A 
_pdbx_struct_special_symmetry.auth_comp_id    HOH 
_pdbx_struct_special_symmetry.auth_seq_id     189 
_pdbx_struct_special_symmetry.PDB_ins_code    ? 
_pdbx_struct_special_symmetry.label_asym_id   C 
_pdbx_struct_special_symmetry.label_comp_id   HOH 
_pdbx_struct_special_symmetry.label_seq_id    . 
# 
_pdbx_refine_tls.pdbx_refine_id   'X-RAY DIFFRACTION' 
_pdbx_refine_tls.id               1 
_pdbx_refine_tls.details          ? 
_pdbx_refine_tls.method           refined 
_pdbx_refine_tls.origin_x         0.0793 
_pdbx_refine_tls.origin_y         0.1723 
_pdbx_refine_tls.origin_z         -0.2050 
_pdbx_refine_tls.T[1][1]          0.0455 
_pdbx_refine_tls.T[2][2]          0.0526 
_pdbx_refine_tls.T[3][3]          0.0498 
_pdbx_refine_tls.T[1][2]          0.0177 
_pdbx_refine_tls.T[1][3]          -0.0211 
_pdbx_refine_tls.T[2][3]          0.0087 
_pdbx_refine_tls.L[1][1]          3.3789 
_pdbx_refine_tls.L[2][2]          0.4482 
_pdbx_refine_tls.L[3][3]          4.0287 
_pdbx_refine_tls.L[1][2]          -0.4485 
_pdbx_refine_tls.L[1][3]          2.7283 
_pdbx_refine_tls.L[2][3]          0.0235 
_pdbx_refine_tls.S[1][1]          0.0098 
_pdbx_refine_tls.S[1][2]          -0.0007 
_pdbx_refine_tls.S[1][3]          -0.0411 
_pdbx_refine_tls.S[2][1]          -0.0230 
_pdbx_refine_tls.S[2][2]          -0.0162 
_pdbx_refine_tls.S[2][3]          0.0274 
_pdbx_refine_tls.S[3][1]          0.0549 
_pdbx_refine_tls.S[3][2]          -0.0198 
_pdbx_refine_tls.S[3][3]          0.0064 
# 
_pdbx_refine_tls_group.pdbx_refine_id      'X-RAY DIFFRACTION' 
_pdbx_refine_tls_group.id                  1 
_pdbx_refine_tls_group.refine_tls_id       1 
_pdbx_refine_tls_group.beg_auth_asym_id    A 
_pdbx_refine_tls_group.beg_auth_seq_id     1 
_pdbx_refine_tls_group.beg_label_asym_id   ? 
_pdbx_refine_tls_group.beg_label_seq_id    ? 
_pdbx_refine_tls_group.end_auth_asym_id    A 
_pdbx_refine_tls_group.end_auth_seq_id     87 
_pdbx_refine_tls_group.end_label_asym_id   ? 
_pdbx_refine_tls_group.end_label_seq_id    ? 
_pdbx_refine_tls_group.selection           ? 
_pdbx_refine_tls_group.selection_details   ? 
# 
loop_
_pdbx_unobs_or_zero_occ_residues.id 
_pdbx_unobs_or_zero_occ_residues.PDB_model_num 
_pdbx_unobs_or_zero_occ_residues.polymer_flag 
_pdbx_unobs_or_zero_occ_residues.occupancy_flag 
_pdbx_unobs_or_zero_occ_residues.auth_asym_id 
_pdbx_unobs_or_zero_occ_residues.auth_comp_id 
_pdbx_unobs_or_zero_occ_residues.auth_seq_id 
_pdbx_unobs_or_zero_occ_residues.PDB_ins_code 
_pdbx_unobs_or_zero_occ_residues.label_asym_id 
_pdbx_unobs_or_zero_occ_residues.label_comp_id 
_pdbx_unobs_or_zero_occ_residues.label_seq_id 
1 1 Y 1 A GLY 88 ? A GLY 88 
2 1 Y 1 A HIS 89 ? A HIS 89 
3 1 Y 1 A HIS 90 ? A HIS 90 
4 1 Y 1 A HIS 91 ? A HIS 91 
5 1 Y 1 A HIS 92 ? A HIS 92 
6 1 Y 1 A HIS 93 ? A HIS 93 
7 1 Y 1 A HIS 94 ? A HIS 94 
# 
loop_
_chem_comp_atom.comp_id 
_chem_comp_atom.atom_id 
_chem_comp_atom.type_symbol 
_chem_comp_atom.pdbx_aromatic_flag 
_chem_comp_atom.pdbx_stereo_config 
_chem_comp_atom.pdbx_ordinal 
ALA N    N  N N 1   
ALA CA   C  N S 2   
ALA C    C  N N 3   
ALA O    O  N N 4   
ALA CB   C  N N 5   
ALA OXT  O  N N 6   
ALA H    H  N N 7   
ALA H2   H  N N 8   
ALA HA   H  N N 9   
ALA HB1  H  N N 10  
ALA HB2  H  N N 11  
ALA HB3  H  N N 12  
ALA HXT  H  N N 13  
ARG N    N  N N 14  
ARG CA   C  N S 15  
ARG C    C  N N 16  
ARG O    O  N N 17  
ARG CB   C  N N 18  
ARG CG   C  N N 19  
ARG CD   C  N N 20  
ARG NE   N  N N 21  
ARG CZ   C  N N 22  
ARG NH1  N  N N 23  
ARG NH2  N  N N 24  
ARG OXT  O  N N 25  
ARG H    H  N N 26  
ARG H2   H  N N 27  
ARG HA   H  N N 28  
ARG HB2  H  N N 29  
ARG HB3  H  N N 30  
ARG HG2  H  N N 31  
ARG HG3  H  N N 32  
ARG HD2  H  N N 33  
ARG HD3  H  N N 34  
ARG HE   H  N N 35  
ARG HH11 H  N N 36  
ARG HH12 H  N N 37  
ARG HH21 H  N N 38  
ARG HH22 H  N N 39  
ARG HXT  H  N N 40  
ASN N    N  N N 41  
ASN CA   C  N S 42  
ASN C    C  N N 43  
ASN O    O  N N 44  
ASN CB   C  N N 45  
ASN CG   C  N N 46  
ASN OD1  O  N N 47  
ASN ND2  N  N N 48  
ASN OXT  O  N N 49  
ASN H    H  N N 50  
ASN H2   H  N N 51  
ASN HA   H  N N 52  
ASN HB2  H  N N 53  
ASN HB3  H  N N 54  
ASN HD21 H  N N 55  
ASN HD22 H  N N 56  
ASN HXT  H  N N 57  
ASP N    N  N N 58  
ASP CA   C  N S 59  
ASP C    C  N N 60  
ASP O    O  N N 61  
ASP CB   C  N N 62  
ASP CG   C  N N 63  
ASP OD1  O  N N 64  
ASP OD2  O  N N 65  
ASP OXT  O  N N 66  
ASP H    H  N N 67  
ASP H2   H  N N 68  
ASP HA   H  N N 69  
ASP HB2  H  N N 70  
ASP HB3  H  N N 71  
ASP HD2  H  N N 72  
ASP HXT  H  N N 73  
CYS N    N  N N 74  
CYS CA   C  N R 75  
CYS C    C  N N 76  
CYS O    O  N N 77  
CYS CB   C  N N 78  
CYS SG   S  N N 79  
CYS OXT  O  N N 80  
CYS H    H  N N 81  
CYS H2   H  N N 82  
CYS HA   H  N N 83  
CYS HB2  H  N N 84  
CYS HB3  H  N N 85  
CYS HG   H  N N 86  
CYS HXT  H  N N 87  
GLN N    N  N N 88  
GLN CA   C  N S 89  
GLN C    C  N N 90  
GLN O    O  N N 91  
GLN CB   C  N N 92  
GLN CG   C  N N 93  
GLN CD   C  N N 94  
GLN OE1  O  N N 95  
GLN NE2  N  N N 96  
GLN OXT  O  N N 97  
GLN H    H  N N 98  
GLN H2   H  N N 99  
GLN HA   H  N N 100 
GLN HB2  H  N N 101 
GLN HB3  H  N N 102 
GLN HG2  H  N N 103 
GLN HG3  H  N N 104 
GLN HE21 H  N N 105 
GLN HE22 H  N N 106 
GLN HXT  H  N N 107 
GLU N    N  N N 108 
GLU CA   C  N S 109 
GLU C    C  N N 110 
GLU O    O  N N 111 
GLU CB   C  N N 112 
GLU CG   C  N N 113 
GLU CD   C  N N 114 
GLU OE1  O  N N 115 
GLU OE2  O  N N 116 
GLU OXT  O  N N 117 
GLU H    H  N N 118 
GLU H2   H  N N 119 
GLU HA   H  N N 120 
GLU HB2  H  N N 121 
GLU HB3  H  N N 122 
GLU HG2  H  N N 123 
GLU HG3  H  N N 124 
GLU HE2  H  N N 125 
GLU HXT  H  N N 126 
GLY N    N  N N 127 
GLY CA   C  N N 128 
GLY C    C  N N 129 
GLY O    O  N N 130 
GLY OXT  O  N N 131 
GLY H    H  N N 132 
GLY H2   H  N N 133 
GLY HA2  H  N N 134 
GLY HA3  H  N N 135 
GLY HXT  H  N N 136 
HIS N    N  N N 137 
HIS CA   C  N S 138 
HIS C    C  N N 139 
HIS O    O  N N 140 
HIS CB   C  N N 141 
HIS CG   C  Y N 142 
HIS ND1  N  Y N 143 
HIS CD2  C  Y N 144 
HIS CE1  C  Y N 145 
HIS NE2  N  Y N 146 
HIS OXT  O  N N 147 
HIS H    H  N N 148 
HIS H2   H  N N 149 
HIS HA   H  N N 150 
HIS HB2  H  N N 151 
HIS HB3  H  N N 152 
HIS HD1  H  N N 153 
HIS HD2  H  N N 154 
HIS HE1  H  N N 155 
HIS HE2  H  N N 156 
HIS HXT  H  N N 157 
HOH O    O  N N 158 
HOH H1   H  N N 159 
HOH H2   H  N N 160 
ILE N    N  N N 161 
ILE CA   C  N S 162 
ILE C    C  N N 163 
ILE O    O  N N 164 
ILE CB   C  N S 165 
ILE CG1  C  N N 166 
ILE CG2  C  N N 167 
ILE CD1  C  N N 168 
ILE OXT  O  N N 169 
ILE H    H  N N 170 
ILE H2   H  N N 171 
ILE HA   H  N N 172 
ILE HB   H  N N 173 
ILE HG12 H  N N 174 
ILE HG13 H  N N 175 
ILE HG21 H  N N 176 
ILE HG22 H  N N 177 
ILE HG23 H  N N 178 
ILE HD11 H  N N 179 
ILE HD12 H  N N 180 
ILE HD13 H  N N 181 
ILE HXT  H  N N 182 
LEU N    N  N N 183 
LEU CA   C  N S 184 
LEU C    C  N N 185 
LEU O    O  N N 186 
LEU CB   C  N N 187 
LEU CG   C  N N 188 
LEU CD1  C  N N 189 
LEU CD2  C  N N 190 
LEU OXT  O  N N 191 
LEU H    H  N N 192 
LEU H2   H  N N 193 
LEU HA   H  N N 194 
LEU HB2  H  N N 195 
LEU HB3  H  N N 196 
LEU HG   H  N N 197 
LEU HD11 H  N N 198 
LEU HD12 H  N N 199 
LEU HD13 H  N N 200 
LEU HD21 H  N N 201 
LEU HD22 H  N N 202 
LEU HD23 H  N N 203 
LEU HXT  H  N N 204 
LYS N    N  N N 205 
LYS CA   C  N S 206 
LYS C    C  N N 207 
LYS O    O  N N 208 
LYS CB   C  N N 209 
LYS CG   C  N N 210 
LYS CD   C  N N 211 
LYS CE   C  N N 212 
LYS NZ   N  N N 213 
LYS OXT  O  N N 214 
LYS H    H  N N 215 
LYS H2   H  N N 216 
LYS HA   H  N N 217 
LYS HB2  H  N N 218 
LYS HB3  H  N N 219 
LYS HG2  H  N N 220 
LYS HG3  H  N N 221 
LYS HD2  H  N N 222 
LYS HD3  H  N N 223 
LYS HE2  H  N N 224 
LYS HE3  H  N N 225 
LYS HZ1  H  N N 226 
LYS HZ2  H  N N 227 
LYS HZ3  H  N N 228 
LYS HXT  H  N N 229 
MET N    N  N N 230 
MET CA   C  N S 231 
MET C    C  N N 232 
MET O    O  N N 233 
MET CB   C  N N 234 
MET CG   C  N N 235 
MET SD   S  N N 236 
MET CE   C  N N 237 
MET OXT  O  N N 238 
MET H    H  N N 239 
MET H2   H  N N 240 
MET HA   H  N N 241 
MET HB2  H  N N 242 
MET HB3  H  N N 243 
MET HG2  H  N N 244 
MET HG3  H  N N 245 
MET HE1  H  N N 246 
MET HE2  H  N N 247 
MET HE3  H  N N 248 
MET HXT  H  N N 249 
NA  NA   NA N N 250 
PHE N    N  N N 251 
PHE CA   C  N S 252 
PHE C    C  N N 253 
PHE O    O  N N 254 
PHE CB   C  N N 255 
PHE CG   C  Y N 256 
PHE CD1  C  Y N 257 
PHE CD2  C  Y N 258 
PHE CE1  C  Y N 259 
PHE CE2  C  Y N 260 
PHE CZ   C  Y N 261 
PHE OXT  O  N N 262 
PHE H    H  N N 263 
PHE H2   H  N N 264 
PHE HA   H  N N 265 
PHE HB2  H  N N 266 
PHE HB3  H  N N 267 
PHE HD1  H  N N 268 
PHE HD2  H  N N 269 
PHE HE1  H  N N 270 
PHE HE2  H  N N 271 
PHE HZ   H  N N 272 
PHE HXT  H  N N 273 
PRO N    N  N N 274 
PRO CA   C  N S 275 
PRO C    C  N N 276 
PRO O    O  N N 277 
PRO CB   C  N N 278 
PRO CG   C  N N 279 
PRO CD   C  N N 280 
PRO OXT  O  N N 281 
PRO H    H  N N 282 
PRO HA   H  N N 283 
PRO HB2  H  N N 284 
PRO HB3  H  N N 285 
PRO HG2  H  N N 286 
PRO HG3  H  N N 287 
PRO HD2  H  N N 288 
PRO HD3  H  N N 289 
PRO HXT  H  N N 290 
SER N    N  N N 291 
SER CA   C  N S 292 
SER C    C  N N 293 
SER O    O  N N 294 
SER CB   C  N N 295 
SER OG   O  N N 296 
SER OXT  O  N N 297 
SER H    H  N N 298 
SER H2   H  N N 299 
SER HA   H  N N 300 
SER HB2  H  N N 301 
SER HB3  H  N N 302 
SER HG   H  N N 303 
SER HXT  H  N N 304 
THR N    N  N N 305 
THR CA   C  N S 306 
THR C    C  N N 307 
THR O    O  N N 308 
THR CB   C  N R 309 
THR OG1  O  N N 310 
THR CG2  C  N N 311 
THR OXT  O  N N 312 
THR H    H  N N 313 
THR H2   H  N N 314 
THR HA   H  N N 315 
THR HB   H  N N 316 
THR HG1  H  N N 317 
THR HG21 H  N N 318 
THR HG22 H  N N 319 
THR HG23 H  N N 320 
THR HXT  H  N N 321 
TYR N    N  N N 322 
TYR CA   C  N S 323 
TYR C    C  N N 324 
TYR O    O  N N 325 
TYR CB   C  N N 326 
TYR CG   C  Y N 327 
TYR CD1  C  Y N 328 
TYR CD2  C  Y N 329 
TYR CE1  C  Y N 330 
TYR CE2  C  Y N 331 
TYR CZ   C  Y N 332 
TYR OH   O  N N 333 
TYR OXT  O  N N 334 
TYR H    H  N N 335 
TYR H2   H  N N 336 
TYR HA   H  N N 337 
TYR HB2  H  N N 338 
TYR HB3  H  N N 339 
TYR HD1  H  N N 340 
TYR HD2  H  N N 341 
TYR HE1  H  N N 342 
TYR HE2  H  N N 343 
TYR HH   H  N N 344 
TYR HXT  H  N N 345 
VAL N    N  N N 346 
VAL CA   C  N S 347 
VAL C    C  N N 348 
VAL O    O  N N 349 
VAL CB   C  N N 350 
VAL CG1  C  N N 351 
VAL CG2  C  N N 352 
VAL OXT  O  N N 353 
VAL H    H  N N 354 
VAL H2   H  N N 355 
VAL HA   H  N N 356 
VAL HB   H  N N 357 
VAL HG11 H  N N 358 
VAL HG12 H  N N 359 
VAL HG13 H  N N 360 
VAL HG21 H  N N 361 
VAL HG22 H  N N 362 
VAL HG23 H  N N 363 
VAL HXT  H  N N 364 
# 
loop_
_chem_comp_bond.comp_id 
_chem_comp_bond.atom_id_1 
_chem_comp_bond.atom_id_2 
_chem_comp_bond.value_order 
_chem_comp_bond.pdbx_aromatic_flag 
_chem_comp_bond.pdbx_stereo_config 
_chem_comp_bond.pdbx_ordinal 
ALA N   CA   sing N N 1   
ALA N   H    sing N N 2   
ALA N   H2   sing N N 3   
ALA CA  C    sing N N 4   
ALA CA  CB   sing N N 5   
ALA CA  HA   sing N N 6   
ALA C   O    doub N N 7   
ALA C   OXT  sing N N 8   
ALA CB  HB1  sing N N 9   
ALA CB  HB2  sing N N 10  
ALA CB  HB3  sing N N 11  
ALA OXT HXT  sing N N 12  
ARG N   CA   sing N N 13  
ARG N   H    sing N N 14  
ARG N   H2   sing N N 15  
ARG CA  C    sing N N 16  
ARG CA  CB   sing N N 17  
ARG CA  HA   sing N N 18  
ARG C   O    doub N N 19  
ARG C   OXT  sing N N 20  
ARG CB  CG   sing N N 21  
ARG CB  HB2  sing N N 22  
ARG CB  HB3  sing N N 23  
ARG CG  CD   sing N N 24  
ARG CG  HG2  sing N N 25  
ARG CG  HG3  sing N N 26  
ARG CD  NE   sing N N 27  
ARG CD  HD2  sing N N 28  
ARG CD  HD3  sing N N 29  
ARG NE  CZ   sing N N 30  
ARG NE  HE   sing N N 31  
ARG CZ  NH1  sing N N 32  
ARG CZ  NH2  doub N N 33  
ARG NH1 HH11 sing N N 34  
ARG NH1 HH12 sing N N 35  
ARG NH2 HH21 sing N N 36  
ARG NH2 HH22 sing N N 37  
ARG OXT HXT  sing N N 38  
ASN N   CA   sing N N 39  
ASN N   H    sing N N 40  
ASN N   H2   sing N N 41  
ASN CA  C    sing N N 42  
ASN CA  CB   sing N N 43  
ASN CA  HA   sing N N 44  
ASN C   O    doub N N 45  
ASN C   OXT  sing N N 46  
ASN CB  CG   sing N N 47  
ASN CB  HB2  sing N N 48  
ASN CB  HB3  sing N N 49  
ASN CG  OD1  doub N N 50  
ASN CG  ND2  sing N N 51  
ASN ND2 HD21 sing N N 52  
ASN ND2 HD22 sing N N 53  
ASN OXT HXT  sing N N 54  
ASP N   CA   sing N N 55  
ASP N   H    sing N N 56  
ASP N   H2   sing N N 57  
ASP CA  C    sing N N 58  
ASP CA  CB   sing N N 59  
ASP CA  HA   sing N N 60  
ASP C   O    doub N N 61  
ASP C   OXT  sing N N 62  
ASP CB  CG   sing N N 63  
ASP CB  HB2  sing N N 64  
ASP CB  HB3  sing N N 65  
ASP CG  OD1  doub N N 66  
ASP CG  OD2  sing N N 67  
ASP OD2 HD2  sing N N 68  
ASP OXT HXT  sing N N 69  
CYS N   CA   sing N N 70  
CYS N   H    sing N N 71  
CYS N   H2   sing N N 72  
CYS CA  C    sing N N 73  
CYS CA  CB   sing N N 74  
CYS CA  HA   sing N N 75  
CYS C   O    doub N N 76  
CYS C   OXT  sing N N 77  
CYS CB  SG   sing N N 78  
CYS CB  HB2  sing N N 79  
CYS CB  HB3  sing N N 80  
CYS SG  HG   sing N N 81  
CYS OXT HXT  sing N N 82  
GLN N   CA   sing N N 83  
GLN N   H    sing N N 84  
GLN N   H2   sing N N 85  
GLN CA  C    sing N N 86  
GLN CA  CB   sing N N 87  
GLN CA  HA   sing N N 88  
GLN C   O    doub N N 89  
GLN C   OXT  sing N N 90  
GLN CB  CG   sing N N 91  
GLN CB  HB2  sing N N 92  
GLN CB  HB3  sing N N 93  
GLN CG  CD   sing N N 94  
GLN CG  HG2  sing N N 95  
GLN CG  HG3  sing N N 96  
GLN CD  OE1  doub N N 97  
GLN CD  NE2  sing N N 98  
GLN NE2 HE21 sing N N 99  
GLN NE2 HE22 sing N N 100 
GLN OXT HXT  sing N N 101 
GLU N   CA   sing N N 102 
GLU N   H    sing N N 103 
GLU N   H2   sing N N 104 
GLU CA  C    sing N N 105 
GLU CA  CB   sing N N 106 
GLU CA  HA   sing N N 107 
GLU C   O    doub N N 108 
GLU C   OXT  sing N N 109 
GLU CB  CG   sing N N 110 
GLU CB  HB2  sing N N 111 
GLU CB  HB3  sing N N 112 
GLU CG  CD   sing N N 113 
GLU CG  HG2  sing N N 114 
GLU CG  HG3  sing N N 115 
GLU CD  OE1  doub N N 116 
GLU CD  OE2  sing N N 117 
GLU OE2 HE2  sing N N 118 
GLU OXT HXT  sing N N 119 
GLY N   CA   sing N N 120 
GLY N   H    sing N N 121 
GLY N   H2   sing N N 122 
GLY CA  C    sing N N 123 
GLY CA  HA2  sing N N 124 
GLY CA  HA3  sing N N 125 
GLY C   O    doub N N 126 
GLY C   OXT  sing N N 127 
GLY OXT HXT  sing N N 128 
HIS N   CA   sing N N 129 
HIS N   H    sing N N 130 
HIS N   H2   sing N N 131 
HIS CA  C    sing N N 132 
HIS CA  CB   sing N N 133 
HIS CA  HA   sing N N 134 
HIS C   O    doub N N 135 
HIS C   OXT  sing N N 136 
HIS CB  CG   sing N N 137 
HIS CB  HB2  sing N N 138 
HIS CB  HB3  sing N N 139 
HIS CG  ND1  sing Y N 140 
HIS CG  CD2  doub Y N 141 
HIS ND1 CE1  doub Y N 142 
HIS ND1 HD1  sing N N 143 
HIS CD2 NE2  sing Y N 144 
HIS CD2 HD2  sing N N 145 
HIS CE1 NE2  sing Y N 146 
HIS CE1 HE1  sing N N 147 
HIS NE2 HE2  sing N N 148 
HIS OXT HXT  sing N N 149 
HOH O   H1   sing N N 150 
HOH O   H2   sing N N 151 
ILE N   CA   sing N N 152 
ILE N   H    sing N N 153 
ILE N   H2   sing N N 154 
ILE CA  C    sing N N 155 
ILE CA  CB   sing N N 156 
ILE CA  HA   sing N N 157 
ILE C   O    doub N N 158 
ILE C   OXT  sing N N 159 
ILE CB  CG1  sing N N 160 
ILE CB  CG2  sing N N 161 
ILE CB  HB   sing N N 162 
ILE CG1 CD1  sing N N 163 
ILE CG1 HG12 sing N N 164 
ILE CG1 HG13 sing N N 165 
ILE CG2 HG21 sing N N 166 
ILE CG2 HG22 sing N N 167 
ILE CG2 HG23 sing N N 168 
ILE CD1 HD11 sing N N 169 
ILE CD1 HD12 sing N N 170 
ILE CD1 HD13 sing N N 171 
ILE OXT HXT  sing N N 172 
LEU N   CA   sing N N 173 
LEU N   H    sing N N 174 
LEU N   H2   sing N N 175 
LEU CA  C    sing N N 176 
LEU CA  CB   sing N N 177 
LEU CA  HA   sing N N 178 
LEU C   O    doub N N 179 
LEU C   OXT  sing N N 180 
LEU CB  CG   sing N N 181 
LEU CB  HB2  sing N N 182 
LEU CB  HB3  sing N N 183 
LEU CG  CD1  sing N N 184 
LEU CG  CD2  sing N N 185 
LEU CG  HG   sing N N 186 
LEU CD1 HD11 sing N N 187 
LEU CD1 HD12 sing N N 188 
LEU CD1 HD13 sing N N 189 
LEU CD2 HD21 sing N N 190 
LEU CD2 HD22 sing N N 191 
LEU CD2 HD23 sing N N 192 
LEU OXT HXT  sing N N 193 
LYS N   CA   sing N N 194 
LYS N   H    sing N N 195 
LYS N   H2   sing N N 196 
LYS CA  C    sing N N 197 
LYS CA  CB   sing N N 198 
LYS CA  HA   sing N N 199 
LYS C   O    doub N N 200 
LYS C   OXT  sing N N 201 
LYS CB  CG   sing N N 202 
LYS CB  HB2  sing N N 203 
LYS CB  HB3  sing N N 204 
LYS CG  CD   sing N N 205 
LYS CG  HG2  sing N N 206 
LYS CG  HG3  sing N N 207 
LYS CD  CE   sing N N 208 
LYS CD  HD2  sing N N 209 
LYS CD  HD3  sing N N 210 
LYS CE  NZ   sing N N 211 
LYS CE  HE2  sing N N 212 
LYS CE  HE3  sing N N 213 
LYS NZ  HZ1  sing N N 214 
LYS NZ  HZ2  sing N N 215 
LYS NZ  HZ3  sing N N 216 
LYS OXT HXT  sing N N 217 
MET N   CA   sing N N 218 
MET N   H    sing N N 219 
MET N   H2   sing N N 220 
MET CA  C    sing N N 221 
MET CA  CB   sing N N 222 
MET CA  HA   sing N N 223 
MET C   O    doub N N 224 
MET C   OXT  sing N N 225 
MET CB  CG   sing N N 226 
MET CB  HB2  sing N N 227 
MET CB  HB3  sing N N 228 
MET CG  SD   sing N N 229 
MET CG  HG2  sing N N 230 
MET CG  HG3  sing N N 231 
MET SD  CE   sing N N 232 
MET CE  HE1  sing N N 233 
MET CE  HE2  sing N N 234 
MET CE  HE3  sing N N 235 
MET OXT HXT  sing N N 236 
PHE N   CA   sing N N 237 
PHE N   H    sing N N 238 
PHE N   H2   sing N N 239 
PHE CA  C    sing N N 240 
PHE CA  CB   sing N N 241 
PHE CA  HA   sing N N 242 
PHE C   O    doub N N 243 
PHE C   OXT  sing N N 244 
PHE CB  CG   sing N N 245 
PHE CB  HB2  sing N N 246 
PHE CB  HB3  sing N N 247 
PHE CG  CD1  doub Y N 248 
PHE CG  CD2  sing Y N 249 
PHE CD1 CE1  sing Y N 250 
PHE CD1 HD1  sing N N 251 
PHE CD2 CE2  doub Y N 252 
PHE CD2 HD2  sing N N 253 
PHE CE1 CZ   doub Y N 254 
PHE CE1 HE1  sing N N 255 
PHE CE2 CZ   sing Y N 256 
PHE CE2 HE2  sing N N 257 
PHE CZ  HZ   sing N N 258 
PHE OXT HXT  sing N N 259 
PRO N   CA   sing N N 260 
PRO N   CD   sing N N 261 
PRO N   H    sing N N 262 
PRO CA  C    sing N N 263 
PRO CA  CB   sing N N 264 
PRO CA  HA   sing N N 265 
PRO C   O    doub N N 266 
PRO C   OXT  sing N N 267 
PRO CB  CG   sing N N 268 
PRO CB  HB2  sing N N 269 
PRO CB  HB3  sing N N 270 
PRO CG  CD   sing N N 271 
PRO CG  HG2  sing N N 272 
PRO CG  HG3  sing N N 273 
PRO CD  HD2  sing N N 274 
PRO CD  HD3  sing N N 275 
PRO OXT HXT  sing N N 276 
SER N   CA   sing N N 277 
SER N   H    sing N N 278 
SER N   H2   sing N N 279 
SER CA  C    sing N N 280 
SER CA  CB   sing N N 281 
SER CA  HA   sing N N 282 
SER C   O    doub N N 283 
SER C   OXT  sing N N 284 
SER CB  OG   sing N N 285 
SER CB  HB2  sing N N 286 
SER CB  HB3  sing N N 287 
SER OG  HG   sing N N 288 
SER OXT HXT  sing N N 289 
THR N   CA   sing N N 290 
THR N   H    sing N N 291 
THR N   H2   sing N N 292 
THR CA  C    sing N N 293 
THR CA  CB   sing N N 294 
THR CA  HA   sing N N 295 
THR C   O    doub N N 296 
THR C   OXT  sing N N 297 
THR CB  OG1  sing N N 298 
THR CB  CG2  sing N N 299 
THR CB  HB   sing N N 300 
THR OG1 HG1  sing N N 301 
THR CG2 HG21 sing N N 302 
THR CG2 HG22 sing N N 303 
THR CG2 HG23 sing N N 304 
THR OXT HXT  sing N N 305 
TYR N   CA   sing N N 306 
TYR N   H    sing N N 307 
TYR N   H2   sing N N 308 
TYR CA  C    sing N N 309 
TYR CA  CB   sing N N 310 
TYR CA  HA   sing N N 311 
TYR C   O    doub N N 312 
TYR C   OXT  sing N N 313 
TYR CB  CG   sing N N 314 
TYR CB  HB2  sing N N 315 
TYR CB  HB3  sing N N 316 
TYR CG  CD1  doub Y N 317 
TYR CG  CD2  sing Y N 318 
TYR CD1 CE1  sing Y N 319 
TYR CD1 HD1  sing N N 320 
TYR CD2 CE2  doub Y N 321 
TYR CD2 HD2  sing N N 322 
TYR CE1 CZ   doub Y N 323 
TYR CE1 HE1  sing N N 324 
TYR CE2 CZ   sing Y N 325 
TYR CE2 HE2  sing N N 326 
TYR CZ  OH   sing N N 327 
TYR OH  HH   sing N N 328 
TYR OXT HXT  sing N N 329 
VAL N   CA   sing N N 330 
VAL N   H    sing N N 331 
VAL N   H2   sing N N 332 
VAL CA  C    sing N N 333 
VAL CA  CB   sing N N 334 
VAL CA  HA   sing N N 335 
VAL C   O    doub N N 336 
VAL C   OXT  sing N N 337 
VAL CB  CG1  sing N N 338 
VAL CB  CG2  sing N N 339 
VAL CB  HB   sing N N 340 
VAL CG1 HG11 sing N N 341 
VAL CG1 HG12 sing N N 342 
VAL CG1 HG13 sing N N 343 
VAL CG2 HG21 sing N N 344 
VAL CG2 HG22 sing N N 345 
VAL CG2 HG23 sing N N 346 
VAL OXT HXT  sing N N 347 
# 
_atom_sites.entry_id                    3M1E 
_atom_sites.fract_transf_matrix[1][1]   0.01244579 
_atom_sites.fract_transf_matrix[1][2]   -0.02096663 
_atom_sites.fract_transf_matrix[1][3]   -0.01743741 
_atom_sites.fract_transf_matrix[2][1]   0.01028121 
_atom_sites.fract_transf_matrix[2][2]   0.00595783 
_atom_sites.fract_transf_matrix[2][3]   0.00017446 
_atom_sites.fract_transf_matrix[3][1]   0.00409356 
_atom_sites.fract_transf_matrix[3][2]   -0.00741056 
_atom_sites.fract_transf_matrix[3][3]   0.01183215 
_atom_sites.fract_transf_vector[1]      0.206664 
_atom_sites.fract_transf_vector[2]      -0.142381 
_atom_sites.fract_transf_vector[3]      0.127074 
# 
loop_
_atom_type.symbol 
C  
N  
NA 
O  
S  
# 
loop_
_atom_site.group_PDB 
_atom_site.id 
_atom_site.type_symbol 
_atom_site.label_atom_id 
_atom_site.label_alt_id 
_atom_site.label_comp_id 
_atom_site.label_asym_id 
_atom_site.label_entity_id 
_atom_site.label_seq_id 
_atom_site.pdbx_PDB_ins_code 
_atom_site.Cartn_x 
_atom_site.Cartn_y 
_atom_site.Cartn_z 
_atom_site.occupancy 
_atom_site.B_iso_or_equiv 
_atom_site.pdbx_formal_charge 
_atom_site.auth_seq_id 
_atom_site.auth_comp_id 
_atom_site.auth_asym_id 
_atom_site.auth_atom_id 
_atom_site.pdbx_PDB_model_num 
ATOM   1   N  N   . MET A 1 1  ? -7.202  4.566   9.226   1.00 31.59  ? 1   MET A N   1 
ATOM   2   C  CA  . MET A 1 1  ? -6.177  3.972   8.321   1.00 29.24  ? 1   MET A CA  1 
ATOM   3   C  C   . MET A 1 1  ? -5.357  2.937   9.077   1.00 28.17  ? 1   MET A C   1 
ATOM   4   O  O   . MET A 1 1  ? -4.981  3.155   10.227  1.00 29.12  ? 1   MET A O   1 
ATOM   5   C  CB  . MET A 1 1  ? -5.260  5.061   7.762   1.00 28.88  ? 1   MET A CB  1 
ATOM   6   C  CG  . MET A 1 1  ? -4.314  4.582   6.674   1.00 29.23  ? 1   MET A CG  1 
ATOM   7   S  SD  . MET A 1 1  ? -3.157  5.850   6.127   1.00 31.42  ? 1   MET A SD  1 
ATOM   8   C  CE  . MET A 1 1  ? -1.900  5.756   7.396   1.00 32.04  ? 1   MET A CE  1 
ATOM   9   N  N   . GLU A 1 2  ? -5.090  1.810   8.427   1.00 26.39  ? 2   GLU A N   1 
ATOM   10  C  CA  . GLU A 1 2  ? -4.322  0.734   9.043   1.00 25.36  ? 2   GLU A CA  1 
ATOM   11  C  C   . GLU A 1 2  ? -3.104  0.366   8.192   1.00 22.69  ? 2   GLU A C   1 
ATOM   12  O  O   . GLU A 1 2  ? -2.974  0.818   7.051   1.00 21.46  ? 2   GLU A O   1 
ATOM   13  C  CB  . GLU A 1 2  ? -5.212  -0.496  9.298   1.00 26.53  ? 2   GLU A CB  1 
ATOM   14  C  CG  . GLU A 1 2  ? -6.485  -0.231  10.133  1.00 30.05  ? 2   GLU A CG  1 
ATOM   15  C  CD  . GLU A 1 2  ? -6.208  0.250   11.559  1.00 34.35  ? 2   GLU A CD  1 
ATOM   16  O  OE1 . GLU A 1 2  ? -5.193  -0.160  12.159  1.00 32.84  ? 2   GLU A OE1 1 
ATOM   17  O  OE2 . GLU A 1 2  ? -7.024  1.035   12.090  1.00 36.76  ? 2   GLU A OE2 1 
ATOM   18  N  N   . LEU A 1 3  ? -2.215  -0.448  8.756   1.00 21.46  ? 3   LEU A N   1 
ATOM   19  C  CA  . LEU A 1 3  ? -1.012  -0.897  8.051   1.00 20.41  ? 3   LEU A CA  1 
ATOM   20  C  C   . LEU A 1 3  ? -1.339  -1.681  6.782   1.00 18.95  ? 3   LEU A C   1 
ATOM   21  O  O   . LEU A 1 3  ? -0.602  -1.610  5.796   1.00 17.12  ? 3   LEU A O   1 
ATOM   22  C  CB  . LEU A 1 3  ? -0.113  -1.727  8.977   1.00 19.13  ? 3   LEU A CB  1 
ATOM   23  C  CG  . LEU A 1 3  ? 0.623   -0.963  10.083  1.00 21.96  ? 3   LEU A CG  1 
ATOM   24  C  CD1 . LEU A 1 3  ? 1.441   -1.922  10.935  1.00 19.51  ? 3   LEU A CD1 1 
ATOM   25  C  CD2 . LEU A 1 3  ? 1.511   0.141   9.508   1.00 24.38  ? 3   LEU A CD2 1 
ATOM   26  N  N   . ARG A 1 4  ? -2.448  -2.418  6.825   1.00 20.61  ? 4   ARG A N   1 
ATOM   27  C  CA  . ARG A 1 4  ? -2.980  -3.152  5.676   1.00 25.73  ? 4   ARG A CA  1 
ATOM   28  C  C   . ARG A 1 4  ? -3.136  -2.252  4.444   1.00 21.84  ? 4   ARG A C   1 
ATOM   29  O  O   . ARG A 1 4  ? -2.734  -2.627  3.340   1.00 17.29  ? 4   ARG A O   1 
ATOM   30  C  CB  . ARG A 1 4  ? -4.322  -3.787  6.061   1.00 23.37  ? 4   ARG A CB  1 
ATOM   31  C  CG  . ARG A 1 4  ? -4.975  -4.660  5.002   1.00 29.65  ? 4   ARG A CG  1 
ATOM   32  C  CD  . ARG A 1 4  ? -6.287  -5.259  5.512   1.00 27.18  ? 4   ARG A CD  1 
ATOM   33  N  NE  . ARG A 1 4  ? -7.345  -4.257  5.666   1.00 36.73  ? 4   ARG A NE  1 
ATOM   34  C  CZ  . ARG A 1 4  ? -7.724  -3.712  6.823   1.00 166.59 ? 4   ARG A CZ  1 
ATOM   35  N  NH1 . ARG A 1 4  ? -8.695  -2.810  6.839   1.00 44.39  ? 4   ARG A NH1 1 
ATOM   36  N  NH2 . ARG A 1 4  ? -7.140  -4.061  7.963   1.00 40.30  ? 4   ARG A NH2 1 
ATOM   37  N  N   . HIS A 1 5  ? -3.707  -1.065  4.643   1.00 18.96  ? 5   HIS A N   1 
ATOM   38  C  CA  . HIS A 1 5  ? -3.881  -0.092  3.561   1.00 24.98  ? 5   HIS A CA  1 
ATOM   39  C  C   . HIS A 1 5  ? -2.549  0.291   2.918   1.00 18.99  ? 5   HIS A C   1 
ATOM   40  O  O   . HIS A 1 5  ? -2.445  0.352   1.693   1.00 15.28  ? 5   HIS A O   1 
ATOM   41  C  CB  . HIS A 1 5  ? -4.597  1.166   4.060   1.00 29.53  ? 5   HIS A CB  1 
ATOM   42  C  CG  . HIS A 1 5  ? -6.015  0.932   4.476   1.00 35.69  ? 5   HIS A CG  1 
ATOM   43  N  ND1 . HIS A 1 5  ? -6.442  1.078   5.779   1.00 33.00  ? 5   HIS A ND1 1 
ATOM   44  C  CD2 . HIS A 1 5  ? -7.105  0.561   3.762   1.00 32.84  ? 5   HIS A CD2 1 
ATOM   45  C  CE1 . HIS A 1 5  ? -7.734  0.810   5.849   1.00 71.66  ? 5   HIS A CE1 1 
ATOM   46  N  NE2 . HIS A 1 5  ? -8.160  0.492   4.640   1.00 43.35  ? 5   HIS A NE2 1 
ATOM   47  N  N   . LEU A 1 6  ? -1.540  0.542   3.752   1.00 17.16  ? 6   LEU A N   1 
ATOM   48  C  CA  . LEU A 1 6  ? -0.207  0.917   3.267   1.00 13.88  ? 6   LEU A CA  1 
ATOM   49  C  C   . LEU A 1 6  ? 0.455   -0.222  2.501   1.00 15.32  ? 6   LEU A C   1 
ATOM   50  O  O   . LEU A 1 6  ? 1.009   -0.013  1.421   1.00 14.28  ? 6   LEU A O   1 
ATOM   51  C  CB  . LEU A 1 6  ? 0.692   1.375   4.423   1.00 15.40  ? 6   LEU A CB  1 
ATOM   52  C  CG  . LEU A 1 6  ? 0.184   2.507   5.324   1.00 23.12  ? 6   LEU A CG  1 
ATOM   53  C  CD1 . LEU A 1 6  ? 1.187   2.803   6.427   1.00 26.33  ? 6   LEU A CD1 1 
ATOM   54  C  CD2 . LEU A 1 6  ? -0.113  3.767   4.527   1.00 23.16  ? 6   LEU A CD2 1 
ATOM   55  N  N   . ARG A 1 7  ? 0.379   -1.427  3.058   1.00 16.87  ? 7   ARG A N   1 
ATOM   56  C  CA  . ARG A 1 7  ? 0.944   -2.617  2.426   1.00 13.99  ? 7   ARG A CA  1 
ATOM   57  C  C   . ARG A 1 7  ? 0.296   -2.902  1.069   1.00 13.55  ? 7   ARG A C   1 
ATOM   58  O  O   . ARG A 1 7  ? 0.987   -3.240  0.105   1.00 14.63  ? 7   ARG A O   1 
ATOM   59  C  CB  . ARG A 1 7  ? 0.822   -3.824  3.359   1.00 17.69  ? 7   ARG A CB  1 
ATOM   60  C  CG  . ARG A 1 7  ? 1.853   -3.817  4.476   1.00 19.75  ? 7   ARG A CG  1 
ATOM   61  C  CD  . ARG A 1 7  ? 1.479   -4.735  5.627   1.00 33.74  ? 7   ARG A CD  1 
ATOM   62  N  NE  . ARG A 1 7  ? 2.486   -4.670  6.684   1.00 37.10  ? 7   ARG A NE  1 
ATOM   63  C  CZ  . ARG A 1 7  ? 2.264   -4.937  7.968   1.00 61.55  ? 7   ARG A CZ  1 
ATOM   64  N  NH1 . ARG A 1 7  ? 3.259   -4.840  8.841   1.00 40.78  ? 7   ARG A NH1 1 
ATOM   65  N  NH2 . ARG A 1 7  ? 1.055   -5.290  8.388   1.00 33.91  ? 7   ARG A NH2 1 
ATOM   66  N  N   . TYR A 1 8  ? -1.023  -2.750  1.004   1.00 16.81  ? 8   TYR A N   1 
ATOM   67  C  CA  . TYR A 1 8  ? -1.772  -2.949  -0.236  1.00 12.67  ? 8   TYR A CA  1 
ATOM   68  C  C   . TYR A 1 8  ? -1.381  -1.906  -1.273  1.00 13.72  ? 8   TYR A C   1 
ATOM   69  O  O   . TYR A 1 8  ? -1.122  -2.241  -2.429  1.00 15.08  ? 8   TYR A O   1 
ATOM   70  C  CB  . TYR A 1 8  ? -3.276  -2.882  0.038   1.00 14.61  ? 8   TYR A CB  1 
ATOM   71  C  CG  . TYR A 1 8  ? -3.873  -4.114  0.695   1.00 16.81  ? 8   TYR A CG  1 
ATOM   72  C  CD1 . TYR A 1 8  ? -5.250  -4.326  0.673   1.00 24.30  ? 8   TYR A CD1 1 
ATOM   73  C  CD2 . TYR A 1 8  ? -3.072  -5.069  1.324   1.00 20.45  ? 8   TYR A CD2 1 
ATOM   74  C  CE1 . TYR A 1 8  ? -5.815  -5.445  1.268   1.00 29.34  ? 8   TYR A CE1 1 
ATOM   75  C  CE2 . TYR A 1 8  ? -3.629  -6.195  1.924   1.00 19.56  ? 8   TYR A CE2 1 
ATOM   76  C  CZ  . TYR A 1 8  ? -5.001  -6.374  1.890   1.00 25.33  ? 8   TYR A CZ  1 
ATOM   77  O  OH  . TYR A 1 8  ? -5.565  -7.484  2.479   1.00 28.57  ? 8   TYR A OH  1 
ATOM   78  N  N   . PHE A 1 9  ? -1.326  -0.644  -0.842  1.00 15.07  ? 9   PHE A N   1 
ATOM   79  C  CA  . PHE A 1 9  ? -0.998  0.478   -1.723  1.00 15.78  ? 9   PHE A CA  1 
ATOM   80  C  C   . PHE A 1 9  ? 0.397   0.350   -2.324  1.00 15.85  ? 9   PHE A C   1 
ATOM   81  O  O   . PHE A 1 9  ? 0.573   0.511   -3.531  1.00 12.84  ? 9   PHE A O   1 
ATOM   82  C  CB  . PHE A 1 9  ? -1.160  1.813   -0.983  1.00 16.39  ? 9   PHE A CB  1 
ATOM   83  C  CG  . PHE A 1 9  ? -0.802  3.016   -1.809  1.00 16.41  ? 9   PHE A CG  1 
ATOM   84  C  CD1 . PHE A 1 9  ? -1.566  3.371   -2.919  1.00 17.86  ? 9   PHE A CD1 1 
ATOM   85  C  CD2 . PHE A 1 9  ? 0.298   3.800   -1.476  1.00 13.42  ? 9   PHE A CD2 1 
ATOM   86  C  CE1 . PHE A 1 9  ? -1.232  4.482   -3.685  1.00 14.98  ? 9   PHE A CE1 1 
ATOM   87  C  CE2 . PHE A 1 9  ? 0.637   4.917   -2.235  1.00 16.56  ? 9   PHE A CE2 1 
ATOM   88  C  CZ  . PHE A 1 9  ? -0.131  5.259   -3.341  1.00 11.01  ? 9   PHE A CZ  1 
ATOM   89  N  N   . VAL A 1 10 ? 1.376   0.046   -1.474  1.00 14.68  ? 10  VAL A N   1 
ATOM   90  C  CA  . VAL A 1 10 ? 2.762   -0.122  -1.904  1.00 15.39  ? 10  VAL A CA  1 
ATOM   91  C  C   . VAL A 1 10 ? 2.885   -1.208  -2.979  1.00 16.75  ? 10  VAL A C   1 
ATOM   92  O  O   . VAL A 1 10 ? 3.560   -1.008  -3.994  1.00 13.36  ? 10  VAL A O   1 
ATOM   93  C  CB  . VAL A 1 10 ? 3.693   -0.387  -0.688  1.00 15.21  ? 10  VAL A CB  1 
ATOM   94  C  CG1 . VAL A 1 10 ? 5.019   -1.011  -1.113  1.00 23.34  ? 10  VAL A CG1 1 
ATOM   95  C  CG2 . VAL A 1 10 ? 3.920   0.917   0.074   1.00 14.82  ? 10  VAL A CG2 1 
ATOM   96  N  N   . ALA A 1 11 ? 2.209   -2.335  -2.761  1.00 14.76  ? 11  ALA A N   1 
ATOM   97  C  CA  . ALA A 1 11 ? 2.196   -3.439  -3.721  1.00 16.20  ? 11  ALA A CA  1 
ATOM   98  C  C   . ALA A 1 11 ? 1.609   -3.029  -5.077  1.00 17.70  ? 11  ALA A C   1 
ATOM   99  O  O   . ALA A 1 11 ? 2.142   -3.399  -6.119  1.00 16.61  ? 11  ALA A O   1 
ATOM   100 C  CB  . ALA A 1 11 ? 1.450   -4.639  -3.149  1.00 18.28  ? 11  ALA A CB  1 
ATOM   101 N  N   . VAL A 1 12 ? 0.522   -2.260  -5.054  1.00 15.42  ? 12  VAL A N   1 
ATOM   102 C  CA  . VAL A 1 12 ? -0.102  -1.765  -6.289  1.00 15.30  ? 12  VAL A CA  1 
ATOM   103 C  C   . VAL A 1 12 ? 0.839   -0.827  -7.054  1.00 16.95  ? 12  VAL A C   1 
ATOM   104 O  O   . VAL A 1 12 ? 0.999   -0.959  -8.270  1.00 16.48  ? 12  VAL A O   1 
ATOM   105 C  CB  . VAL A 1 12 ? -1.467  -1.089  -6.008  1.00 13.98  ? 12  VAL A CB  1 
ATOM   106 C  CG1 . VAL A 1 12 ? -2.000  -0.373  -7.247  1.00 16.70  ? 12  VAL A CG1 1 
ATOM   107 C  CG2 . VAL A 1 12 ? -2.469  -2.125  -5.542  1.00 19.46  ? 12  VAL A CG2 1 
ATOM   108 N  N   . VAL A 1 13 ? 1.469   0.101   -6.335  1.00 19.60  ? 13  VAL A N   1 
ATOM   109 C  CA  . VAL A 1 13 ? 2.406   1.053   -6.939  1.00 18.27  ? 13  VAL A CA  1 
ATOM   110 C  C   . VAL A 1 13 ? 3.583   0.323   -7.586  1.00 20.78  ? 13  VAL A C   1 
ATOM   111 O  O   . VAL A 1 13 ? 3.960   0.624   -8.722  1.00 20.86  ? 13  VAL A O   1 
ATOM   112 C  CB  . VAL A 1 13 ? 2.916   2.094   -5.905  1.00 18.41  ? 13  VAL A CB  1 
ATOM   113 C  CG1 . VAL A 1 13 ? 3.999   2.996   -6.505  1.00 16.17  ? 13  VAL A CG1 1 
ATOM   114 C  CG2 . VAL A 1 13 ? 1.762   2.940   -5.388  1.00 18.21  ? 13  VAL A CG2 1 
ATOM   115 N  N   . GLU A 1 14 ? 4.137   -0.652  -6.869  1.00 17.65  ? 14  GLU A N   1 
ATOM   116 C  CA  . GLU A 1 14 ? 5.330   -1.369  -7.324  1.00 17.63  ? 14  GLU A CA  1 
ATOM   117 C  C   . GLU A 1 14 ? 5.054   -2.336  -8.478  1.00 20.81  ? 14  GLU A C   1 
ATOM   118 O  O   . GLU A 1 14 ? 5.864   -2.450  -9.400  1.00 25.01  ? 14  GLU A O   1 
ATOM   119 C  CB  . GLU A 1 14 ? 6.010   -2.078  -6.149  1.00 23.11  ? 14  GLU A CB  1 
ATOM   120 C  CG  . GLU A 1 14 ? 6.630   -1.098  -5.156  1.00 22.31  ? 14  GLU A CG  1 
ATOM   121 C  CD  . GLU A 1 14 ? 7.272   -1.758  -3.952  1.00 27.80  ? 14  GLU A CD  1 
ATOM   122 O  OE1 . GLU A 1 14 ? 7.151   -2.991  -3.792  1.00 30.77  ? 14  GLU A OE1 1 
ATOM   123 O  OE2 . GLU A 1 14 ? 7.898   -1.027  -3.156  1.00 30.15  ? 14  GLU A OE2 1 
ATOM   124 N  N   . GLU A 1 15 ? 3.907   -3.012  -8.435  1.00 20.16  ? 15  GLU A N   1 
ATOM   125 C  CA  . GLU A 1 15 ? 3.524   -3.942  -9.502  1.00 21.75  ? 15  GLU A CA  1 
ATOM   126 C  C   . GLU A 1 15 ? 2.859   -3.237  -10.686 1.00 26.85  ? 15  GLU A C   1 
ATOM   127 O  O   . GLU A 1 15 ? 2.741   -3.820  -11.770 1.00 27.78  ? 15  GLU A O   1 
ATOM   128 C  CB  . GLU A 1 15 ? 2.607   -5.054  -8.970  1.00 20.36  ? 15  GLU A CB  1 
ATOM   129 C  CG  . GLU A 1 15 ? 3.242   -5.981  -7.936  1.00 24.48  ? 15  GLU A CG  1 
ATOM   130 C  CD  . GLU A 1 15 ? 4.397   -6.806  -8.487  1.00 41.77  ? 15  GLU A CD  1 
ATOM   131 O  OE1 . GLU A 1 15 ? 4.277   -7.345  -9.608  1.00 44.83  ? 15  GLU A OE1 1 
ATOM   132 O  OE2 . GLU A 1 15 ? 5.424   -6.921  -7.785  1.00 41.81  ? 15  GLU A OE2 1 
ATOM   133 N  N   . GLN A 1 16 ? 2.432   -1.990  -10.470 1.00 22.57  ? 16  GLN A N   1 
ATOM   134 C  CA  . GLN A 1 16 ? 1.722   -1.183  -11.479 1.00 20.26  ? 16  GLN A CA  1 
ATOM   135 C  C   . GLN A 1 16 ? 0.455   -1.884  -11.968 1.00 24.52  ? 16  GLN A C   1 
ATOM   136 O  O   . GLN A 1 16 ? 0.033   -1.717  -13.116 1.00 23.91  ? 16  GLN A O   1 
ATOM   137 C  CB  . GLN A 1 16 ? 2.639   -0.825  -12.657 1.00 19.61  ? 16  GLN A CB  1 
ATOM   138 C  CG  . GLN A 1 16 ? 3.944   -0.153  -12.259 1.00 24.50  ? 16  GLN A CG  1 
ATOM   139 C  CD  . GLN A 1 16 ? 4.846   0.110   -13.446 1.00 37.09  ? 16  GLN A CD  1 
ATOM   140 O  OE1 . GLN A 1 16 ? 4.471   0.818   -14.379 1.00 38.67  ? 16  GLN A OE1 1 
ATOM   141 N  NE2 . GLN A 1 16 ? 6.044   -0.461  -13.415 1.00 35.19  ? 16  GLN A NE2 1 
ATOM   142 N  N   . SER A 1 17 ? -0.148  -2.663  -11.072 1.00 21.34  ? 17  SER A N   1 
ATOM   143 C  CA  . SER A 1 17 ? -1.292  -3.511  -11.388 1.00 20.35  ? 17  SER A CA  1 
ATOM   144 C  C   . SER A 1 17 ? -2.025  -3.901  -10.113 1.00 22.45  ? 17  SER A C   1 
ATOM   145 O  O   . SER A 1 17 ? -1.396  -4.284  -9.124  1.00 21.99  ? 17  SER A O   1 
ATOM   146 C  CB  . SER A 1 17 ? -0.825  -4.770  -12.125 1.00 21.72  ? 17  SER A CB  1 
ATOM   147 O  OG  . SER A 1 17 ? -1.826  -5.773  -12.133 1.00 19.35  ? 17  SER A OG  1 
ATOM   148 N  N   . PHE A 1 18 ? -3.352  -3.807  -10.138 1.00 17.65  ? 18  PHE A N   1 
ATOM   149 C  CA  . PHE A 1 18 ? -4.170  -4.260  -9.014  1.00 18.42  ? 18  PHE A CA  1 
ATOM   150 C  C   . PHE A 1 18 ? -4.141  -5.785  -8.899  1.00 19.12  ? 18  PHE A C   1 
ATOM   151 O  O   . PHE A 1 18 ? -3.950  -6.324  -7.807  1.00 17.56  ? 18  PHE A O   1 
ATOM   152 C  CB  . PHE A 1 18 ? -5.610  -3.748  -9.136  1.00 17.33  ? 18  PHE A CB  1 
ATOM   153 C  CG  . PHE A 1 18 ? -5.759  -2.276  -8.861  1.00 19.06  ? 18  PHE A CG  1 
ATOM   154 C  CD1 . PHE A 1 18 ? -5.975  -1.814  -7.568  1.00 22.51  ? 18  PHE A CD1 1 
ATOM   155 C  CD2 . PHE A 1 18 ? -5.693  -1.352  -9.897  1.00 25.44  ? 18  PHE A CD2 1 
ATOM   156 C  CE1 . PHE A 1 18 ? -6.115  -0.452  -7.309  1.00 19.98  ? 18  PHE A CE1 1 
ATOM   157 C  CE2 . PHE A 1 18 ? -5.832  0.009   -9.650  1.00 24.58  ? 18  PHE A CE2 1 
ATOM   158 C  CZ  . PHE A 1 18 ? -6.045  0.458   -8.353  1.00 21.27  ? 18  PHE A CZ  1 
ATOM   159 N  N   . THR A 1 19 ? -4.308  -6.473  -10.030 1.00 17.44  ? 19  THR A N   1 
ATOM   160 C  CA  . THR A 1 19 ? -4.292  -7.940  -10.058 1.00 17.17  ? 19  THR A CA  1 
ATOM   161 C  C   . THR A 1 19 ? -2.940  -8.520  -9.616  1.00 21.52  ? 19  THR A C   1 
ATOM   162 O  O   . THR A 1 19 ? -2.899  -9.424  -8.778  1.00 22.86  ? 19  THR A O   1 
ATOM   163 C  CB  . THR A 1 19 ? -4.690  -8.495  -11.449 1.00 18.82  ? 19  THR A CB  1 
ATOM   164 O  OG1 . THR A 1 19 ? -5.980  -7.992  -11.812 1.00 22.45  ? 19  THR A OG1 1 
ATOM   165 C  CG2 . THR A 1 19 ? -4.737  -10.024 -11.437 1.00 18.08  ? 19  THR A CG2 1 
ATOM   166 N  N   . LYS A 1 20 ? -1.848  -7.994  -10.173 1.00 20.54  ? 20  LYS A N   1 
ATOM   167 C  CA  . LYS A 1 20 ? -0.500  -8.477  -9.846  1.00 24.68  ? 20  LYS A CA  1 
ATOM   168 C  C   . LYS A 1 20 ? -0.122  -8.215  -8.386  1.00 24.86  ? 20  LYS A C   1 
ATOM   169 O  O   . LYS A 1 20 ? 0.579   -9.021  -7.770  1.00 26.29  ? 20  LYS A O   1 
ATOM   170 C  CB  . LYS A 1 20 ? 0.549   -7.871  -10.785 1.00 23.02  ? 20  LYS A CB  1 
ATOM   171 C  CG  . LYS A 1 20 ? 0.520   -8.428  -12.203 1.00 29.48  ? 20  LYS A CG  1 
ATOM   172 C  CD  . LYS A 1 20 ? 1.810   -8.102  -12.940 1.00 92.28  ? 20  LYS A CD  1 
ATOM   173 C  CE  . LYS A 1 20 ? 1.960   -8.941  -14.197 1.00 100.63 ? 20  LYS A CE  1 
ATOM   174 N  NZ  . LYS A 1 20 ? 3.306   -8.775  -14.814 1.00 72.85  ? 20  LYS A NZ  1 
ATOM   175 N  N   . ALA A 1 21 ? -0.591  -7.091  -7.842  1.00 22.91  ? 21  ALA A N   1 
ATOM   176 C  CA  . ALA A 1 21 ? -0.405  -6.782  -6.423  1.00 22.32  ? 21  ALA A CA  1 
ATOM   177 C  C   . ALA A 1 21 ? -1.180  -7.763  -5.552  1.00 24.27  ? 21  ALA A C   1 
ATOM   178 O  O   . ALA A 1 21 ? -0.683  -8.204  -4.514  1.00 20.28  ? 21  ALA A O   1 
ATOM   179 C  CB  . ALA A 1 21 ? -0.834  -5.366  -6.124  1.00 20.52  ? 21  ALA A CB  1 
ATOM   180 N  N   . ALA A 1 22 ? -2.392  -8.109  -5.988  1.00 19.30  ? 22  ALA A N   1 
ATOM   181 C  CA  . ALA A 1 22 ? -3.222  -9.077  -5.280  1.00 20.54  ? 22  ALA A CA  1 
ATOM   182 C  C   . ALA A 1 22 ? -2.549  -10.449 -5.234  1.00 21.78  ? 22  ALA A C   1 
ATOM   183 O  O   . ALA A 1 22 ? -2.549  -11.104 -4.188  1.00 24.29  ? 22  ALA A O   1 
ATOM   184 C  CB  . ALA A 1 22 ? -4.605  -9.162  -5.913  1.00 18.69  ? 22  ALA A CB  1 
ATOM   185 N  N   . ASP A 1 23 ? -1.967  -10.863 -6.362  1.00 24.54  ? 23  ASP A N   1 
ATOM   186 C  CA  . ASP A 1 23 ? -1.207  -12.115 -6.453  1.00 23.04  ? 23  ASP A CA  1 
ATOM   187 C  C   . ASP A 1 23 ? -0.065  -12.153 -5.441  1.00 30.96  ? 23  ASP A C   1 
ATOM   188 O  O   . ASP A 1 23 ? 0.151   -13.168 -4.775  1.00 31.91  ? 23  ASP A O   1 
ATOM   189 C  CB  . ASP A 1 23 ? -0.630  -12.303 -7.863  1.00 33.36  ? 23  ASP A CB  1 
ATOM   190 C  CG  . ASP A 1 23 ? -1.688  -12.631 -8.908  1.00 51.28  ? 23  ASP A CG  1 
ATOM   191 O  OD1 . ASP A 1 23 ? -2.780  -13.130 -8.554  1.00 37.85  ? 23  ASP A OD1 1 
ATOM   192 O  OD2 . ASP A 1 23 ? -1.412  -12.398 -10.105 1.00 38.58  ? 23  ASP A OD2 1 
ATOM   193 N  N   . LYS A 1 24 ? 0.658   -11.040 -5.334  1.00 24.02  ? 24  LYS A N   1 
ATOM   194 C  CA  . LYS A 1 24 ? 1.812   -10.926 -4.438  1.00 24.48  ? 24  LYS A CA  1 
ATOM   195 C  C   . LYS A 1 24 ? 1.421   -10.941 -2.954  1.00 33.09  ? 24  LYS A C   1 
ATOM   196 O  O   . LYS A 1 24 ? 2.167   -11.449 -2.118  1.00 32.43  ? 24  LYS A O   1 
ATOM   197 C  CB  . LYS A 1 24 ? 2.607   -9.658  -4.766  1.00 25.95  ? 24  LYS A CB  1 
ATOM   198 C  CG  . LYS A 1 24 ? 4.023   -9.633  -4.207  1.00 56.80  ? 24  LYS A CG  1 
ATOM   199 C  CD  . LYS A 1 24 ? 4.731   -8.331  -4.544  1.00 42.71  ? 24  LYS A CD  1 
ATOM   200 C  CE  . LYS A 1 24 ? 6.158   -8.335  -4.018  1.00 66.93  ? 24  LYS A CE  1 
ATOM   201 N  NZ  . LYS A 1 24 ? 6.908   -7.115  -4.422  1.00 129.22 ? 24  LYS A NZ  1 
ATOM   202 N  N   . LEU A 1 25 ? 0.252   -10.387 -2.638  1.00 26.29  ? 25  LEU A N   1 
ATOM   203 C  CA  . LEU A 1 25 ? -0.230  -10.310 -1.257  1.00 16.82  ? 25  LEU A CA  1 
ATOM   204 C  C   . LEU A 1 25 ? -1.109  -11.504 -0.880  1.00 28.30  ? 25  LEU A C   1 
ATOM   205 O  O   . LEU A 1 25 ? -1.674  -11.541 0.217   1.00 28.77  ? 25  LEU A O   1 
ATOM   206 C  CB  . LEU A 1 25 ? -1.006  -9.005  -1.033  1.00 31.40  ? 25  LEU A CB  1 
ATOM   207 C  CG  . LEU A 1 25 ? -0.300  -7.664  -1.257  1.00 28.16  ? 25  LEU A CG  1 
ATOM   208 C  CD1 . LEU A 1 25 ? -1.328  -6.587  -1.524  1.00 34.05  ? 25  LEU A CD1 1 
ATOM   209 C  CD2 . LEU A 1 25 ? 0.579   -7.284  -0.080  1.00 33.70  ? 25  LEU A CD2 1 
ATOM   210 N  N   . CYS A 1 26 ? -1.218  -12.464 -1.799  1.00 26.51  ? 26  CYS A N   1 
ATOM   211 C  CA  . CYS A 1 26 ? -1.999  -13.694 -1.609  1.00 34.69  ? 26  CYS A CA  1 
ATOM   212 C  C   . CYS A 1 26 ? -3.478  -13.438 -1.300  1.00 48.61  ? 26  CYS A C   1 
ATOM   213 O  O   . CYS A 1 26 ? -4.080  -14.117 -0.464  1.00 38.89  ? 26  CYS A O   1 
ATOM   214 C  CB  . CYS A 1 26 ? -1.356  -14.591 -0.543  1.00 42.45  ? 26  CYS A CB  1 
ATOM   215 S  SG  . CYS A 1 26 ? 0.342   -15.081 -0.910  1.00 53.35  ? 26  CYS A SG  1 
ATOM   216 N  N   . ILE A 1 27 ? -4.054  -12.452 -1.983  1.00 34.39  ? 27  ILE A N   1 
ATOM   217 C  CA  . ILE A 1 27 ? -5.475  -12.126 -1.841  1.00 30.00  ? 27  ILE A CA  1 
ATOM   218 C  C   . ILE A 1 27 ? -6.141  -11.968 -3.210  1.00 26.58  ? 27  ILE A C   1 
ATOM   219 O  O   . ILE A 1 27 ? -5.457  -11.850 -4.229  1.00 32.18  ? 27  ILE A O   1 
ATOM   220 C  CB  . ILE A 1 27 ? -5.704  -10.845 -0.987  1.00 24.47  ? 27  ILE A CB  1 
ATOM   221 C  CG1 . ILE A 1 27 ? -4.905  -9.660  -1.549  1.00 29.40  ? 27  ILE A CG1 1 
ATOM   222 C  CG2 . ILE A 1 27 ? -5.369  -11.104 0.488   1.00 35.26  ? 27  ILE A CG2 1 
ATOM   223 C  CD1 . ILE A 1 27 ? -5.313  -8.325  -0.990  1.00 29.58  ? 27  ILE A CD1 1 
ATOM   224 N  N   . ALA A 1 28 ? -7.472  -11.982 -3.225  1.00 31.32  ? 28  ALA A N   1 
ATOM   225 C  CA  . ALA A 1 28 ? -8.233  -11.749 -4.449  1.00 29.94  ? 28  ALA A CA  1 
ATOM   226 C  C   . ALA A 1 28 ? -8.174  -10.274 -4.829  1.00 20.61  ? 28  ALA A C   1 
ATOM   227 O  O   . ALA A 1 28 ? -8.050  -9.404  -3.965  1.00 20.76  ? 28  ALA A O   1 
ATOM   228 C  CB  . ALA A 1 28 ? -9.677  -12.207 -4.278  1.00 29.48  ? 28  ALA A CB  1 
ATOM   229 N  N   . GLN A 1 29 ? -8.257  -10.000 -6.129  1.00 22.15  ? 29  GLN A N   1 
ATOM   230 C  CA  . GLN A 1 29 ? -8.173  -8.635  -6.644  1.00 23.75  ? 29  GLN A CA  1 
ATOM   231 C  C   . GLN A 1 29 ? -9.316  -7.707  -6.171  1.00 15.24  ? 29  GLN A C   1 
ATOM   232 O  O   . GLN A 1 29 ? -9.044  -6.576  -5.764  1.00 22.04  ? 29  GLN A O   1 
ATOM   233 C  CB  . GLN A 1 29 ? -8.011  -8.651  -8.175  1.00 19.22  ? 29  GLN A CB  1 
ATOM   234 C  CG  . GLN A 1 29 ? -8.052  -7.291  -8.856  1.00 25.30  ? 29  GLN A CG  1 
ATOM   235 C  CD  . GLN A 1 29 ? -9.461  -6.887  -9.246  1.00 26.13  ? 29  GLN A CD  1 
ATOM   236 O  OE1 . GLN A 1 29 ? -10.137 -7.589  -10.001 1.00 35.80  ? 29  GLN A OE1 1 
ATOM   237 N  NE2 . GLN A 1 29 ? -9.911  -5.755  -8.730  1.00 29.45  ? 29  GLN A NE2 1 
ATOM   238 N  N   . PRO A 1 30 ? -10.586 -8.174  -6.216  1.00 19.91  ? 30  PRO A N   1 
ATOM   239 C  CA  . PRO A 1 30 ? -11.674 -7.272  -5.797  1.00 23.84  ? 30  PRO A CA  1 
ATOM   240 C  C   . PRO A 1 30 ? -11.545 -6.649  -4.387  1.00 25.34  ? 30  PRO A C   1 
ATOM   241 O  O   . PRO A 1 30 ? -11.685 -5.429  -4.271  1.00 21.41  ? 30  PRO A O   1 
ATOM   242 C  CB  . PRO A 1 30 ? -12.929 -8.140  -5.936  1.00 27.18  ? 30  PRO A CB  1 
ATOM   243 C  CG  . PRO A 1 30 ? -12.577 -9.117  -7.001  1.00 29.22  ? 30  PRO A CG  1 
ATOM   244 C  CD  . PRO A 1 30 ? -11.119 -9.423  -6.797  1.00 26.55  ? 30  PRO A CD  1 
ATOM   245 N  N   . PRO A 1 31 ? -11.281 -7.456  -3.326  1.00 24.40  ? 31  PRO A N   1 
ATOM   246 C  CA  . PRO A 1 31 ? -11.108 -6.815  -2.012  1.00 21.08  ? 31  PRO A CA  1 
ATOM   247 C  C   . PRO A 1 31 ? -9.913  -5.859  -1.935  1.00 17.65  ? 31  PRO A C   1 
ATOM   248 O  O   . PRO A 1 31 ? -9.977  -4.863  -1.208  1.00 22.27  ? 31  PRO A O   1 
ATOM   249 C  CB  . PRO A 1 31 ? -10.914 -7.998  -1.049  1.00 32.50  ? 31  PRO A CB  1 
ATOM   250 C  CG  . PRO A 1 31 ? -10.606 -9.168  -1.910  1.00 30.60  ? 31  PRO A CG  1 
ATOM   251 C  CD  . PRO A 1 31 ? -11.317 -8.926  -3.200  1.00 20.65  ? 31  PRO A CD  1 
ATOM   252 N  N   . LEU A 1 32 ? -8.846  -6.170  -2.673  1.00 19.10  ? 32  LEU A N   1 
ATOM   253 C  CA  A LEU A 1 32 ? -7.673  -5.302  -2.735  0.50 16.19  ? 32  LEU A CA  1 
ATOM   254 C  CA  B LEU A 1 32 ? -7.662  -5.315  -2.756  0.50 16.52  ? 32  LEU A CA  1 
ATOM   255 C  C   . LEU A 1 32 ? -8.047  -3.937  -3.302  1.00 19.56  ? 32  LEU A C   1 
ATOM   256 O  O   . LEU A 1 32 ? -7.712  -2.909  -2.713  1.00 16.04  ? 32  LEU A O   1 
ATOM   257 C  CB  A LEU A 1 32 ? -6.546  -5.944  -3.553  0.50 10.79  ? 32  LEU A CB  1 
ATOM   258 C  CB  B LEU A 1 32 ? -6.594  -5.995  -3.629  0.50 29.77  ? 32  LEU A CB  1 
ATOM   259 C  CG  A LEU A 1 32 ? -5.276  -5.109  -3.763  0.50 17.52  ? 32  LEU A CG  1 
ATOM   260 C  CG  B LEU A 1 32 ? -5.249  -5.356  -4.004  0.50 47.21  ? 32  LEU A CG  1 
ATOM   261 C  CD1 A LEU A 1 32 ? -4.043  -5.978  -3.706  0.50 39.24  ? 32  LEU A CD1 1 
ATOM   262 C  CD1 B LEU A 1 32 ? -5.363  -4.518  -5.271  0.50 100.89 ? 32  LEU A CD1 1 
ATOM   263 C  CD2 A LEU A 1 32 ? -5.322  -4.342  -5.070  0.50 20.73  ? 32  LEU A CD2 1 
ATOM   264 C  CD2 B LEU A 1 32 ? -4.648  -4.550  -2.864  0.50 19.99  ? 32  LEU A CD2 1 
ATOM   265 N  N   . SER A 1 33 ? -8.752  -3.931  -4.433  1.00 16.38  ? 33  SER A N   1 
ATOM   266 C  CA  . SER A 1 33 ? -9.193  -2.687  -5.056  1.00 13.97  ? 33  SER A CA  1 
ATOM   267 C  C   . SER A 1 33 ? -10.091 -1.876  -4.123  1.00 20.02  ? 33  SER A C   1 
ATOM   268 O  O   . SER A 1 33 ? -9.953  -0.655  -4.030  1.00 18.78  ? 33  SER A O   1 
ATOM   269 C  CB  . SER A 1 33 ? -9.916  -2.965  -6.377  1.00 15.26  ? 33  SER A CB  1 
ATOM   270 O  OG  . SER A 1 33 ? -9.042  -3.567  -7.315  1.00 27.89  ? 33  SER A OG  1 
ATOM   271 N  N   . ARG A 1 34 ? -11.000 -2.560  -3.431  1.00 22.95  ? 34  ARG A N   1 
ATOM   272 C  CA  . ARG A 1 34 ? -11.912 -1.909  -2.489  1.00 26.48  ? 34  ARG A CA  1 
ATOM   273 C  C   . ARG A 1 34 ? -11.157 -1.253  -1.334  1.00 28.48  ? 34  ARG A C   1 
ATOM   274 O  O   . ARG A 1 34 ? -11.491 -0.139  -0.926  1.00 22.68  ? 34  ARG A O   1 
ATOM   275 C  CB  . ARG A 1 34 ? -12.960 -2.897  -1.962  1.00 22.63  ? 34  ARG A CB  1 
ATOM   276 C  CG  . ARG A 1 34 ? -13.961 -3.364  -3.017  1.00 27.93  ? 34  ARG A CG  1 
ATOM   277 C  CD  . ARG A 1 34 ? -15.168 -4.072  -2.404  1.00 42.94  ? 34  ARG A CD  1 
ATOM   278 N  NE  . ARG A 1 34 ? -14.829 -5.347  -1.769  1.00 33.59  ? 34  ARG A NE  1 
ATOM   279 C  CZ  . ARG A 1 34 ? -14.831 -6.529  -2.383  1.00 51.44  ? 34  ARG A CZ  1 
ATOM   280 N  NH1 . ARG A 1 34 ? -15.151 -6.627  -3.667  1.00 29.40  ? 34  ARG A NH1 1 
ATOM   281 N  NH2 . ARG A 1 34 ? -14.510 -7.624  -1.707  1.00 41.60  ? 34  ARG A NH2 1 
ATOM   282 N  N   . GLN A 1 35 ? -10.132 -1.937  -0.829  1.00 19.94  ? 35  GLN A N   1 
ATOM   283 C  CA  . GLN A 1 35 ? -9.313  -1.418  0.273   1.00 16.89  ? 35  GLN A CA  1 
ATOM   284 C  C   . GLN A 1 35 ? -8.540  -0.152  -0.110  1.00 17.38  ? 35  GLN A C   1 
ATOM   285 O  O   . GLN A 1 35 ? -8.431  0.778   0.692   1.00 18.87  ? 35  GLN A O   1 
ATOM   286 C  CB  . GLN A 1 35 ? -8.359  -2.496  0.795   1.00 21.05  ? 35  GLN A CB  1 
ATOM   287 C  CG  . GLN A 1 35 ? -9.034  -3.601  1.611   1.00 47.85  ? 35  GLN A CG  1 
ATOM   288 C  CD  . GLN A 1 35 ? -9.405  -3.165  3.017   1.00 33.35  ? 35  GLN A CD  1 
ATOM   289 O  OE1 . GLN A 1 35 ? -8.601  -2.562  3.728   1.00 40.69  ? 35  GLN A OE1 1 
ATOM   290 N  NE2 . GLN A 1 35 ? -10.628 -3.481  3.428   1.00 199.17 ? 35  GLN A NE2 1 
ATOM   291 N  N   . ILE A 1 36 ? -8.011  -0.125  -1.334  1.00 16.49  ? 36  ILE A N   1 
ATOM   292 C  CA  A ILE A 1 36 ? -7.300  1.051   -1.826  0.50 18.52  ? 36  ILE A CA  1 
ATOM   293 C  CA  B ILE A 1 36 ? -7.302  1.046   -1.863  0.50 21.69  ? 36  ILE A CA  1 
ATOM   294 C  C   . ILE A 1 36 ? -8.269  2.218   -2.010  1.00 18.86  ? 36  ILE A C   1 
ATOM   295 O  O   . ILE A 1 36 ? -7.937  3.362   -1.680  1.00 16.58  ? 36  ILE A O   1 
ATOM   296 C  CB  A ILE A 1 36 ? -6.519  0.753   -3.126  0.50 46.85  ? 36  ILE A CB  1 
ATOM   297 C  CB  B ILE A 1 36 ? -6.624  0.736   -3.227  0.50 13.04  ? 36  ILE A CB  1 
ATOM   298 C  CG1 A ILE A 1 36 ? -5.474  -0.328  -2.866  0.50 20.65  ? 36  ILE A CG1 1 
ATOM   299 C  CG1 B ILE A 1 36 ? -5.562  -0.348  -3.057  0.50 22.48  ? 36  ILE A CG1 1 
ATOM   300 C  CG2 A ILE A 1 36 ? -5.829  2.005   -3.659  0.50 16.51  ? 36  ILE A CG2 1 
ATOM   301 C  CG2 B ILE A 1 36 ? -5.982  1.985   -3.824  0.50 19.30  ? 36  ILE A CG2 1 
ATOM   302 C  CD1 A ILE A 1 36 ? -4.202  -0.099  -3.608  0.50 30.09  ? 36  ILE A CD1 1 
ATOM   303 C  CD1 B ILE A 1 36 ? -4.574  -0.035  -1.969  0.50 8.94   ? 36  ILE A CD1 1 
ATOM   304 N  N   . GLN A 1 37 ? -9.467  1.922   -2.513  1.00 19.13  ? 37  GLN A N   1 
ATOM   305 C  CA  . GLN A 1 37 ? -10.520 2.923   -2.632  1.00 14.96  ? 37  GLN A CA  1 
ATOM   306 C  C   . GLN A 1 37 ? -10.880 3.464   -1.245  1.00 17.33  ? 37  GLN A C   1 
ATOM   307 O  O   . GLN A 1 37 ? -10.998 4.673   -1.063  1.00 20.75  ? 37  GLN A O   1 
ATOM   308 C  CB  . GLN A 1 37 ? -11.748 2.337   -3.330  1.00 20.26  ? 37  GLN A CB  1 
ATOM   309 C  CG  . GLN A 1 37 ? -11.534 2.051   -4.810  1.00 23.91  ? 37  GLN A CG  1 
ATOM   310 C  CD  . GLN A 1 37 ? -12.649 1.218   -5.433  1.00 26.46  ? 37  GLN A CD  1 
ATOM   311 O  OE1 . GLN A 1 37 ? -13.719 1.044   -4.851  1.00 25.18  ? 37  GLN A OE1 1 
ATOM   312 N  NE2 . GLN A 1 37 ? -12.395 0.697   -6.626  1.00 26.75  ? 37  GLN A NE2 1 
ATOM   313 N  N   . ASN A 1 38 ? -11.025 2.560   -0.276  1.00 18.95  ? 38  ASN A N   1 
ATOM   314 C  CA  . ASN A 1 38 ? -11.284 2.928   1.119   1.00 22.43  ? 38  ASN A CA  1 
ATOM   315 C  C   . ASN A 1 38 ? -10.215 3.861   1.688   1.00 25.90  ? 38  ASN A C   1 
ATOM   316 O  O   . ASN A 1 38 ? -10.534 4.812   2.405   1.00 22.82  ? 38  ASN A O   1 
ATOM   317 C  CB  . ASN A 1 38 ? -11.414 1.675   2.000   1.00 20.62  ? 38  ASN A CB  1 
ATOM   318 C  CG  . ASN A 1 38 ? -12.671 0.868   1.703   1.00 30.50  ? 38  ASN A CG  1 
ATOM   319 O  OD1 . ASN A 1 38 ? -13.574 1.325   1.000   1.00 39.29  ? 38  ASN A OD1 1 
ATOM   320 N  ND2 . ASN A 1 38 ? -12.732 -0.345  2.243   1.00 34.25  ? 38  ASN A ND2 1 
ATOM   321 N  N   . LEU A 1 39 ? -8.954  3.580   1.359   1.00 20.04  ? 39  LEU A N   1 
ATOM   322 C  CA  . LEU A 1 39 ? -7.824  4.418   1.764   1.00 22.84  ? 39  LEU A CA  1 
ATOM   323 C  C   . LEU A 1 39 ? -7.924  5.829   1.176   1.00 25.20  ? 39  LEU A C   1 
ATOM   324 O  O   . LEU A 1 39 ? -7.785  6.816   1.900   1.00 18.99  ? 39  LEU A O   1 
ATOM   325 C  CB  . LEU A 1 39 ? -6.496  3.756   1.372   1.00 17.84  ? 39  LEU A CB  1 
ATOM   326 C  CG  . LEU A 1 39 ? -5.179  4.514   1.578   1.00 25.83  ? 39  LEU A CG  1 
ATOM   327 C  CD1 . LEU A 1 39 ? -4.961  4.893   3.041   1.00 19.11  ? 39  LEU A CD1 1 
ATOM   328 C  CD2 . LEU A 1 39 ? -4.014  3.686   1.063   1.00 24.04  ? 39  LEU A CD2 1 
ATOM   329 N  N   . GLU A 1 40 ? -8.176  5.912   -0.131  1.00 17.58  ? 40  GLU A N   1 
ATOM   330 C  CA  . GLU A 1 40 ? -8.310  7.195   -0.826  1.00 18.81  ? 40  GLU A CA  1 
ATOM   331 C  C   . GLU A 1 40 ? -9.499  8.002   -0.309  1.00 26.26  ? 40  GLU A C   1 
ATOM   332 O  O   . GLU A 1 40 ? -9.415  9.227   -0.170  1.00 22.44  ? 40  GLU A O   1 
ATOM   333 C  CB  . GLU A 1 40 ? -8.448  6.980   -2.334  1.00 14.67  ? 40  GLU A CB  1 
ATOM   334 C  CG  . GLU A 1 40 ? -7.166  6.553   -3.034  1.00 17.47  ? 40  GLU A CG  1 
ATOM   335 C  CD  . GLU A 1 40 ? -7.367  6.329   -4.521  1.00 25.06  ? 40  GLU A CD  1 
ATOM   336 O  OE1 . GLU A 1 40 ? -8.309  5.597   -4.896  1.00 27.27  ? 40  GLU A OE1 1 
ATOM   337 O  OE2 . GLU A 1 40 ? -6.579  6.880   -5.318  1.00 24.52  ? 40  GLU A OE2 1 
ATOM   338 N  N   . GLU A 1 41 ? -10.598 7.304   -0.026  1.00 20.94  ? 41  GLU A N   1 
ATOM   339 C  CA  . GLU A 1 41 ? -11.824 7.925   0.473   1.00 23.50  ? 41  GLU A CA  1 
ATOM   340 C  C   . GLU A 1 41 ? -11.643 8.470   1.889   1.00 27.00  ? 41  GLU A C   1 
ATOM   341 O  O   . GLU A 1 41 ? -12.136 9.552   2.208   1.00 29.04  ? 41  GLU A O   1 
ATOM   342 C  CB  . GLU A 1 41 ? -12.989 6.931   0.420   1.00 22.78  ? 41  GLU A CB  1 
ATOM   343 C  CG  . GLU A 1 41 ? -13.466 6.613   -0.999  1.00 17.65  ? 41  GLU A CG  1 
ATOM   344 C  CD  . GLU A 1 41 ? -14.263 5.319   -1.102  1.00 19.03  ? 41  GLU A CD  1 
ATOM   345 O  OE1 . GLU A 1 41 ? -14.665 4.767   -0.056  1.00 27.43  ? 41  GLU A OE1 1 
ATOM   346 O  OE2 . GLU A 1 41 ? -14.494 4.852   -2.240  1.00 22.36  ? 41  GLU A OE2 1 
ATOM   347 N  N   . GLU A 1 42 ? -10.929 7.722   2.726   1.00 22.06  ? 42  GLU A N   1 
ATOM   348 C  CA  . GLU A 1 42 ? -10.646 8.155   4.096   1.00 27.36  ? 42  GLU A CA  1 
ATOM   349 C  C   . GLU A 1 42 ? -9.788  9.422   4.117   1.00 26.92  ? 42  GLU A C   1 
ATOM   350 O  O   . GLU A 1 42 ? -10.073 10.359  4.865   1.00 31.54  ? 42  GLU A O   1 
ATOM   351 C  CB  . GLU A 1 42 ? -9.965  7.036   4.887   1.00 30.99  ? 42  GLU A CB  1 
ATOM   352 C  CG  . GLU A 1 42 ? -9.880  7.305   6.387   1.00 33.12  ? 42  GLU A CG  1 
ATOM   353 C  CD  . GLU A 1 42 ? -9.001  6.310   7.123   1.00 46.54  ? 42  GLU A CD  1 
ATOM   354 O  OE1 . GLU A 1 42 ? -8.225  6.749   7.997   1.00 44.01  ? 42  GLU A OE1 1 
ATOM   355 O  OE2 . GLU A 1 42 ? -9.083  5.096   6.834   1.00 45.99  ? 42  GLU A OE2 1 
ATOM   356 N  N   . LEU A 1 43 ? -8.751  9.443   3.282   1.00 24.17  ? 43  LEU A N   1 
ATOM   357 C  CA  . LEU A 1 43 ? -7.821  10.571  3.201   1.00 23.78  ? 43  LEU A CA  1 
ATOM   358 C  C   . LEU A 1 43 ? -8.420  11.776  2.479   1.00 31.19  ? 43  LEU A C   1 
ATOM   359 O  O   . LEU A 1 43 ? -7.971  12.908  2.672   1.00 31.26  ? 43  LEU A O   1 
ATOM   360 C  CB  . LEU A 1 43 ? -6.524  10.145  2.502   1.00 29.41  ? 43  LEU A CB  1 
ATOM   361 C  CG  . LEU A 1 43 ? -5.647  9.059   3.135   1.00 24.55  ? 43  LEU A CG  1 
ATOM   362 C  CD1 . LEU A 1 43 ? -4.542  8.636   2.176   1.00 26.21  ? 43  LEU A CD1 1 
ATOM   363 C  CD2 . LEU A 1 43 ? -5.058  9.515   4.461   1.00 31.95  ? 43  LEU A CD2 1 
ATOM   364 N  N   . GLY A 1 44 ? -9.425  11.524  1.643   1.00 33.55  ? 44  GLY A N   1 
ATOM   365 C  CA  . GLY A 1 44 ? -10.053 12.570  0.841   1.00 30.45  ? 44  GLY A CA  1 
ATOM   366 C  C   . GLY A 1 44 ? -9.159  13.031  -0.292  1.00 25.87  ? 44  GLY A C   1 
ATOM   367 O  O   . GLY A 1 44 ? -9.169  14.206  -0.660  1.00 39.22  ? 44  GLY A O   1 
ATOM   368 N  N   . ILE A 1 45 ? -8.382  12.097  -0.839  1.00 28.56  ? 45  ILE A N   1 
ATOM   369 C  CA  . ILE A 1 45 ? -7.423  12.387  -1.910  1.00 28.42  ? 45  ILE A CA  1 
ATOM   370 C  C   . ILE A 1 45 ? -7.373  11.250  -2.936  1.00 45.96  ? 45  ILE A C   1 
ATOM   371 O  O   . ILE A 1 45 ? -7.788  10.124  -2.648  1.00 36.25  ? 45  ILE A O   1 
ATOM   372 C  CB  . ILE A 1 45 ? -5.986  12.643  -1.356  1.00 34.92  ? 45  ILE A CB  1 
ATOM   373 C  CG1 . ILE A 1 45 ? -5.406  11.369  -0.727  1.00 38.85  ? 45  ILE A CG1 1 
ATOM   374 C  CG2 . ILE A 1 45 ? -5.963  13.818  -0.368  1.00 39.49  ? 45  ILE A CG2 1 
ATOM   375 C  CD1 . ILE A 1 45 ? -4.027  11.538  -0.148  1.00 56.43  ? 45  ILE A CD1 1 
ATOM   376 N  N   . GLN A 1 46 ? -6.872  11.555  -4.130  1.00 24.27  ? 46  GLN A N   1 
ATOM   377 C  CA  . GLN A 1 46 ? -6.589  10.533  -5.134  1.00 20.92  ? 46  GLN A CA  1 
ATOM   378 C  C   . GLN A 1 46 ? -5.104  10.195  -5.107  1.00 20.17  ? 46  GLN A C   1 
ATOM   379 O  O   . GLN A 1 46 ? -4.261  11.042  -5.419  1.00 24.49  ? 46  GLN A O   1 
ATOM   380 C  CB  . GLN A 1 46 ? -6.999  11.000  -6.532  1.00 29.76  ? 46  GLN A CB  1 
ATOM   381 C  CG  . GLN A 1 46 ? -8.505  11.042  -6.762  1.00 51.28  ? 46  GLN A CG  1 
ATOM   382 C  CD  . GLN A 1 46 ? -8.875  11.501  -8.161  1.00 44.79  ? 46  GLN A CD  1 
ATOM   383 O  OE1 . GLN A 1 46 ? -8.216  12.364  -8.741  1.00 43.90  ? 46  GLN A OE1 1 
ATOM   384 N  NE2 . GLN A 1 46 ? -9.940  10.926  -8.707  1.00 49.70  ? 46  GLN A NE2 1 
ATOM   385 N  N   . LEU A 1 47 ? -4.796  8.962   -4.712  1.00 20.48  ? 47  LEU A N   1 
ATOM   386 C  CA  . LEU A 1 47 ? -3.416  8.474   -4.649  1.00 17.77  ? 47  LEU A CA  1 
ATOM   387 C  C   . LEU A 1 47 ? -2.961  7.928   -5.996  1.00 22.01  ? 47  LEU A C   1 
ATOM   388 O  O   . LEU A 1 47 ? -1.767  7.907   -6.303  1.00 18.55  ? 47  LEU A O   1 
ATOM   389 C  CB  . LEU A 1 47 ? -3.286  7.383   -3.586  1.00 18.71  ? 47  LEU A CB  1 
ATOM   390 C  CG  . LEU A 1 47 ? -3.447  7.771   -2.115  1.00 23.66  ? 47  LEU A CG  1 
ATOM   391 C  CD1 . LEU A 1 47 ? -3.507  6.526   -1.252  1.00 20.13  ? 47  LEU A CD1 1 
ATOM   392 C  CD2 . LEU A 1 47 ? -2.315  8.681   -1.662  1.00 25.85  ? 47  LEU A CD2 1 
ATOM   393 N  N   . LEU A 1 48 ? -3.925  7.474   -6.790  1.00 20.87  ? 48  LEU A N   1 
ATOM   394 C  CA  . LEU A 1 48 ? -3.649  6.899   -8.100  1.00 20.82  ? 48  LEU A CA  1 
ATOM   395 C  C   . LEU A 1 48 ? -4.427  7.644   -9.172  1.00 30.38  ? 48  LEU A C   1 
ATOM   396 O  O   . LEU A 1 48 ? -5.550  8.102   -8.933  1.00 25.75  ? 48  LEU A O   1 
ATOM   397 C  CB  . LEU A 1 48 ? -4.020  5.412   -8.122  1.00 17.85  ? 48  LEU A CB  1 
ATOM   398 C  CG  . LEU A 1 48 ? -3.346  4.491   -7.100  1.00 21.08  ? 48  LEU A CG  1 
ATOM   399 C  CD1 . LEU A 1 48 ? -4.050  3.146   -7.053  1.00 24.46  ? 48  LEU A CD1 1 
ATOM   400 C  CD2 . LEU A 1 48 ? -1.861  4.318   -7.401  1.00 20.32  ? 48  LEU A CD2 1 
ATOM   401 N  N   . GLU A 1 49 ? -3.818  7.779   -10.347 1.00 18.87  ? 49  GLU A N   1 
ATOM   402 C  CA  . GLU A 1 49 ? -4.495  8.375   -11.488 1.00 22.93  ? 49  GLU A CA  1 
ATOM   403 C  C   . GLU A 1 49 ? -5.604  7.422   -11.910 1.00 20.32  ? 49  GLU A C   1 
ATOM   404 O  O   . GLU A 1 49 ? -5.338  6.283   -12.301 1.00 26.80  ? 49  GLU A O   1 
ATOM   405 C  CB  . GLU A 1 49 ? -3.520  8.627   -12.640 1.00 25.57  ? 49  GLU A CB  1 
ATOM   406 C  CG  . GLU A 1 49 ? -2.542  9.771   -12.393 1.00 45.72  ? 49  GLU A CG  1 
ATOM   407 C  CD  . GLU A 1 49 ? -1.664  10.081  -13.597 1.00 513.71 ? 49  GLU A CD  1 
ATOM   408 O  OE1 . GLU A 1 49 ? -1.919  9.540   -14.695 1.00 48.92  ? 49  GLU A OE1 1 
ATOM   409 O  OE2 . GLU A 1 49 ? -0.712  10.875  -13.441 1.00 43.16  ? 49  GLU A OE2 1 
ATOM   410 N  N   . ARG A 1 50 ? -6.845  7.883   -11.787 1.00 28.50  ? 50  ARG A N   1 
ATOM   411 C  CA  . ARG A 1 50 ? -8.008  7.041   -12.041 1.00 35.19  ? 50  ARG A CA  1 
ATOM   412 C  C   . ARG A 1 50 ? -8.087  6.683   -13.527 1.00 31.26  ? 50  ARG A C   1 
ATOM   413 O  O   . ARG A 1 50 ? -8.180  7.563   -14.385 1.00 35.79  ? 50  ARG A O   1 
ATOM   414 C  CB  . ARG A 1 50 ? -9.293  7.729   -11.548 1.00 37.54  ? 50  ARG A CB  1 
ATOM   415 C  CG  . ARG A 1 50 ? -10.517 6.813   -11.414 1.00 30.32  ? 50  ARG A CG  1 
ATOM   416 C  CD  . ARG A 1 50 ? -10.416 5.860   -10.222 1.00 29.62  ? 50  ARG A CD  1 
ATOM   417 N  NE  . ARG A 1 50 ? -11.489 4.863   -10.237 1.00 29.30  ? 50  ARG A NE  1 
ATOM   418 C  CZ  . ARG A 1 50 ? -11.443 3.680   -9.627  1.00 74.06  ? 50  ARG A CZ  1 
ATOM   419 N  NH1 . ARG A 1 50 ? -12.478 2.854   -9.713  1.00 33.58  ? 50  ARG A NH1 1 
ATOM   420 N  NH2 . ARG A 1 50 ? -10.371 3.315   -8.933  1.00 34.05  ? 50  ARG A NH2 1 
ATOM   421 N  N   . GLY A 1 51 ? -8.013  5.386   -13.813 1.00 32.30  ? 51  GLY A N   1 
ATOM   422 C  CA  . GLY A 1 51 ? -8.067  4.881   -15.183 1.00 41.20  ? 51  GLY A CA  1 
ATOM   423 C  C   . GLY A 1 51 ? -6.717  4.665   -15.846 1.00 31.05  ? 51  GLY A C   1 
ATOM   424 O  O   . GLY A 1 51 ? -6.658  4.208   -16.989 1.00 36.85  ? 51  GLY A O   1 
ATOM   425 N  N   . SER A 1 52 ? -5.634  4.983   -15.135 1.00 32.76  ? 52  SER A N   1 
ATOM   426 C  CA  . SER A 1 52 ? -4.277  4.864   -15.682 1.00 39.39  ? 52  SER A CA  1 
ATOM   427 C  C   . SER A 1 52 ? -3.864  3.412   -15.919 1.00 34.40  ? 52  SER A C   1 
ATOM   428 O  O   . SER A 1 52 ? -4.048  2.554   -15.050 1.00 27.78  ? 52  SER A O   1 
ATOM   429 C  CB  . SER A 1 52 ? -3.254  5.564   -14.778 1.00 38.08  ? 52  SER A CB  1 
ATOM   430 O  OG  . SER A 1 52 ? -3.216  4.986   -13.481 1.00 29.92  ? 52  SER A OG  1 
ATOM   431 N  N   . ARG A 1 53 ? -3.315  3.155   -17.106 1.00 27.96  ? 53  ARG A N   1 
ATOM   432 C  CA  . ARG A 1 53 ? -2.822  1.831   -17.500 1.00 33.56  ? 53  ARG A CA  1 
ATOM   433 C  C   . ARG A 1 53 ? -1.444  1.957   -18.162 1.00 47.49  ? 53  ARG A C   1 
ATOM   434 O  O   . ARG A 1 53 ? -1.332  2.549   -19.239 1.00 42.19  ? 53  ARG A O   1 
ATOM   435 C  CB  . ARG A 1 53 ? -3.797  1.139   -18.467 1.00 36.40  ? 53  ARG A CB  1 
ATOM   436 C  CG  . ARG A 1 53 ? -5.223  0.936   -17.949 1.00 50.02  ? 53  ARG A CG  1 
ATOM   437 C  CD  . ARG A 1 53 ? -5.269  0.028   -16.728 1.00 68.84  ? 53  ARG A CD  1 
ATOM   438 N  NE  . ARG A 1 53 ? -6.630  -0.144  -16.224 1.00 509.34 ? 53  ARG A NE  1 
ATOM   439 C  CZ  . ARG A 1 53 ? -6.933  -0.629  -15.022 1.00 138.68 ? 53  ARG A CZ  1 
ATOM   440 N  NH1 . ARG A 1 53 ? -8.203  -0.746  -14.658 1.00 106.94 ? 53  ARG A NH1 1 
ATOM   441 N  NH2 . ARG A 1 53 ? -5.975  -0.990  -14.179 1.00 73.67  ? 53  ARG A NH2 1 
ATOM   442 N  N   . PRO A 1 54 ? -0.386  1.413   -17.522 1.00 35.95  ? 54  PRO A N   1 
ATOM   443 C  CA  . PRO A 1 54 ? -0.386  0.746   -16.215 1.00 36.41  ? 54  PRO A CA  1 
ATOM   444 C  C   . PRO A 1 54 ? -0.638  1.717   -15.063 1.00 29.56  ? 54  PRO A C   1 
ATOM   445 O  O   . PRO A 1 54 ? -0.537  2.934   -15.243 1.00 31.96  ? 54  PRO A O   1 
ATOM   446 C  CB  . PRO A 1 54 ? 1.028   0.163   -16.118 1.00 34.70  ? 54  PRO A CB  1 
ATOM   447 C  CG  . PRO A 1 54 ? 1.853   1.016   -17.008 1.00 54.07  ? 54  PRO A CG  1 
ATOM   448 C  CD  . PRO A 1 54 ? 0.953   1.393   -18.142 1.00 45.66  ? 54  PRO A CD  1 
ATOM   449 N  N   . VAL A 1 55 ? -0.963  1.172   -13.894 1.00 25.48  ? 55  VAL A N   1 
ATOM   450 C  CA  . VAL A 1 55 ? -1.293  1.975   -12.718 1.00 26.18  ? 55  VAL A CA  1 
ATOM   451 C  C   . VAL A 1 55 ? -0.166  2.951   -12.377 1.00 33.79  ? 55  VAL A C   1 
ATOM   452 O  O   . VAL A 1 55 ? 0.990   2.555   -12.200 1.00 25.27  ? 55  VAL A O   1 
ATOM   453 C  CB  . VAL A 1 55 ? -1.630  1.089   -11.496 1.00 20.27  ? 55  VAL A CB  1 
ATOM   454 C  CG1 . VAL A 1 55 ? -1.973  1.948   -10.284 1.00 21.10  ? 55  VAL A CG1 1 
ATOM   455 C  CG2 . VAL A 1 55 ? -2.788  0.155   -11.824 1.00 24.45  ? 55  VAL A CG2 1 
ATOM   456 N  N   . LYS A 1 56 ? -0.525  4.230   -12.306 1.00 22.37  ? 56  LYS A N   1 
ATOM   457 C  CA  . LYS A 1 56 ? 0.425   5.294   -12.011 1.00 25.40  ? 56  LYS A CA  1 
ATOM   458 C  C   . LYS A 1 56 ? -0.078  6.137   -10.845 1.00 25.47  ? 56  LYS A C   1 
ATOM   459 O  O   . LYS A 1 56 ? -1.279  6.393   -10.724 1.00 23.13  ? 56  LYS A O   1 
ATOM   460 C  CB  . LYS A 1 56 ? 0.640   6.169   -13.250 1.00 26.04  ? 56  LYS A CB  1 
ATOM   461 C  CG  . LYS A 1 56 ? 1.895   7.033   -13.198 1.00 33.11  ? 56  LYS A CG  1 
ATOM   462 C  CD  . LYS A 1 56 ? 1.971   7.976   -14.387 1.00 50.63  ? 56  LYS A CD  1 
ATOM   463 C  CE  . LYS A 1 56 ? 3.207   8.858   -14.310 1.00 73.87  ? 56  LYS A CE  1 
ATOM   464 N  NZ  . LYS A 1 56 ? 3.291   9.795   -15.463 1.00 161.75 ? 56  LYS A NZ  1 
ATOM   465 N  N   . THR A 1 57 ? 0.846   6.560   -9.987  1.00 20.09  ? 57  THR A N   1 
ATOM   466 C  CA  . THR A 1 57 ? 0.507   7.421   -8.857  1.00 22.42  ? 57  THR A CA  1 
ATOM   467 C  C   . THR A 1 57 ? 0.272   8.858   -9.303  1.00 21.50  ? 57  THR A C   1 
ATOM   468 O  O   . THR A 1 57 ? 0.826   9.306   -10.307 1.00 17.86  ? 57  THR A O   1 
ATOM   469 C  CB  . THR A 1 57 ? 1.622   7.440   -7.790  1.00 18.70  ? 57  THR A CB  1 
ATOM   470 O  OG1 . THR A 1 57 ? 2.886   7.708   -8.413  1.00 20.34  ? 57  THR A OG1 1 
ATOM   471 C  CG2 . THR A 1 57 ? 1.687   6.113   -7.047  1.00 16.22  ? 57  THR A CG2 1 
ATOM   472 N  N   . THR A 1 58 ? -0.548  9.576   -8.539  1.00 21.46  ? 58  THR A N   1 
ATOM   473 C  CA  . THR A 1 58 ? -0.606  11.030  -8.624  1.00 26.61  ? 58  THR A CA  1 
ATOM   474 C  C   . THR A 1 58 ? 0.638   11.573  -7.905  1.00 28.62  ? 58  THR A C   1 
ATOM   475 O  O   . THR A 1 58 ? 1.318   10.814  -7.210  1.00 22.91  ? 58  THR A O   1 
ATOM   476 C  CB  . THR A 1 58 ? -1.885  11.584  -7.967  1.00 23.84  ? 58  THR A CB  1 
ATOM   477 O  OG1 . THR A 1 58 ? -1.917  11.203  -6.585  1.00 20.25  ? 58  THR A OG1 1 
ATOM   478 C  CG2 . THR A 1 58 ? -3.130  11.057  -8.677  1.00 28.16  ? 58  THR A CG2 1 
ATOM   479 N  N   . PRO A 1 59 ? 0.960   12.872  -8.080  1.00 27.46  ? 59  PRO A N   1 
ATOM   480 C  CA  . PRO A 1 59 ? 2.102   13.429  -7.346  1.00 27.83  ? 59  PRO A CA  1 
ATOM   481 C  C   . PRO A 1 59 ? 1.997   13.250  -5.828  1.00 30.35  ? 59  PRO A C   1 
ATOM   482 O  O   . PRO A 1 59 ? 2.983   12.876  -5.188  1.00 24.81  ? 59  PRO A O   1 
ATOM   483 C  CB  . PRO A 1 59 ? 2.062   14.911  -7.719  1.00 28.59  ? 59  PRO A CB  1 
ATOM   484 C  CG  . PRO A 1 59 ? 1.463   14.921  -9.076  1.00 39.35  ? 59  PRO A CG  1 
ATOM   485 C  CD  . PRO A 1 59 ? 0.429   13.832  -9.067  1.00 27.44  ? 59  PRO A CD  1 
ATOM   486 N  N   . GLU A 1 60 ? 0.814   13.501  -5.266  1.00 23.13  ? 60  GLU A N   1 
ATOM   487 C  CA  . GLU A 1 60 ? 0.585   13.275  -3.835  1.00 30.18  ? 60  GLU A CA  1 
ATOM   488 C  C   . GLU A 1 60 ? 0.614   11.785  -3.503  1.00 26.13  ? 60  GLU A C   1 
ATOM   489 O  O   . GLU A 1 60 ? 1.001   11.395  -2.399  1.00 25.03  ? 60  GLU A O   1 
ATOM   490 C  CB  . GLU A 1 60 ? -0.724  13.922  -3.352  1.00 31.46  ? 60  GLU A CB  1 
ATOM   491 C  CG  . GLU A 1 60 ? -1.997  13.501  -4.088  1.00 37.01  ? 60  GLU A CG  1 
ATOM   492 C  CD  . GLU A 1 60 ? -2.345  14.406  -5.262  1.00 39.95  ? 60  GLU A CD  1 
ATOM   493 O  OE1 . GLU A 1 60 ? -3.554  14.587  -5.522  1.00 32.42  ? 60  GLU A OE1 1 
ATOM   494 O  OE2 . GLU A 1 60 ? -1.425  14.934  -5.925  1.00 32.99  ? 60  GLU A OE2 1 
ATOM   495 N  N   . GLY A 1 61 ? 0.206   10.966  -4.470  1.00 23.14  ? 61  GLY A N   1 
ATOM   496 C  CA  . GLY A 1 61 ? 0.243   9.513   -4.340  1.00 22.64  ? 61  GLY A CA  1 
ATOM   497 C  C   . GLY A 1 61 ? 1.657   8.977   -4.244  1.00 24.68  ? 61  GLY A C   1 
ATOM   498 O  O   . GLY A 1 61 ? 1.933   8.099   -3.423  1.00 18.13  ? 61  GLY A O   1 
ATOM   499 N  N   . HIS A 1 62 ? 2.556   9.499   -5.078  1.00 16.13  ? 62  HIS A N   1 
ATOM   500 C  CA  . HIS A 1 62 ? 3.964   9.096   -5.025  1.00 17.95  ? 62  HIS A CA  1 
ATOM   501 C  C   . HIS A 1 62 ? 4.642   9.568   -3.739  1.00 21.20  ? 62  HIS A C   1 
ATOM   502 O  O   . HIS A 1 62 ? 5.443   8.837   -3.156  1.00 21.25  ? 62  HIS A O   1 
ATOM   503 C  CB  . HIS A 1 62 ? 4.746   9.578   -6.248  1.00 20.00  ? 62  HIS A CB  1 
ATOM   504 C  CG  . HIS A 1 62 ? 6.100   8.950   -6.371  1.00 39.38  ? 62  HIS A CG  1 
ATOM   505 N  ND1 . HIS A 1 62 ? 6.309   7.754   -7.020  1.00 46.96  ? 62  HIS A ND1 1 
ATOM   506 C  CD2 . HIS A 1 62 ? 7.309   9.339   -5.902  1.00 48.76  ? 62  HIS A CD2 1 
ATOM   507 C  CE1 . HIS A 1 62 ? 7.591   7.439   -6.961  1.00 48.00  ? 62  HIS A CE1 1 
ATOM   508 N  NE2 . HIS A 1 62 ? 8.221   8.386   -6.290  1.00 66.81  ? 62  HIS A NE2 1 
ATOM   509 N  N   . PHE A 1 63 ? 4.311   10.785  -3.305  1.00 26.20  ? 63  PHE A N   1 
ATOM   510 C  CA  . PHE A 1 63 ? 4.777   11.313  -2.022  1.00 26.37  ? 63  PHE A CA  1 
ATOM   511 C  C   . PHE A 1 63 ? 4.372   10.379  -0.880  1.00 21.43  ? 63  PHE A C   1 
ATOM   512 O  O   . PHE A 1 63 ? 5.213   9.969   -0.074  1.00 19.71  ? 63  PHE A O   1 
ATOM   513 C  CB  . PHE A 1 63 ? 4.227   12.729  -1.783  1.00 22.08  ? 63  PHE A CB  1 
ATOM   514 C  CG  . PHE A 1 63 ? 4.572   13.298  -0.432  1.00 32.72  ? 63  PHE A CG  1 
ATOM   515 C  CD1 . PHE A 1 63 ? 5.749   14.014  -0.247  1.00 41.18  ? 63  PHE A CD1 1 
ATOM   516 C  CD2 . PHE A 1 63 ? 3.724   13.110  0.656   1.00 22.79  ? 63  PHE A CD2 1 
ATOM   517 C  CE1 . PHE A 1 63 ? 6.074   14.535  0.996   1.00 30.83  ? 63  PHE A CE1 1 
ATOM   518 C  CE2 . PHE A 1 63 ? 4.043   13.627  1.907   1.00 34.08  ? 63  PHE A CE2 1 
ATOM   519 C  CZ  . PHE A 1 63 ? 5.220   14.342  2.076   1.00 35.62  ? 63  PHE A CZ  1 
ATOM   520 N  N   . PHE A 1 64 ? 3.082   10.047  -0.831  1.00 17.96  ? 64  PHE A N   1 
ATOM   521 C  CA  . PHE A 1 64 ? 2.526   9.117   0.150   1.00 17.57  ? 64  PHE A CA  1 
ATOM   522 C  C   . PHE A 1 64 ? 3.234   7.764   0.080   1.00 14.40  ? 64  PHE A C   1 
ATOM   523 O  O   . PHE A 1 64 ? 3.599   7.198   1.116   1.00 16.11  ? 64  PHE A O   1 
ATOM   524 C  CB  . PHE A 1 64 ? 1.019   8.950   -0.091  1.00 16.41  ? 64  PHE A CB  1 
ATOM   525 C  CG  . PHE A 1 64 ? 0.296   8.204   1.002   1.00 20.51  ? 64  PHE A CG  1 
ATOM   526 C  CD1 . PHE A 1 64 ? -0.162  8.873   2.133   1.00 25.05  ? 64  PHE A CD1 1 
ATOM   527 C  CD2 . PHE A 1 64 ? 0.056   6.838   0.888   1.00 17.97  ? 64  PHE A CD2 1 
ATOM   528 C  CE1 . PHE A 1 64 ? -0.836  8.190   3.141   1.00 24.66  ? 64  PHE A CE1 1 
ATOM   529 C  CE2 . PHE A 1 64 ? -0.619  6.148   1.888   1.00 21.28  ? 64  PHE A CE2 1 
ATOM   530 C  CZ  . PHE A 1 64 ? -1.068  6.827   3.017   1.00 18.07  ? 64  PHE A CZ  1 
ATOM   531 N  N   . TYR A 1 65 ? 3.433   7.266   -1.142  1.00 16.78  ? 65  TYR A N   1 
ATOM   532 C  CA  . TYR A 1 65 ? 4.139   6.003   -1.380  1.00 16.18  ? 65  TYR A CA  1 
ATOM   533 C  C   . TYR A 1 65 ? 5.533   5.978   -0.750  1.00 15.81  ? 65  TYR A C   1 
ATOM   534 O  O   . TYR A 1 65 ? 5.888   5.022   -0.053  1.00 18.06  ? 65  TYR A O   1 
ATOM   535 C  CB  . TYR A 1 65 ? 4.225   5.689   -2.885  1.00 16.09  ? 65  TYR A CB  1 
ATOM   536 C  CG  . TYR A 1 65 ? 5.249   4.622   -3.215  1.00 17.55  ? 65  TYR A CG  1 
ATOM   537 C  CD1 . TYR A 1 65 ? 4.973   3.270   -2.994  1.00 16.44  ? 65  TYR A CD1 1 
ATOM   538 C  CD2 . TYR A 1 65 ? 6.503   4.966   -3.724  1.00 19.19  ? 65  TYR A CD2 1 
ATOM   539 C  CE1 . TYR A 1 65 ? 5.915   2.287   -3.284  1.00 21.49  ? 65  TYR A CE1 1 
ATOM   540 C  CE2 . TYR A 1 65 ? 7.454   3.991   -4.013  1.00 25.07  ? 65  TYR A CE2 1 
ATOM   541 C  CZ  . TYR A 1 65 ? 7.152   2.655   -3.792  1.00 22.98  ? 65  TYR A CZ  1 
ATOM   542 O  OH  . TYR A 1 65 ? 8.091   1.692   -4.077  1.00 24.42  ? 65  TYR A OH  1 
ATOM   543 N  N   . GLN A 1 66 ? 6.315   7.028   -0.998  1.00 14.30  ? 66  GLN A N   1 
ATOM   544 C  CA  . GLN A 1 66 ? 7.685   7.107   -0.490  1.00 15.75  ? 66  GLN A CA  1 
ATOM   545 C  C   . GLN A 1 66 ? 7.742   7.103   1.039   1.00 17.44  ? 66  GLN A C   1 
ATOM   546 O  O   . GLN A 1 66 ? 8.631   6.495   1.628   1.00 20.08  ? 66  GLN A O   1 
ATOM   547 C  CB  . GLN A 1 66 ? 8.419   8.317   -1.075  1.00 17.73  ? 66  GLN A CB  1 
ATOM   548 C  CG  . GLN A 1 66 ? 8.775   8.135   -2.552  1.00 22.02  ? 66  GLN A CG  1 
ATOM   549 C  CD  . GLN A 1 66 ? 9.631   9.260   -3.105  1.00 45.42  ? 66  GLN A CD  1 
ATOM   550 O  OE1 . GLN A 1 66 ? 10.800  9.059   -3.428  1.00 79.17  ? 66  GLN A OE1 1 
ATOM   551 N  NE2 . GLN A 1 66 ? 9.052   10.452  -3.213  1.00 63.23  ? 66  GLN A NE2 1 
ATOM   552 N  N   . TYR A 1 67 ? 6.776   7.752   1.678   1.00 15.42  ? 67  TYR A N   1 
ATOM   553 C  CA  . TYR A 1 67 ? 6.728   7.736   3.138   1.00 17.63  ? 67  TYR A CA  1 
ATOM   554 C  C   . TYR A 1 67 ? 6.125   6.455   3.699   1.00 12.64  ? 67  TYR A C   1 
ATOM   555 O  O   . TYR A 1 67 ? 6.490   6.026   4.794   1.00 18.37  ? 67  TYR A O   1 
ATOM   556 C  CB  . TYR A 1 67 ? 6.060   8.997   3.693   1.00 21.06  ? 67  TYR A CB  1 
ATOM   557 C  CG  . TYR A 1 67 ? 7.035   10.152  3.777   1.00 29.03  ? 67  TYR A CG  1 
ATOM   558 C  CD1 . TYR A 1 67 ? 6.982   11.206  2.868   1.00 30.14  ? 67  TYR A CD1 1 
ATOM   559 C  CD2 . TYR A 1 67 ? 8.042   10.166  4.745   1.00 32.64  ? 67  TYR A CD2 1 
ATOM   560 C  CE1 . TYR A 1 67 ? 7.890   12.260  2.939   1.00 38.12  ? 67  TYR A CE1 1 
ATOM   561 C  CE2 . TYR A 1 67 ? 8.956   11.211  4.821   1.00 34.94  ? 67  TYR A CE2 1 
ATOM   562 C  CZ  . TYR A 1 67 ? 8.873   12.255  3.915   1.00 35.10  ? 67  TYR A CZ  1 
ATOM   563 O  OH  . TYR A 1 67 ? 9.774   13.292  3.989   1.00 41.78  ? 67  TYR A OH  1 
ATOM   564 N  N   . ALA A 1 68 ? 5.227   5.837   2.934   1.00 14.44  ? 68  ALA A N   1 
ATOM   565 C  CA  . ALA A 1 68 ? 4.642   4.552   3.313   1.00 14.37  ? 68  ALA A CA  1 
ATOM   566 C  C   . ALA A 1 68 ? 5.704   3.450   3.383   1.00 17.39  ? 68  ALA A C   1 
ATOM   567 O  O   . ALA A 1 68 ? 5.705   2.654   4.321   1.00 15.85  ? 68  ALA A O   1 
ATOM   568 C  CB  . ALA A 1 68 ? 3.523   4.162   2.357   1.00 11.80  ? 68  ALA A CB  1 
ATOM   569 N  N   . ILE A 1 69 ? 6.610   3.407   2.407   1.00 14.42  ? 69  ILE A N   1 
ATOM   570 C  CA  . ILE A 1 69 ? 7.668   2.383   2.424   1.00 16.00  ? 69  ILE A CA  1 
ATOM   571 C  C   . ILE A 1 69 ? 8.636   2.581   3.594   1.00 17.25  ? 69  ILE A C   1 
ATOM   572 O  O   . ILE A 1 69 ? 9.102   1.605   4.186   1.00 16.86  ? 69  ILE A O   1 
ATOM   573 C  CB  . ILE A 1 69 ? 8.431   2.229   1.069   1.00 21.34  ? 69  ILE A CB  1 
ATOM   574 C  CG1 . ILE A 1 69 ? 9.166   3.511   0.671   1.00 30.58  ? 69  ILE A CG1 1 
ATOM   575 C  CG2 . ILE A 1 69 ? 7.487   1.769   -0.037  1.00 21.68  ? 69  ILE A CG2 1 
ATOM   576 C  CD1 . ILE A 1 69 ? 10.245  3.296   -0.385  1.00 80.80  ? 69  ILE A CD1 1 
ATOM   577 N  N   . LYS A 1 70 ? 8.914   3.844   3.921   1.00 18.21  ? 70  LYS A N   1 
ATOM   578 C  CA  A LYS A 1 70 ? 9.747   4.194   5.069   0.50 23.63  ? 70  LYS A CA  1 
ATOM   579 C  CA  B LYS A 1 70 ? 9.747   4.184   5.073   0.50 23.52  ? 70  LYS A CA  1 
ATOM   580 C  C   . LYS A 1 70 ? 9.081   3.711   6.360   1.00 23.47  ? 70  LYS A C   1 
ATOM   581 O  O   . LYS A 1 70 ? 9.727   3.102   7.215   1.00 16.94  ? 70  LYS A O   1 
ATOM   582 C  CB  A LYS A 1 70 ? 9.988   5.709   5.100   0.50 20.81  ? 70  LYS A CB  1 
ATOM   583 C  CB  B LYS A 1 70 ? 10.011  5.692   5.137   0.50 17.01  ? 70  LYS A CB  1 
ATOM   584 C  CG  A LYS A 1 70 ? 11.037  6.189   6.096   0.50 13.45  ? 70  LYS A CG  1 
ATOM   585 C  CG  B LYS A 1 70 ? 10.970  6.212   4.076   0.50 11.88  ? 70  LYS A CG  1 
ATOM   586 C  CD  A LYS A 1 70 ? 10.400  6.784   7.342   0.50 66.80  ? 70  LYS A CD  1 
ATOM   587 C  CD  B LYS A 1 70 ? 11.245  7.697   4.264   0.50 27.28  ? 70  LYS A CD  1 
ATOM   588 C  CE  A LYS A 1 70 ? 11.440  7.434   8.239   0.50 60.05  ? 70  LYS A CE  1 
ATOM   589 C  CE  B LYS A 1 70 ? 12.155  8.235   3.170   0.50 42.44  ? 70  LYS A CE  1 
ATOM   590 N  NZ  A LYS A 1 70 ? 10.815  8.129   9.398   0.50 48.77  ? 70  LYS A NZ  1 
ATOM   591 N  NZ  B LYS A 1 70 ? 12.438  9.687   3.340   0.50 48.22  ? 70  LYS A NZ  1 
ATOM   592 N  N   . LEU A 1 71 ? 7.782   3.974   6.483   1.00 17.40  ? 71  LEU A N   1 
ATOM   593 C  CA  . LEU A 1 71 ? 7.034   3.590   7.678   1.00 20.07  ? 71  LEU A CA  1 
ATOM   594 C  C   . LEU A 1 71 ? 6.942   2.072   7.851   1.00 16.82  ? 71  LEU A C   1 
ATOM   595 O  O   . LEU A 1 71 ? 7.148   1.559   8.952   1.00 18.34  ? 71  LEU A O   1 
ATOM   596 C  CB  . LEU A 1 71 ? 5.652   4.239   7.679   1.00 19.59  ? 71  LEU A CB  1 
ATOM   597 C  CG  . LEU A 1 71 ? 4.986   4.299   9.051   1.00 59.51  ? 71  LEU A CG  1 
ATOM   598 C  CD1 . LEU A 1 71 ? 4.659   5.732   9.416   1.00 58.33  ? 71  LEU A CD1 1 
ATOM   599 C  CD2 . LEU A 1 71 ? 3.759   3.409   9.086   1.00 46.02  ? 71  LEU A CD2 1 
ATOM   600 N  N   . LEU A 1 72 ? 6.660   1.362   6.763   1.00 14.55  ? 72  LEU A N   1 
ATOM   601 C  CA  . LEU A 1 72 ? 6.581   -0.101  6.802   1.00 15.02  ? 72  LEU A CA  1 
ATOM   602 C  C   . LEU A 1 72 ? 7.921   -0.746  7.146   1.00 20.79  ? 72  LEU A C   1 
ATOM   603 O  O   . LEU A 1 72 ? 7.959   -1.775  7.822   1.00 19.41  ? 72  LEU A O   1 
ATOM   604 C  CB  . LEU A 1 72 ? 6.029   -0.661  5.488   1.00 11.66  ? 72  LEU A CB  1 
ATOM   605 C  CG  . LEU A 1 72 ? 4.555   -0.351  5.200   1.00 13.94  ? 72  LEU A CG  1 
ATOM   606 C  CD1 . LEU A 1 72 ? 4.180   -0.777  3.784   1.00 15.67  ? 72  LEU A CD1 1 
ATOM   607 C  CD2 . LEU A 1 72 ? 3.629   -0.993  6.229   1.00 18.23  ? 72  LEU A CD2 1 
ATOM   608 N  N   . SER A 1 73 ? 9.011   -0.133  6.684   1.00 17.13  ? 73  SER A N   1 
ATOM   609 C  CA  . SER A 1 73 ? 10.364  -0.563  7.042   1.00 17.16  ? 73  SER A CA  1 
ATOM   610 C  C   . SER A 1 73 ? 10.607  -0.385  8.540   1.00 16.00  ? 73  SER A C   1 
ATOM   611 O  O   . SER A 1 73 ? 11.166  -1.270  9.196   1.00 22.73  ? 73  SER A O   1 
ATOM   612 C  CB  . SER A 1 73 ? 11.411  0.215   6.240   1.00 23.04  ? 73  SER A CB  1 
ATOM   613 O  OG  . SER A 1 73 ? 12.722  -0.209  6.571   1.00 34.23  ? 73  SER A OG  1 
ATOM   614 N  N   . ASN A 1 74 ? 10.174  0.756   9.070   1.00 16.59  ? 74  ASN A N   1 
ATOM   615 C  CA  . ASN A 1 74 ? 10.277  1.046   10.500  1.00 17.54  ? 74  ASN A CA  1 
ATOM   616 C  C   . ASN A 1 74 ? 9.460   0.084   11.359  1.00 21.95  ? 74  ASN A C   1 
ATOM   617 O  O   . ASN A 1 74 ? 9.911   -0.319  12.436  1.00 19.11  ? 74  ASN A O   1 
ATOM   618 C  CB  . ASN A 1 74 ? 9.884   2.498   10.792  1.00 16.60  ? 74  ASN A CB  1 
ATOM   619 C  CG  . ASN A 1 74 ? 10.892  3.506   10.249  1.00 26.35  ? 74  ASN A CG  1 
ATOM   620 O  OD1 . ASN A 1 74 ? 10.589  4.694   10.133  1.00 33.15  ? 74  ASN A OD1 1 
ATOM   621 N  ND2 . ASN A 1 74 ? 12.093  3.040   9.924   1.00 26.64  ? 74  ASN A ND2 1 
ATOM   622 N  N   . VAL A 1 75 ? 8.269   -0.282  10.880  1.00 16.03  ? 75  VAL A N   1 
ATOM   623 C  CA  . VAL A 1 75 ? 7.434   -1.294  11.546  1.00 20.09  ? 75  VAL A CA  1 
ATOM   624 C  C   . VAL A 1 75 ? 8.197   -2.614  11.650  1.00 20.16  ? 75  VAL A C   1 
ATOM   625 O  O   . VAL A 1 75 ? 8.272   -3.211  12.726  1.00 18.63  ? 75  VAL A O   1 
ATOM   626 C  CB  . VAL A 1 75 ? 6.079   -1.536  10.811  1.00 26.15  ? 75  VAL A CB  1 
ATOM   627 C  CG1 . VAL A 1 75 ? 5.349   -2.747  11.391  1.00 23.58  ? 75  VAL A CG1 1 
ATOM   628 C  CG2 . VAL A 1 75 ? 5.181   -0.311  10.883  1.00 21.16  ? 75  VAL A CG2 1 
ATOM   629 N  N   . ASP A 1 76 ? 8.764   -3.053  10.527  1.00 20.17  ? 76  ASP A N   1 
ATOM   630 C  CA  . ASP A 1 76 ? 9.516   -4.305  10.455  1.00 26.07  ? 76  ASP A CA  1 
ATOM   631 C  C   . ASP A 1 76 ? 10.710  -4.313  11.403  1.00 30.56  ? 76  ASP A C   1 
ATOM   632 O  O   . ASP A 1 76 ? 10.974  -5.318  12.063  1.00 26.59  ? 76  ASP A O   1 
ATOM   633 C  CB  . ASP A 1 76 ? 9.981   -4.577  9.019   1.00 27.65  ? 76  ASP A CB  1 
ATOM   634 C  CG  . ASP A 1 76 ? 8.847   -5.018  8.105   1.00 57.99  ? 76  ASP A CG  1 
ATOM   635 O  OD1 . ASP A 1 76 ? 7.795   -5.470  8.607   1.00 35.00  ? 76  ASP A OD1 1 
ATOM   636 O  OD2 . ASP A 1 76 ? 9.014   -4.920  6.872   1.00 40.66  ? 76  ASP A OD2 1 
ATOM   637 N  N   . GLN A 1 77 ? 11.419  -3.188  11.465  1.00 18.11  ? 77  GLN A N   1 
ATOM   638 C  CA  . GLN A 1 77 ? 12.562  -3.033  12.362  1.00 19.51  ? 77  GLN A CA  1 
ATOM   639 C  C   . GLN A 1 77 ? 12.138  -3.080  13.830  1.00 20.02  ? 77  GLN A C   1 
ATOM   640 O  O   . GLN A 1 77 ? 12.810  -3.706  14.650  1.00 19.80  ? 77  GLN A O   1 
ATOM   641 C  CB  . GLN A 1 77 ? 13.312  -1.731  12.063  1.00 28.91  ? 77  GLN A CB  1 
ATOM   642 C  CG  . GLN A 1 77 ? 14.130  -1.765  10.774  1.00 55.55  ? 77  GLN A CG  1 
ATOM   643 C  CD  . GLN A 1 77 ? 14.959  -0.508  10.555  1.00 294.29 ? 77  GLN A CD  1 
ATOM   644 O  OE1 . GLN A 1 77 ? 14.704  0.539   11.152  1.00 59.80  ? 77  GLN A OE1 1 
ATOM   645 N  NE2 . GLN A 1 77 ? 15.959  -0.609  9.686   1.00 98.15  ? 77  GLN A NE2 1 
ATOM   646 N  N   . MET A 1 78 ? 11.019  -2.428  14.144  1.00 17.55  ? 78  MET A N   1 
ATOM   647 C  CA  . MET A 1 78 ? 10.471  -2.389  15.505  1.00 21.79  ? 78  MET A CA  1 
ATOM   648 C  C   . MET A 1 78 ? 10.072  -3.777  16.005  1.00 25.08  ? 78  MET A C   1 
ATOM   649 O  O   . MET A 1 78 ? 10.412  -4.165  17.128  1.00 25.90  ? 78  MET A O   1 
ATOM   650 C  CB  . MET A 1 78 ? 9.258   -1.454  15.559  1.00 21.59  ? 78  MET A CB  1 
ATOM   651 C  CG  . MET A 1 78 ? 8.646   -1.273  16.945  1.00 30.37  ? 78  MET A CG  1 
ATOM   652 S  SD  . MET A 1 78 ? 6.982   -0.568  16.920  1.00 32.04  ? 78  MET A SD  1 
ATOM   653 C  CE  . MET A 1 78 ? 7.169   0.766   15.745  1.00 33.52  ? 78  MET A CE  1 
ATOM   654 N  N   . VAL A 1 79 ? 9.344   -4.509  15.166  1.00 22.74  ? 79  VAL A N   1 
ATOM   655 C  CA  . VAL A 1 79 ? 8.853   -5.844  15.510  1.00 26.46  ? 79  VAL A CA  1 
ATOM   656 C  C   . VAL A 1 79 ? 10.019  -6.826  15.654  1.00 26.76  ? 79  VAL A C   1 
ATOM   657 O  O   . VAL A 1 79 ? 10.076  -7.588  16.622  1.00 27.31  ? 79  VAL A O   1 
ATOM   658 C  CB  . VAL A 1 79 ? 7.816   -6.349  14.468  1.00 32.76  ? 79  VAL A CB  1 
ATOM   659 C  CG1 . VAL A 1 79 ? 7.505   -7.831  14.660  1.00 28.96  ? 79  VAL A CG1 1 
ATOM   660 C  CG2 . VAL A 1 79 ? 6.531   -5.521  14.542  1.00 23.33  ? 79  VAL A CG2 1 
ATOM   661 N  N   . SER A 1 80 ? 10.947  -6.782  14.699  1.00 25.86  ? 80  SER A N   1 
ATOM   662 C  CA  . SER A 1 80 ? 12.141  -7.632  14.710  1.00 24.46  ? 80  SER A CA  1 
ATOM   663 C  C   . SER A 1 80 ? 12.991  -7.438  15.966  1.00 30.77  ? 80  SER A C   1 
ATOM   664 O  O   . SER A 1 80 ? 13.399  -8.413  16.601  1.00 26.00  ? 80  SER A O   1 
ATOM   665 C  CB  . SER A 1 80 ? 12.987  -7.376  13.458  1.00 28.40  ? 80  SER A CB  1 
ATOM   666 O  OG  . SER A 1 80 ? 14.236  -8.037  13.533  1.00 52.01  ? 80  SER A OG  1 
ATOM   667 N  N   . MET A 1 81 ? 13.250  -6.183  16.321  1.00 20.62  ? 81  MET A N   1 
ATOM   668 C  CA  . MET A 1 81 ? 14.074  -5.878  17.490  1.00 23.01  ? 81  MET A CA  1 
ATOM   669 C  C   . MET A 1 81 ? 13.393  -6.243  18.809  1.00 26.35  ? 81  MET A C   1 
ATOM   670 O  O   . MET A 1 81 ? 14.034  -6.791  19.705  1.00 20.66  ? 81  MET A O   1 
ATOM   671 C  CB  . MET A 1 81 ? 14.501  -4.406  17.492  1.00 28.25  ? 81  MET A CB  1 
ATOM   672 C  CG  . MET A 1 81 ? 15.743  -4.099  18.329  1.00 65.54  ? 81  MET A CG  1 
ATOM   673 S  SD  . MET A 1 81 ? 17.187  -5.110  17.936  1.00 56.54  ? 81  MET A SD  1 
ATOM   674 C  CE  . MET A 1 81 ? 17.201  -6.257  19.309  1.00 211.77 ? 81  MET A CE  1 
ATOM   675 N  N   . THR A 1 82 ? 12.100  -5.945  18.923  1.00 27.48  ? 82  THR A N   1 
ATOM   676 C  CA  . THR A 1 82 ? 11.349  -6.242  20.149  1.00 29.07  ? 82  THR A CA  1 
ATOM   677 C  C   . THR A 1 82 ? 11.309  -7.750  20.421  1.00 34.71  ? 82  THR A C   1 
ATOM   678 O  O   . THR A 1 82 ? 11.456  -8.182  21.569  1.00 33.60  ? 82  THR A O   1 
ATOM   679 C  CB  . THR A 1 82 ? 9.915   -5.654  20.117  1.00 31.51  ? 82  THR A CB  1 
ATOM   680 O  OG1 . THR A 1 82 ? 9.967   -4.280  19.716  1.00 23.30  ? 82  THR A OG1 1 
ATOM   681 C  CG2 . THR A 1 82 ? 9.267   -5.732  21.492  1.00 25.17  ? 82  THR A CG2 1 
ATOM   682 N  N   . LYS A 1 83 ? 11.125  -8.536  19.360  1.00 22.04  ? 83  LYS A N   1 
ATOM   683 C  CA  . LYS A 1 83 ? 11.145  -10.000 19.447  1.00 22.21  ? 83  LYS A CA  1 
ATOM   684 C  C   . LYS A 1 83 ? 12.508  -10.522 19.894  1.00 33.15  ? 83  LYS A C   1 
ATOM   685 O  O   . LYS A 1 83 ? 12.593  -11.460 20.694  1.00 35.68  ? 83  LYS A O   1 
ATOM   686 C  CB  . LYS A 1 83 ? 10.781  -10.624 18.099  1.00 23.70  ? 83  LYS A CB  1 
ATOM   687 C  CG  . LYS A 1 83 ? 9.296   -10.646 17.780  1.00 32.08  ? 83  LYS A CG  1 
ATOM   688 C  CD  . LYS A 1 83 ? 9.061   -11.246 16.404  1.00 43.21  ? 83  LYS A CD  1 
ATOM   689 C  CE  . LYS A 1 83 ? 7.583   -11.343 16.076  1.00 56.47  ? 83  LYS A CE  1 
ATOM   690 N  NZ  . LYS A 1 83 ? 7.370   -11.745 14.659  1.00 41.58  ? 83  LYS A NZ  1 
ATOM   691 N  N   . ARG A 1 84 ? 13.566  -9.903  19.371  1.00 29.90  ? 84  ARG A N   1 
ATOM   692 C  CA  . ARG A 1 84 ? 14.941  -10.294 19.669  1.00 44.05  ? 84  ARG A CA  1 
ATOM   693 C  C   . ARG A 1 84 ? 15.267  -10.106 21.147  1.00 37.14  ? 84  ARG A C   1 
ATOM   694 O  O   . ARG A 1 84 ? 16.088  -10.837 21.701  1.00 44.50  ? 84  ARG A O   1 
ATOM   695 C  CB  . ARG A 1 84 ? 15.913  -9.489  18.806  1.00 26.05  ? 84  ARG A CB  1 
ATOM   696 C  CG  . ARG A 1 84 ? 17.127  -10.263 18.327  1.00 54.16  ? 84  ARG A CG  1 
ATOM   697 C  CD  . ARG A 1 84 ? 17.965  -9.435  17.360  1.00 80.65  ? 84  ARG A CD  1 
ATOM   698 N  NE  . ARG A 1 84 ? 17.208  -9.012  16.182  1.00 91.42  ? 84  ARG A NE  1 
ATOM   699 C  CZ  . ARG A 1 84 ? 17.650  -8.154  15.266  1.00 104.80 ? 84  ARG A CZ  1 
ATOM   700 N  NH1 . ARG A 1 84 ? 18.856  -7.610  15.375  1.00 61.14  ? 84  ARG A NH1 1 
ATOM   701 N  NH2 . ARG A 1 84 ? 16.882  -7.835  14.234  1.00 82.03  ? 84  ARG A NH2 1 
ATOM   702 N  N   . ILE A 1 85 ? 14.613  -9.128  21.776  1.00 29.75  ? 85  ILE A N   1 
ATOM   703 C  CA  . ILE A 1 85 ? 14.775  -8.862  23.209  1.00 32.22  ? 85  ILE A CA  1 
ATOM   704 C  C   . ILE A 1 85 ? 14.211  -9.996  24.072  1.00 65.44  ? 85  ILE A C   1 
ATOM   705 O  O   . ILE A 1 85 ? 14.902  -10.518 24.951  1.00 63.66  ? 85  ILE A O   1 
ATOM   706 C  CB  . ILE A 1 85 ? 14.148  -7.503  23.623  1.00 77.55  ? 85  ILE A CB  1 
ATOM   707 C  CG1 . ILE A 1 85 ? 14.900  -6.342  22.962  1.00 39.13  ? 85  ILE A CG1 1 
ATOM   708 C  CG2 . ILE A 1 85 ? 14.158  -7.347  25.141  1.00 116.41 ? 85  ILE A CG2 1 
ATOM   709 C  CD1 . ILE A 1 85 ? 14.176  -5.005  23.030  1.00 36.82  ? 85  ILE A CD1 1 
ATOM   710 N  N   . ALA A 1 86 ? 12.963  -10.372 23.809  1.00 41.89  ? 86  ALA A N   1 
ATOM   711 C  CA  . ALA A 1 86 ? 12.297  -11.426 24.570  1.00 86.53  ? 86  ALA A CA  1 
ATOM   712 C  C   . ALA A 1 86 ? 12.808  -12.828 24.220  1.00 67.09  ? 86  ALA A C   1 
ATOM   713 O  O   . ALA A 1 86 ? 13.286  -13.549 25.099  1.00 211.21 ? 86  ALA A O   1 
ATOM   714 C  CB  . ALA A 1 86 ? 10.795  -11.340 24.383  1.00 51.72  ? 86  ALA A CB  1 
ATOM   715 N  N   . SER A 1 87 ? 12.709  -13.192 22.939  1.00 96.95  ? 87  SER A N   1 
ATOM   716 C  CA  . SER A 1 87 ? 13.104  -14.517 22.432  1.00 77.18  ? 87  SER A CA  1 
ATOM   717 C  C   . SER A 1 87 ? 12.535  -15.676 23.252  1.00 304.18 ? 87  SER A C   1 
ATOM   718 O  O   . SER A 1 87 ? 11.319  -15.853 23.335  1.00 118.24 ? 87  SER A O   1 
ATOM   719 C  CB  . SER A 1 87 ? 14.628  -14.641 22.314  1.00 89.26  ? 87  SER A CB  1 
ATOM   720 O  OG  . SER A 1 87 ? 15.110  -13.936 21.183  1.00 46.09  ? 87  SER A OG  1 
HETATM 721 NA NA  . NA  B 2 .  ? -3.552  -0.745  11.183  0.40 27.44  ? 95  NA  A NA  1 
HETATM 722 O  O   . HOH C 3 .  ? 3.316   -4.549  0.470   1.00 14.58  ? 96  HOH A O   1 
HETATM 723 O  O   . HOH C 3 .  ? 6.401   -3.044  -12.002 1.00 26.20  ? 97  HOH A O   1 
HETATM 724 O  O   . HOH C 3 .  ? -4.310  -2.708  -12.761 1.00 17.06  ? 98  HOH A O   1 
HETATM 725 O  O   . HOH C 3 .  ? -13.623 -1.988  -7.481  1.00 36.89  ? 99  HOH A O   1 
HETATM 726 O  O   . HOH C 3 .  ? -0.205  -7.475  3.246   1.00 30.82  ? 100 HOH A O   1 
HETATM 727 O  O   . HOH C 3 .  ? 5.336   -4.846  -4.051  1.00 33.37  ? 101 HOH A O   1 
HETATM 728 O  O   . HOH C 3 .  ? -3.947  -9.549  3.453   1.00 26.59  ? 102 HOH A O   1 
HETATM 729 O  O   . HOH C 3 .  ? -8.285  -9.565  -11.727 1.00 10.83  ? 103 HOH A O   1 
HETATM 730 O  O   . HOH C 3 .  ? -8.933  -12.349 -0.935  1.00 17.78  ? 104 HOH A O   1 
HETATM 731 O  O   . HOH C 3 .  ? 2.734   2.774   -10.093 1.00 15.47  ? 105 HOH A O   1 
HETATM 732 O  O   . HOH C 3 .  ? 5.575   13.136  -5.915  1.00 14.50  ? 106 HOH A O   1 
HETATM 733 O  O   . HOH C 3 .  ? -7.621  6.850   -7.796  1.00 16.34  ? 107 HOH A O   1 
HETATM 734 O  O   . HOH C 3 .  ? 9.246   -1.063  3.318   1.00 18.14  ? 108 HOH A O   1 
HETATM 735 O  O   . HOH C 3 .  ? 7.461   -1.978  1.550   1.00 26.12  ? 109 HOH A O   1 
HETATM 736 O  O   . HOH C 3 .  ? 4.948   -5.428  -1.473  1.00 32.39  ? 110 HOH A O   1 
HETATM 737 O  O   . HOH C 3 .  ? -8.070  3.239   -6.410  1.00 22.45  ? 111 HOH A O   1 
HETATM 738 O  O   . HOH C 3 .  ? -10.346 11.233  -11.632 1.00 30.92  ? 112 HOH A O   1 
HETATM 739 O  O   . HOH C 3 .  ? -0.460  17.336  -6.487  1.00 21.16  ? 113 HOH A O   1 
HETATM 740 O  O   . HOH C 3 .  ? 3.551   5.336   -10.355 1.00 22.15  ? 114 HOH A O   1 
HETATM 741 O  O   . HOH C 3 .  ? -6.961  -11.920 -8.190  1.00 23.06  ? 115 HOH A O   1 
HETATM 742 O  O   . HOH C 3 .  ? -13.420 -5.493  1.019   1.00 29.77  ? 116 HOH A O   1 
HETATM 743 O  O   . HOH C 3 .  ? 17.733  -13.188 20.201  1.00 36.92  ? 117 HOH A O   1 
HETATM 744 O  O   . HOH C 3 .  ? 15.676  -1.488  16.126  1.00 28.06  ? 118 HOH A O   1 
HETATM 745 O  O   . HOH C 3 .  ? -9.379  0.958   -7.460  1.00 27.64  ? 119 HOH A O   1 
HETATM 746 O  O   . HOH C 3 .  ? 3.164   3.105   -13.716 1.00 23.82  ? 120 HOH A O   1 
HETATM 747 O  O   . HOH C 3 .  ? -3.672  -5.299  -14.131 1.00 13.08  ? 121 HOH A O   1 
HETATM 748 O  O   . HOH C 3 .  ? 4.296   9.112   -10.488 1.00 21.01  ? 122 HOH A O   1 
HETATM 749 O  O   . HOH C 3 .  ? -7.698  4.328   -8.829  1.00 23.15  ? 123 HOH A O   1 
HETATM 750 O  O   . HOH C 3 .  ? 11.136  6.212   0.652   1.00 21.69  ? 124 HOH A O   1 
HETATM 751 O  O   . HOH C 3 .  ? -9.534  1.620   8.722   1.00 29.88  ? 125 HOH A O   1 
HETATM 752 O  O   . HOH C 3 .  ? -14.121 -2.967  1.797   1.00 30.00  ? 126 HOH A O   1 
HETATM 753 O  O   . HOH C 3 .  ? 11.218  1.625   14.327  1.00 26.15  ? 127 HOH A O   1 
HETATM 754 O  O   . HOH C 3 .  ? -8.086  -11.920 -10.553 1.00 14.53  ? 128 HOH A O   1 
HETATM 755 O  O   . HOH C 3 .  ? 5.252   -4.466  5.346   1.00 21.20  ? 129 HOH A O   1 
HETATM 756 O  O   . HOH C 3 .  ? -6.907  11.050  -11.250 1.00 31.47  ? 130 HOH A O   1 
HETATM 757 O  O   . HOH C 3 .  ? 8.366   2.516   -7.636  1.00 37.26  ? 131 HOH A O   1 
HETATM 758 O  O   . HOH C 3 .  ? -8.545  3.137   -11.864 1.00 40.67  ? 132 HOH A O   1 
HETATM 759 O  O   . HOH C 3 .  ? 5.451   -3.965  2.049   1.00 25.29  ? 133 HOH A O   1 
HETATM 760 O  O   . HOH C 3 .  ? 8.776   -2.096  -0.818  1.00 27.92  ? 134 HOH A O   1 
HETATM 761 O  O   . HOH C 3 .  ? 9.449   -7.908  11.583  1.00 22.76  ? 135 HOH A O   1 
HETATM 762 O  O   . HOH C 3 .  ? -16.188 -8.955  -5.971  1.00 20.14  ? 136 HOH A O   1 
HETATM 763 O  O   . HOH C 3 .  ? 0.248   -3.904  -15.827 1.00 34.88  ? 137 HOH A O   1 
HETATM 764 O  O   . HOH C 3 .  ? -11.610 3.851   -13.712 1.00 39.71  ? 138 HOH A O   1 
HETATM 765 O  O   . HOH C 3 .  ? 8.248   6.030   9.723   1.00 33.29  ? 139 HOH A O   1 
HETATM 766 O  O   . HOH C 3 .  ? 6.529   2.010   -9.557  1.00 31.70  ? 140 HOH A O   1 
HETATM 767 O  O   . HOH C 3 .  ? -3.383  5.704   -18.838 1.00 32.46  ? 141 HOH A O   1 
HETATM 768 O  O   . HOH C 3 .  ? 2.943   -7.094  2.288   1.00 31.77  ? 142 HOH A O   1 
HETATM 769 O  O   . HOH C 3 .  ? -13.331 -11.596 -4.474  1.00 27.05  ? 143 HOH A O   1 
HETATM 770 O  O   . HOH C 3 .  ? -6.089  3.659   -10.821 1.00 33.44  ? 144 HOH A O   1 
HETATM 771 O  O   . HOH C 3 .  ? 8.646   -3.401  4.645   1.00 32.35  ? 145 HOH A O   1 
HETATM 772 O  O   . HOH C 3 .  ? -8.663  2.885   10.925  1.00 24.44  ? 146 HOH A O   1 
HETATM 773 O  O   . HOH C 3 .  ? -9.114  -0.532  12.760  1.00 28.16  ? 147 HOH A O   1 
HETATM 774 O  O   . HOH C 3 .  ? 0.408   5.177   -16.712 1.00 32.54  ? 148 HOH A O   1 
HETATM 775 O  O   . HOH C 3 .  ? 11.916  -0.612  2.372   1.00 45.17  ? 149 HOH A O   1 
HETATM 776 O  O   . HOH C 3 .  ? 12.951  2.595   3.715   1.00 34.83  ? 150 HOH A O   1 
HETATM 777 O  O   . HOH C 3 .  ? -6.199  14.202  -4.681  1.00 16.56  ? 151 HOH A O   1 
HETATM 778 O  O   . HOH C 3 .  ? 11.454  -2.101  -5.194  1.00 40.14  ? 152 HOH A O   1 
HETATM 779 O  O   . HOH C 3 .  ? 11.972  -4.194  5.992   1.00 33.08  ? 153 HOH A O   1 
HETATM 780 O  O   . HOH C 3 .  ? 3.793   -13.582 -3.028  1.00 33.31  ? 154 HOH A O   1 
HETATM 781 O  O   . HOH C 3 .  ? 2.996   4.692   -16.194 1.00 30.82  ? 155 HOH A O   1 
HETATM 782 O  O   . HOH C 3 .  ? 9.886   -10.028 13.138  1.00 33.85  ? 156 HOH A O   1 
HETATM 783 O  O   . HOH C 3 .  ? -6.472  1.963   -13.156 1.00 47.10  ? 157 HOH A O   1 
HETATM 784 O  O   . HOH C 3 .  ? -1.441  -10.140 2.557   1.00 28.36  ? 158 HOH A O   1 
HETATM 785 O  O   . HOH C 3 .  ? -9.277  -1.264  -9.339  1.00 22.96  ? 159 HOH A O   1 
HETATM 786 O  O   . HOH C 3 .  ? 15.011  -16.575 27.476  1.00 22.50  ? 160 HOH A O   1 
HETATM 787 O  O   . HOH C 3 .  ? -15.331 -10.542 0.202   1.00 49.99  ? 161 HOH A O   1 
HETATM 788 O  O   . HOH C 3 .  ? -4.670  14.586  -8.074  1.00 34.08  ? 162 HOH A O   1 
HETATM 789 O  O   . HOH C 3 .  ? -8.070  10.959  7.505   1.00 32.38  ? 163 HOH A O   1 
HETATM 790 O  O   . HOH C 3 .  ? 1.558   -10.973 2.456   1.00 33.33  ? 164 HOH A O   1 
HETATM 791 O  O   . HOH C 3 .  ? -11.967 9.826   -13.417 1.00 42.47  ? 165 HOH A O   1 
HETATM 792 O  O   . HOH C 3 .  ? 5.749   -3.919  7.900   1.00 37.36  ? 166 HOH A O   1 
HETATM 793 O  O   . HOH C 3 .  ? -9.298  -10.616 1.410   1.00 25.88  ? 167 HOH A O   1 
HETATM 794 O  O   . HOH C 3 .  ? 13.135  6.428   10.819  0.50 25.69  ? 168 HOH A O   1 
HETATM 795 O  O   . HOH C 3 .  ? 4.990   5.832   -8.087  1.00 42.80  ? 169 HOH A O   1 
HETATM 796 O  O   . HOH C 3 .  ? 12.525  -11.904 27.955  1.00 33.37  ? 170 HOH A O   1 
HETATM 797 O  O   . HOH C 3 .  ? 2.764   -6.446  11.022  1.00 35.15  ? 171 HOH A O   1 
HETATM 798 O  O   . HOH C 3 .  ? 6.697   -6.954  10.532  1.00 31.89  ? 172 HOH A O   1 
HETATM 799 O  O   . HOH C 3 .  ? 7.691   2.651   -14.606 1.00 40.41  ? 173 HOH A O   1 
HETATM 800 O  O   . HOH C 3 .  ? -4.889  -12.790 -6.833  1.00 14.17  ? 174 HOH A O   1 
HETATM 801 O  O   . HOH C 3 .  ? -16.650 -1.786  0.050   1.00 40.37  ? 175 HOH A O   1 
HETATM 802 O  O   . HOH C 3 .  ? 9.523   -1.376  -6.961  1.00 39.05  ? 176 HOH A O   1 
HETATM 803 O  O   . HOH C 3 .  ? 11.742  -0.341  -0.945  1.00 35.35  ? 177 HOH A O   1 
HETATM 804 O  O   . HOH C 3 .  ? 16.549  -14.197 25.065  1.00 27.58  ? 178 HOH A O   1 
HETATM 805 O  O   . HOH C 3 .  ? 11.505  -18.512 21.640  1.00 22.93  ? 179 HOH A O   1 
HETATM 806 O  O   . HOH C 3 .  ? 10.467  -13.515 20.726  1.00 18.09  ? 180 HOH A O   1 
HETATM 807 O  O   . HOH C 3 .  ? -11.374 16.177  0.740   1.00 41.93  ? 181 HOH A O   1 
HETATM 808 O  O   . HOH C 3 .  ? -13.380 -4.306  -6.356  1.00 33.04  ? 182 HOH A O   1 
HETATM 809 O  O   . HOH C 3 .  ? -1.453  -5.688  7.399   1.00 36.76  ? 183 HOH A O   1 
HETATM 810 O  O   . HOH C 3 .  ? -2.050  13.001  -11.624 1.00 30.35  ? 184 HOH A O   1 
HETATM 811 O  O   . HOH C 3 .  ? 12.881  4.500   1.762   1.00 35.05  ? 185 HOH A O   1 
HETATM 812 O  O   . HOH C 3 .  ? -9.541  14.475  -11.484 1.00 35.21  ? 186 HOH A O   1 
HETATM 813 O  O   . HOH C 3 .  ? -7.882  -15.279 -1.683  1.00 30.81  ? 187 HOH A O   1 
HETATM 814 O  O   . HOH C 3 .  ? 11.245  5.816   -3.004  1.00 52.84  ? 188 HOH A O   1 
HETATM 815 O  O   . HOH C 3 .  ? 10.653  5.831   -10.773 0.50 46.15  ? 189 HOH A O   1 
HETATM 816 O  O   . HOH C 3 .  ? -6.509  17.132  -10.394 1.00 48.90  ? 190 HOH A O   1 
HETATM 817 O  O   . HOH C 3 .  ? -8.252  -7.881  1.938   1.00 26.20  ? 191 HOH A O   1 
HETATM 818 O  O   . HOH C 3 .  ? -13.061 11.451  0.511   1.00 18.22  ? 192 HOH A O   1 
# 
loop_
_atom_site_anisotrop.id 
_atom_site_anisotrop.type_symbol 
_atom_site_anisotrop.pdbx_label_atom_id 
_atom_site_anisotrop.pdbx_label_alt_id 
_atom_site_anisotrop.pdbx_label_comp_id 
_atom_site_anisotrop.pdbx_label_asym_id 
_atom_site_anisotrop.pdbx_label_seq_id 
_atom_site_anisotrop.pdbx_PDB_ins_code 
_atom_site_anisotrop.U[1][1] 
_atom_site_anisotrop.U[2][2] 
_atom_site_anisotrop.U[3][3] 
_atom_site_anisotrop.U[1][2] 
_atom_site_anisotrop.U[1][3] 
_atom_site_anisotrop.U[2][3] 
_atom_site_anisotrop.pdbx_auth_seq_id 
_atom_site_anisotrop.pdbx_auth_comp_id 
_atom_site_anisotrop.pdbx_auth_asym_id 
_atom_site_anisotrop.pdbx_auth_atom_id 
1   N N   . MET A 1  ? 0.3108 0.5746 0.3149 0.0934  -0.0318 -0.0477 1  MET A N   
2   C CA  . MET A 1  ? 0.2985 0.5086 0.3041 0.0748  -0.0287 -0.0338 1  MET A CA  
3   C C   . MET A 1  ? 0.2843 0.4963 0.2897 0.0604  -0.0218 -0.0190 1  MET A C   
4   O O   . MET A 1  ? 0.2912 0.5220 0.2933 0.0681  -0.0225 -0.0234 1  MET A O   
5   C CB  . MET A 1  ? 0.3115 0.4719 0.3137 0.0835  -0.0387 -0.0439 1  MET A CB  
6   C CG  . MET A 1  ? 0.3300 0.4470 0.3337 0.0671  -0.0356 -0.0314 1  MET A CG  
7   S SD  . MET A 1  ? 0.3749 0.4439 0.3751 0.0714  -0.0481 -0.0376 1  MET A SD  
8   C CE  . MET A 1  ? 0.3829 0.4522 0.3820 0.0709  -0.0477 -0.0376 1  MET A CE  
9   N N   . GLU A 2  ? 0.2678 0.4593 0.2757 0.0414  -0.0170 -0.0029 2  GLU A N   
10  C CA  . GLU A 2  ? 0.2570 0.4432 0.2634 0.0282  -0.0138 0.0116  2  GLU A CA  
11  C C   . GLU A 2  ? 0.2400 0.3764 0.2458 0.0225  -0.0149 0.0149  2  GLU A C   
12  O O   . GLU A 2  ? 0.2325 0.3437 0.2394 0.0251  -0.0167 0.0092  2  GLU A O   
13  C CB  . GLU A 2  ? 0.2613 0.4765 0.2703 0.0105  -0.0114 0.0296  2  GLU A CB  
14  C CG  . GLU A 2  ? 0.2836 0.5639 0.2943 0.0140  -0.0090 0.0291  2  GLU A CG  
15  C CD  . GLU A 2  ? 0.3276 0.6439 0.3338 0.0261  -0.0080 0.0232  2  GLU A CD  
16  O OE1 . GLU A 2  ? 0.3154 0.6144 0.3178 0.0218  -0.0079 0.0299  2  GLU A OE1 
17  O OE2 . GLU A 2  ? 0.3419 0.7070 0.3478 0.0420  -0.0082 0.0103  2  GLU A OE2 
18  N N   . LEU A 3  ? 0.2284 0.3551 0.2318 0.0157  -0.0145 0.0239  3  LEU A N   
19  C CA  . LEU A 3  ? 0.2283 0.3167 0.2306 0.0131  -0.0162 0.0255  3  LEU A CA  
20  C C   . LEU A 3  ? 0.2160 0.2844 0.2198 0.0051  -0.0182 0.0300  3  LEU A C   
21  O O   . LEU A 3  ? 0.2007 0.2452 0.2044 0.0082  -0.0193 0.0254  3  LEU A O   
22  C CB  . LEU A 3  ? 0.2145 0.2992 0.2130 0.0093  -0.0172 0.0338  3  LEU A CB  
23  C CG  . LEU A 3  ? 0.2469 0.3439 0.2435 0.0187  -0.0163 0.0271  3  LEU A CG  
24  C CD1 . LEU A 3  ? 0.2185 0.3120 0.2108 0.0145  -0.0179 0.0368  3  LEU A CD1 
25  C CD2 . LEU A 3  ? 0.2835 0.3612 0.2816 0.0274  -0.0178 0.0146  3  LEU A CD2 
26  N N   . ARG A 4  ? 0.2317 0.3143 0.2371 -0.0053 -0.0195 0.0394  4  ARG A N   
27  C CA  . ARG A 4  ? 0.3013 0.3675 0.3086 -0.0131 -0.0237 0.0428  4  ARG A CA  
28  C C   . ARG A 4  ? 0.2541 0.3121 0.2634 -0.0044 -0.0216 0.0309  4  ARG A C   
29  O O   . ARG A 4  ? 0.2047 0.2391 0.2131 -0.0039 -0.0244 0.0283  4  ARG A O   
30  C CB  . ARG A 4  ? 0.2617 0.3544 0.2719 -0.0275 -0.0258 0.0552  4  ARG A CB  
31  C CG  . ARG A 4  ? 0.3461 0.4220 0.3586 -0.0385 -0.0332 0.0601  4  ARG A CG  
32  C CD  . ARG A 4  ? 0.3025 0.4111 0.3191 -0.0569 -0.0362 0.0758  4  ARG A CD  
33  N NE  . ARG A 4  ? 0.4063 0.5613 0.4279 -0.0511 -0.0281 0.0697  4  ARG A NE  
34  C CZ  . ARG A 4  ? 2.0353 2.2372 2.0573 -0.0479 -0.0222 0.0711  4  ARG A CZ  
35  N NH1 . ARG A 4  ? 0.4725 0.7161 0.4982 -0.0382 -0.0172 0.0616  4  ARG A NH1 
36  N NH2 . ARG A 4  ? 0.4345 0.6442 0.4525 -0.0519 -0.0222 0.0805  4  ARG A NH2 
37  N N   . HIS A 5  ? 0.2103 0.2888 0.2212 0.0038  -0.0183 0.0232  5  HIS A N   
38  C CA  . HIS A 5  ? 0.2896 0.3585 0.3010 0.0119  -0.0187 0.0137  5  HIS A CA  
39  C C   . HIS A 5  ? 0.2234 0.2660 0.2323 0.0157  -0.0196 0.0103  5  HIS A C   
40  O O   . HIS A 5  ? 0.1808 0.2105 0.1894 0.0158  -0.0206 0.0090  5  HIS A O   
41  C CB  . HIS A 5  ? 0.3397 0.4306 0.3516 0.0232  -0.0196 0.0042  5  HIS A CB  
42  C CG  . HIS A 5  ? 0.4043 0.5328 0.4192 0.0214  -0.0183 0.0058  5  HIS A CG  
43  N ND1 . HIS A 5  ? 0.3575 0.5238 0.3725 0.0254  -0.0169 0.0050  5  HIS A ND1 
44  C CD2 . HIS A 5  ? 0.3628 0.5035 0.3815 0.0158  -0.0185 0.0084  5  HIS A CD2 
45  C CE1 . HIS A 5  ? 0.8331 1.0377 0.8520 0.0217  -0.0157 0.0079  5  HIS A CE1 
46  N NE2 . HIS A 5  ? 0.4792 0.6670 0.5008 0.0152  -0.0170 0.0101  5  HIS A NE2 
47  N N   . LEU A 6  ? 0.2016 0.2416 0.2089 0.0185  -0.0193 0.0098  6  LEU A N   
48  C CA  . LEU A 6  ? 0.1660 0.1895 0.1720 0.0202  -0.0202 0.0084  6  LEU A CA  
49  C C   . LEU A 6  ? 0.1880 0.2011 0.1928 0.0170  -0.0198 0.0117  6  LEU A C   
50  O O   . LEU A 6  ? 0.1766 0.1850 0.1810 0.0181  -0.0202 0.0102  6  LEU A O   
51  C CB  . LEU A 6  ? 0.1847 0.2105 0.1898 0.0233  -0.0209 0.0068  6  LEU A CB  
52  C CG  . LEU A 6  ? 0.2793 0.3151 0.2840 0.0307  -0.0246 -0.0004 6  LEU A CG  
53  C CD1 . LEU A 6  ? 0.3199 0.3571 0.3235 0.0336  -0.0264 -0.0026 6  LEU A CD1 
54  C CD2 . LEU A 6  ? 0.2838 0.3078 0.2883 0.0346  -0.0316 -0.0059 6  LEU A CD2 
55  N N   . ARG A 7  ? 0.2086 0.2199 0.2124 0.0137  -0.0210 0.0161  7  ARG A N   
56  C CA  . ARG A 7  ? 0.1779 0.1748 0.1789 0.0142  -0.0255 0.0162  7  ARG A CA  
57  C C   . ARG A 7  ? 0.1741 0.1655 0.1754 0.0141  -0.0279 0.0132  7  ARG A C   
58  O O   . ARG A 7  ? 0.1902 0.1767 0.1892 0.0202  -0.0304 0.0078  7  ARG A O   
59  C CB  . ARG A 7  ? 0.2280 0.2176 0.2266 0.0090  -0.0310 0.0235  7  ARG A CB  
60  C CG  . ARG A 7  ? 0.2540 0.2459 0.2506 0.0122  -0.0302 0.0250  7  ARG A CG  
61  C CD  . ARG A 7  ? 0.4324 0.4233 0.4263 0.0041  -0.0353 0.0361  7  ARG A CD  
62  N NE  . ARG A 7  ? 0.4747 0.4691 0.4659 0.0084  -0.0344 0.0371  7  ARG A NE  
63  C CZ  . ARG A 7  ? 0.7813 0.7870 0.7704 0.0026  -0.0351 0.0468  7  ARG A CZ  
64  N NH1 . ARG A 7  ? 0.5181 0.5270 0.5043 0.0082  -0.0345 0.0460  7  ARG A NH1 
65  N NH2 . ARG A 7  ? 0.4266 0.4455 0.4163 -0.0094 -0.0365 0.0581  7  ARG A NH2 
66  N N   . TYR A 8  ? 0.2123 0.2100 0.2163 0.0084  -0.0275 0.0156  8  TYR A N   
67  C CA  . TYR A 8  ? 0.1607 0.1552 0.1654 0.0079  -0.0301 0.0127  8  TYR A CA  
68  C C   . TYR A 8  ? 0.1728 0.1718 0.1767 0.0143  -0.0264 0.0074  8  TYR A C   
69  O O   . TYR A 8  ? 0.1918 0.1878 0.1935 0.0184  -0.0287 0.0032  8  TYR A O   
70  C CB  . TYR A 8  ? 0.1796 0.1872 0.1883 0.0001  -0.0299 0.0169  8  TYR A CB  
71  C CG  . TYR A 8  ? 0.2078 0.2133 0.2175 -0.0119 -0.0366 0.0263  8  TYR A CG  
72  C CD1 . TYR A 8  ? 0.2959 0.3173 0.3102 -0.0220 -0.0386 0.0317  8  TYR A CD1 
73  C CD2 . TYR A 8  ? 0.2607 0.2495 0.2668 -0.0145 -0.0429 0.0312  8  TYR A CD2 
74  C CE1 . TYR A 8  ? 0.3592 0.3809 0.3747 -0.0378 -0.0467 0.0445  8  TYR A CE1 
75  C CE2 . TYR A 8  ? 0.2512 0.2345 0.2573 -0.0287 -0.0526 0.0434  8  TYR A CE2 
76  C CZ  . TYR A 8  ? 0.3170 0.3174 0.3281 -0.0421 -0.0545 0.0513  8  TYR A CZ  
77  O OH  . TYR A 8  ? 0.3591 0.3560 0.3705 -0.0608 -0.0660 0.0674  8  TYR A OH  
78  N N   . PHE A 9  ? 0.1869 0.1934 0.1921 0.0155  -0.0227 0.0080  9  PHE A N   
79  C CA  . PHE A 9  ? 0.1960 0.2037 0.2000 0.0178  -0.0225 0.0072  9  PHE A CA  
80  C C   . PHE A 9  ? 0.1965 0.2072 0.1984 0.0193  -0.0219 0.0078  9  PHE A C   
81  O O   . PHE A 9  ? 0.1568 0.1742 0.1566 0.0202  -0.0222 0.0080  9  PHE A O   
82  C CB  . PHE A 9  ? 0.2034 0.2113 0.2081 0.0189  -0.0241 0.0071  9  PHE A CB  
83  C CG  . PHE A 9  ? 0.2060 0.2087 0.2087 0.0182  -0.0283 0.0096  9  PHE A CG  
84  C CD1 . PHE A 9  ? 0.2252 0.2270 0.2263 0.0188  -0.0308 0.0100  9  PHE A CD1 
85  C CD2 . PHE A 9  ? 0.1697 0.1682 0.1719 0.0152  -0.0317 0.0133  9  PHE A CD2 
86  C CE1 . PHE A 9  ? 0.1918 0.1876 0.1898 0.0156  -0.0371 0.0157  9  PHE A CE1 
87  C CE2 . PHE A 9  ? 0.2123 0.2046 0.2123 0.0101  -0.0388 0.0197  9  PHE A CE2 
88  C CZ  . PHE A 9  ? 0.1437 0.1338 0.1410 0.0101  -0.0418 0.0218  9  PHE A CZ  
89  N N   . VAL A 10 ? 0.1816 0.1927 0.1835 0.0200  -0.0210 0.0082  10 VAL A N   
90  C CA  . VAL A 10 ? 0.1873 0.2095 0.1879 0.0227  -0.0204 0.0080  10 VAL A CA  
91  C C   . VAL A 10 ? 0.2038 0.2312 0.2013 0.0301  -0.0225 0.0017  10 VAL A C   
92  O O   . VAL A 10 ? 0.1550 0.2021 0.1507 0.0330  -0.0216 0.0011  10 VAL A O   
93  C CB  . VAL A 10 ? 0.1848 0.2068 0.1862 0.0239  -0.0200 0.0080  10 VAL A CB  
94  C CG1 . VAL A 10 ? 0.2833 0.3204 0.2830 0.0306  -0.0203 0.0045  10 VAL A CG1 
95  C CG2 . VAL A 10 ? 0.1791 0.2010 0.1831 0.0182  -0.0200 0.0124  10 VAL A CG2 
96  N N   . ALA A 11 ? 0.1843 0.1958 0.1805 0.0328  -0.0270 -0.0025 11 ALA A N   
97  C CA  . ALA A 11 ? 0.2048 0.2137 0.1970 0.0416  -0.0338 -0.0114 11 ALA A CA  
98  C C   . ALA A 11 ? 0.2204 0.2403 0.2117 0.0424  -0.0327 -0.0132 11 ALA A C   
99  O O   . ALA A 11 ? 0.2028 0.2381 0.1902 0.0524  -0.0352 -0.0209 11 ALA A O   
100 C CB  . ALA A 11 ? 0.2401 0.2231 0.2312 0.0397  -0.0429 -0.0123 11 ALA A CB  
101 N N   . VAL A 12 ? 0.1918 0.2076 0.1862 0.0338  -0.0296 -0.0073 12 VAL A N   
102 C CA  . VAL A 12 ? 0.1876 0.2130 0.1808 0.0341  -0.0290 -0.0077 12 VAL A CA  
103 C C   . VAL A 12 ? 0.2014 0.2505 0.1923 0.0342  -0.0252 -0.0029 12 VAL A C   
104 O O   . VAL A 12 ? 0.1905 0.2581 0.1777 0.0395  -0.0259 -0.0060 12 VAL A O   
105 C CB  . VAL A 12 ? 0.1724 0.1896 0.1690 0.0268  -0.0281 -0.0032 12 VAL A CB  
106 C CG1 . VAL A 12 ? 0.2045 0.2311 0.1990 0.0274  -0.0281 -0.0022 12 VAL A CG1 
107 C CG2 . VAL A 12 ? 0.2452 0.2497 0.2443 0.0238  -0.0327 -0.0057 12 VAL A CG2 
108 N N   . VAL A 13 ? 0.2335 0.2844 0.2266 0.0273  -0.0224 0.0055  13 VAL A N   
109 C CA  . VAL A 13 ? 0.2095 0.2833 0.2016 0.0220  -0.0210 0.0147  13 VAL A CA  
110 C C   . VAL A 13 ? 0.2316 0.3371 0.2211 0.0301  -0.0196 0.0098  13 VAL A C   
111 O O   . VAL A 13 ? 0.2234 0.3595 0.2098 0.0297  -0.0187 0.0139  13 VAL A O   
112 C CB  . VAL A 13 ? 0.2130 0.2782 0.2083 0.0122  -0.0220 0.0237  13 VAL A CB  
113 C CG1 . VAL A 13 ? 0.1766 0.2665 0.1714 0.0022  -0.0231 0.0365  13 VAL A CG1 
114 C CG2 . VAL A 13 ? 0.2188 0.2582 0.2150 0.0086  -0.0259 0.0255  13 VAL A CG2 
115 N N   . GLU A 14 ? 0.1933 0.2944 0.1832 0.0389  -0.0203 0.0007  14 GLU A N   
116 C CA  . GLU A 14 ? 0.1833 0.3163 0.1704 0.0511  -0.0209 -0.0074 14 GLU A CA  
117 C C   . GLU A 14 ? 0.2216 0.3660 0.2030 0.0670  -0.0257 -0.0215 14 GLU A C   
118 O O   . GLU A 14 ? 0.2617 0.4490 0.2396 0.0763  -0.0252 -0.0260 14 GLU A O   
119 C CB  . GLU A 14 ? 0.2563 0.3773 0.2445 0.0574  -0.0230 -0.0135 14 GLU A CB  
120 C CG  . GLU A 14 ? 0.2439 0.3665 0.2374 0.0443  -0.0187 -0.0015 14 GLU A CG  
121 C CD  . GLU A 14 ? 0.3168 0.4285 0.3110 0.0504  -0.0206 -0.0068 14 GLU A CD  
122 O OE1 . GLU A 14 ? 0.3609 0.4570 0.3512 0.0635  -0.0268 -0.0182 14 GLU A OE1 
123 O OE2 . GLU A 14 ? 0.3437 0.4601 0.3419 0.0416  -0.0181 0.0010  14 GLU A OE2 
124 N N   . GLU A 15 ? 0.2251 0.3354 0.2055 0.0697  -0.0315 -0.0286 15 GLU A N   
125 C CA  . GLU A 15 ? 0.2459 0.3598 0.2206 0.0846  -0.0394 -0.0434 15 GLU A CA  
126 C C   . GLU A 15 ? 0.3049 0.4370 0.2781 0.0801  -0.0358 -0.0384 15 GLU A C   
127 O O   . GLU A 15 ? 0.3131 0.4615 0.2809 0.0936  -0.0413 -0.0507 15 GLU A O   
128 C CB  . GLU A 15 ? 0.2436 0.3120 0.2179 0.0869  -0.0506 -0.0517 15 GLU A CB  
129 C CG  . GLU A 15 ? 0.3031 0.3504 0.2765 0.0935  -0.0587 -0.0573 15 GLU A CG  
130 C CD  . GLU A 15 ? 0.5173 0.5859 0.4837 0.1173  -0.0675 -0.0752 15 GLU A CD  
131 O OE1 . GLU A 15 ? 0.5542 0.6341 0.5149 0.1327  -0.0758 -0.0900 15 GLU A OE1 
132 O OE2 . GLU A 15 ? 0.5154 0.5917 0.4816 0.1226  -0.0669 -0.0761 15 GLU A OE2 
133 N N   . GLN A 16 ? 0.2506 0.3791 0.2278 0.0627  -0.0288 -0.0215 16 GLN A N   
134 C CA  . GLN A 16 ? 0.2183 0.3578 0.1937 0.0566  -0.0270 -0.0137 16 GLN A CA  
135 C C   . GLN A 16 ? 0.2794 0.3987 0.2534 0.0626  -0.0329 -0.0245 16 GLN A C   
136 O O   . GLN A 16 ? 0.2673 0.4038 0.2372 0.0658  -0.0338 -0.0256 16 GLN A O   
137 C CB  . GLN A 16 ? 0.1944 0.3859 0.1649 0.0599  -0.0243 -0.0098 16 GLN A CB  
138 C CG  . GLN A 16 ? 0.2463 0.4655 0.2190 0.0511  -0.0196 0.0028  16 GLN A CG  
139 C CD  . GLN A 16 ? 0.3864 0.6684 0.3546 0.0528  -0.0170 0.0084  16 GLN A CD  
140 O OE1 . GLN A 16 ? 0.4017 0.7011 0.3665 0.0445  -0.0167 0.0204  16 GLN A OE1 
141 N NE2 . GLN A 16 ? 0.3495 0.6704 0.3172 0.0640  -0.0159 0.0003  16 GLN A NE2 
142 N N   . SER A 17 ? 0.2496 0.3343 0.2269 0.0624  -0.0377 -0.0306 17 SER A N   
143 C CA  . SER A 17 ? 0.2439 0.3080 0.2213 0.0654  -0.0462 -0.0401 17 SER A CA  
144 C C   . SER A 17 ? 0.2795 0.3107 0.2629 0.0554  -0.0490 -0.0364 17 SER A C   
145 O O   . SER A 17 ? 0.2770 0.2973 0.2613 0.0547  -0.0499 -0.0355 17 SER A O   
146 C CB  . SER A 17 ? 0.2616 0.3308 0.2327 0.0835  -0.0573 -0.0585 17 SER A CB  
147 O OG  . SER A 17 ? 0.2416 0.2800 0.2135 0.0838  -0.0700 -0.0672 17 SER A OG  
148 N N   . PHE A 18 ? 0.2209 0.2416 0.2080 0.0473  -0.0505 -0.0338 18 PHE A N   
149 C CA  . PHE A 18 ? 0.2357 0.2357 0.2286 0.0363  -0.0539 -0.0289 18 PHE A CA  
150 C C   . PHE A 18 ? 0.2528 0.2297 0.2440 0.0383  -0.0687 -0.0367 18 PHE A C   
151 O O   . PHE A 18 ? 0.2380 0.1987 0.2308 0.0321  -0.0725 -0.0316 18 PHE A O   
152 C CB  . PHE A 18 ? 0.2188 0.2231 0.2167 0.0280  -0.0523 -0.0245 18 PHE A CB  
153 C CG  . PHE A 18 ? 0.2361 0.2529 0.2353 0.0259  -0.0424 -0.0168 18 PHE A CG  
154 C CD1 . PHE A 18 ? 0.2786 0.2946 0.2822 0.0197  -0.0385 -0.0103 18 PHE A CD1 
155 C CD2 . PHE A 18 ? 0.3140 0.3433 0.3092 0.0307  -0.0396 -0.0163 18 PHE A CD2 
156 C CE1 . PHE A 18 ? 0.2442 0.2670 0.2478 0.0209  -0.0340 -0.0064 18 PHE A CE1 
157 C CE2 . PHE A 18 ? 0.3020 0.3347 0.2972 0.0290  -0.0359 -0.0090 18 PHE A CE2 
158 C CZ  . PHE A 18 ? 0.2605 0.2879 0.2598 0.0253  -0.0340 -0.0057 18 PHE A CZ  
159 N N   . THR A 19 ? 0.2338 0.2080 0.2209 0.0476  -0.0792 -0.0489 19 THR A N   
160 C CA  . THR A 19 ? 0.2411 0.1864 0.2250 0.0517  -0.0993 -0.0588 19 THR A CA  
161 C C   . THR A 19 ? 0.3011 0.2373 0.2792 0.0642  -0.1050 -0.0654 19 THR A C   
162 O O   . THR A 19 ? 0.3284 0.2342 0.3060 0.0589  -0.1180 -0.0630 19 THR A O   
163 C CB  . THR A 19 ? 0.2635 0.2089 0.2428 0.0632  -0.1117 -0.0745 19 THR A CB  
164 O OG1 . THR A 19 ? 0.3047 0.2586 0.2899 0.0513  -0.1072 -0.0682 19 THR A OG1 
165 C CG2 . THR A 19 ? 0.2682 0.1751 0.2437 0.0672  -0.1381 -0.0857 19 THR A CG2 
166 N N   . LYS A 20 ? 0.2806 0.2458 0.2540 0.0796  -0.0961 -0.0724 20 LYS A N   
167 C CA  . LYS A 20 ? 0.3344 0.3009 0.3025 0.0944  -0.1007 -0.0807 20 LYS A CA  
168 C C   . LYS A 20 ? 0.3388 0.2949 0.3110 0.0824  -0.0936 -0.0666 20 LYS A C   
169 O O   . LYS A 20 ? 0.3643 0.3020 0.3328 0.0896  -0.1043 -0.0713 20 LYS A O   
170 C CB  . LYS A 20 ? 0.2994 0.3122 0.2630 0.1108  -0.0912 -0.0886 20 LYS A CB  
171 C CG  . LYS A 20 ? 0.3784 0.4070 0.3346 0.1306  -0.1020 -0.1082 20 LYS A CG  
172 C CD  . LYS A 20 ? 1.1578 1.2397 1.1085 0.1494  -0.0954 -0.1170 20 LYS A CD  
173 C CE  . LYS A 20 ? 1.2608 1.3603 1.2022 0.1763  -0.1106 -0.1424 20 LYS A CE  
174 N NZ  . LYS A 20 ? 0.8904 1.0514 0.8261 0.1972  -0.1054 -0.1525 20 LYS A NZ  
175 N N   . ALA A 21 ? 0.3079 0.2753 0.2870 0.0661  -0.0775 -0.0507 21 ALA A N   
176 C CA  . ALA A 21 ? 0.3017 0.2617 0.2849 0.0548  -0.0712 -0.0380 21 ALA A CA  
177 C C   . ALA A 21 ? 0.3365 0.2645 0.3212 0.0431  -0.0836 -0.0318 21 ALA A C   
178 O O   . ALA A 21 ? 0.2909 0.2051 0.2744 0.0408  -0.0876 -0.0269 21 ALA A O   
179 C CB  . ALA A 21 ? 0.2708 0.2492 0.2597 0.0435  -0.0553 -0.0261 21 ALA A CB  
180 N N   . ALA A 22 ? 0.2760 0.1942 0.2630 0.0345  -0.0907 -0.0305 22 ALA A N   
181 C CA  . ALA A 22 ? 0.3000 0.1916 0.2890 0.0188  -0.1050 -0.0214 22 ALA A CA  
182 C C   . ALA A 22 ? 0.3302 0.1859 0.3114 0.0275  -0.1279 -0.0294 22 ALA A C   
183 O O   . ALA A 22 ? 0.3696 0.2034 0.3501 0.0163  -0.1377 -0.0181 22 ALA A O   
184 C CB  . ALA A 22 ? 0.2744 0.1675 0.2681 0.0078  -0.1092 -0.0194 22 ALA A CB  
185 N N   . ASP A 23 ? 0.3687 0.2206 0.3432 0.0487  -0.1376 -0.0493 23 ASP A N   
186 C CA  . ASP A 23 ? 0.3640 0.1826 0.3290 0.0648  -0.1623 -0.0631 23 ASP A CA  
187 C C   . ASP A 23 ? 0.4659 0.2829 0.4277 0.0709  -0.1596 -0.0600 23 ASP A C   
188 O O   . ASP A 23 ? 0.4921 0.2715 0.4489 0.0699  -0.1802 -0.0578 23 ASP A O   
189 C CB  . ASP A 23 ? 0.4926 0.3243 0.4506 0.0928  -0.1689 -0.0886 23 ASP A CB  
190 C CG  . ASP A 23 ? 0.7224 0.5454 0.6807 0.0908  -0.1801 -0.0960 23 ASP A CG  
191 O OD1 . ASP A 23 ? 0.5606 0.3543 0.5231 0.0695  -0.1922 -0.0843 23 ASP A OD1 
192 O OD2 . ASP A 23 ? 0.5540 0.4034 0.5084 0.1103  -0.1774 -0.1133 23 ASP A OD2 
193 N N   . LYS A 24 ? 0.3638 0.2201 0.3287 0.0761  -0.1359 -0.0587 24 LYS A N   
194 C CA  . LYS A 24 ? 0.3682 0.2307 0.3311 0.0825  -0.1310 -0.0569 24 LYS A CA  
195 C C   . LYS A 24 ? 0.4814 0.3279 0.4480 0.0611  -0.1289 -0.0359 24 LYS A C   
196 O O   . LYS A 24 ? 0.4795 0.3111 0.4418 0.0653  -0.1368 -0.0342 24 LYS A O   
197 C CB  . LYS A 24 ? 0.3697 0.2801 0.3360 0.0893  -0.1079 -0.0587 24 LYS A CB  
198 C CG  . LYS A 24 ? 0.7568 0.6812 0.7203 0.1020  -0.1054 -0.0629 24 LYS A CG  
199 C CD  . LYS A 24 ? 0.5607 0.5334 0.5288 0.1029  -0.0845 -0.0607 24 LYS A CD  
200 C CE  . LYS A 24 ? 0.8616 0.8535 0.8281 0.1146  -0.0828 -0.0649 24 LYS A CE  
201 N NZ  . LYS A 24 ? 1.6325 1.6736 1.6035 0.1125  -0.0656 -0.0609 24 LYS A NZ  
202 N N   . LEU A 25 ? 0.3902 0.2446 0.3643 0.0397  -0.1190 -0.0207 25 LEU A N   
203 C CA  . LEU A 25 ? 0.2696 0.1219 0.2475 0.0196  -0.1152 -0.0007 25 LEU A CA  
204 C C   . LEU A 25 ? 0.4267 0.2454 0.4031 0.0024  -0.1369 0.0112  25 LEU A C   
205 O O   . LEU A 25 ? 0.4302 0.2531 0.4097 -0.0175 -0.1354 0.0307  25 LEU A O   
206 C CB  . LEU A 25 ? 0.4399 0.3268 0.4264 0.0081  -0.0935 0.0082  25 LEU A CB  
207 C CG  . LEU A 25 ? 0.3882 0.3049 0.3768 0.0185  -0.0744 0.0018  25 LEU A CG  
208 C CD1 . LEU A 25 ? 0.4532 0.3922 0.4483 0.0106  -0.0621 0.0058  25 LEU A CD1 
209 C CD2 . LEU A 25 ? 0.4558 0.3803 0.4442 0.0193  -0.0674 0.0069  25 LEU A CD2 
210 N N   . CYS A 26 ? 0.4162 0.2038 0.3874 0.0098  -0.1588 -0.0002 26 CYS A N   
211 C CA  . CYS A 26 ? 0.5339 0.2812 0.5029 -0.0073 -0.1861 0.0106  26 CYS A CA  
212 C C   . CYS A 26 ? 0.7009 0.4665 0.6796 -0.0367 -0.1800 0.0310  26 CYS A C   
213 O O   . CYS A 26 ? 0.5823 0.3337 0.5618 -0.0609 -0.1937 0.0524  26 CYS A O   
214 C CB  . CYS A 26 ? 0.6459 0.3599 0.6073 -0.0104 -0.2044 0.0205  26 CYS A CB  
215 S SG  . CYS A 26 ? 0.7951 0.4877 0.7442 0.0269  -0.2170 -0.0059 26 CYS A SG  
216 N N   . ILE A 27 ? 0.5067 0.3074 0.4925 -0.0347 -0.1605 0.0251  27 ILE A N   
217 C CA  . ILE A 27 ? 0.4395 0.2654 0.4348 -0.0578 -0.1540 0.0401  27 ILE A CA  
218 C C   . ILE A 27 ? 0.3941 0.2239 0.3921 -0.0521 -0.1552 0.0267  27 ILE A C   
219 O O   . ILE A 27 ? 0.4689 0.2919 0.4618 -0.0290 -0.1552 0.0061  27 ILE A O   
220 C CB  . ILE A 27 ? 0.3512 0.2256 0.3531 -0.0622 -0.1267 0.0493  27 ILE A CB  
221 C CG1 . ILE A 27 ? 0.4078 0.3008 0.4086 -0.0387 -0.1070 0.0320  27 ILE A CG1 
222 C CG2 . ILE A 27 ? 0.4876 0.3643 0.4876 -0.0736 -0.1273 0.0666  27 ILE A CG2 
223 C CD1 . ILE A 27 ? 0.3941 0.3287 0.4011 -0.0406 -0.0853 0.0365  27 ILE A CD1 
224 N N   . ALA A 28 ? 0.4459 0.2919 0.4522 -0.0731 -0.1565 0.0387  28 ALA A N   
225 C CA  . ALA A 28 ? 0.4243 0.2793 0.4341 -0.0693 -0.1563 0.0275  28 ALA A CA  
226 C C   . ALA A 28 ? 0.2918 0.1869 0.3043 -0.0542 -0.1291 0.0185  28 ALA A C   
227 O O   . ALA A 28 ? 0.2838 0.2058 0.2990 -0.0552 -0.1115 0.0259  28 ALA A O   
228 C CB  . ALA A 28 ? 0.4122 0.2771 0.4307 -0.0979 -0.1665 0.0445  28 ALA A CB  
229 N N   . GLN A 29 ? 0.3113 0.2082 0.3222 -0.0400 -0.1282 0.0026  29 GLN A N   
230 C CA  . GLN A 29 ? 0.3207 0.2491 0.3324 -0.0264 -0.1070 -0.0047 29 GLN A CA  
231 C C   . GLN A 29 ? 0.1979 0.1629 0.2184 -0.0379 -0.0933 0.0057  29 GLN A C   
232 O O   . GLN A 29 ? 0.2769 0.2629 0.2978 -0.0306 -0.0773 0.0062  29 GLN A O   
233 C CB  . GLN A 29 ? 0.2664 0.1908 0.2731 -0.0095 -0.1113 -0.0224 29 GLN A CB  
234 C CG  . GLN A 29 ? 0.3332 0.2880 0.3401 0.0012  -0.0932 -0.0267 29 GLN A CG  
235 C CD  . GLN A 29 ? 0.3352 0.3090 0.3488 -0.0076 -0.0911 -0.0236 29 GLN A CD  
236 O OE1 . GLN A 29 ? 0.4600 0.4257 0.4745 -0.0106 -0.1039 -0.0290 29 GLN A OE1 
237 N NE2 . GLN A 29 ? 0.3674 0.3664 0.3852 -0.0102 -0.0768 -0.0164 29 GLN A NE2 
238 N N   . PRO A 30 ? 0.2516 0.2256 0.2792 -0.0548 -0.1016 0.0131  30 PRO A N   
239 C CA  . PRO A 30 ? 0.2844 0.3014 0.3200 -0.0616 -0.0890 0.0201  30 PRO A CA  
240 C C   . PRO A 30 ? 0.2942 0.3368 0.3319 -0.0648 -0.0768 0.0302  30 PRO A C   
241 O O   . PRO A 30 ? 0.2357 0.3037 0.2741 -0.0530 -0.0633 0.0250  30 PRO A O   
242 C CB  . PRO A 30 ? 0.3217 0.3460 0.3650 -0.0831 -0.1029 0.0290  30 PRO A CB  
243 C CG  . PRO A 30 ? 0.3632 0.3456 0.4013 -0.0794 -0.1212 0.0188  30 PRO A CG  
244 C CD  . PRO A 30 ? 0.3438 0.2927 0.3722 -0.0662 -0.1238 0.0130  30 PRO A CD  
245 N N   . PRO A 31 ? 0.2848 0.3196 0.3226 -0.0794 -0.0834 0.0439  31 PRO A N   
246 C CA  . PRO A 31 ? 0.2331 0.2962 0.2718 -0.0794 -0.0714 0.0514  31 PRO A CA  
247 C C   . PRO A 31 ? 0.1952 0.2481 0.2273 -0.0579 -0.0599 0.0399  31 PRO A C   
248 O O   . PRO A 31 ? 0.2441 0.3248 0.2773 -0.0510 -0.0486 0.0389  31 PRO A O   
249 C CB  . PRO A 31 ? 0.3822 0.4323 0.4202 -0.0996 -0.0834 0.0693  31 PRO A CB  
250 C CG  . PRO A 31 ? 0.3760 0.3768 0.4100 -0.1037 -0.1032 0.0666  31 PRO A CG  
251 C CD  . PRO A 31 ? 0.2476 0.2522 0.2849 -0.0981 -0.1041 0.0547  31 PRO A CD  
252 N N   . LEU A 32 ? 0.2278 0.2443 0.2534 -0.0474 -0.0644 0.0309  32 LEU A N   
253 C CA  A LEU A 32 ? 0.1949 0.2050 0.2151 -0.0300 -0.0549 0.0218  32 LEU A CA  
254 C CA  B LEU A 32 ? 0.1993 0.2088 0.2194 -0.0299 -0.0551 0.0217  32 LEU A CA  
255 C C   . LEU A 32 ? 0.2308 0.2602 0.2521 -0.0190 -0.0451 0.0141  32 LEU A C   
256 O O   . LEU A 32 ? 0.1828 0.2234 0.2033 -0.0117 -0.0370 0.0128  32 LEU A O   
257 C CB  A LEU A 32 ? 0.1393 0.1179 0.1527 -0.0203 -0.0624 0.0131  32 LEU A CB  
258 C CB  B LEU A 32 ? 0.3799 0.3577 0.3934 -0.0205 -0.0631 0.0128  32 LEU A CB  
259 C CG  A LEU A 32 ? 0.2261 0.2046 0.2349 -0.0049 -0.0535 0.0055  32 LEU A CG  
260 C CG  B LEU A 32 ? 0.6040 0.5779 0.6119 -0.0041 -0.0562 0.0039  32 LEU A CG  
261 C CD1 A LEU A 32 ? 0.5103 0.4673 0.5132 0.0017  -0.0609 0.0015  32 LEU A CD1 
262 C CD1 B LEU A 32 ? 1.2807 1.2652 1.2874 0.0053  -0.0511 -0.0042 32 LEU A CD1 
263 C CD2 A LEU A 32 ? 0.2646 0.2513 0.2718 0.0050  -0.0492 -0.0030 32 LEU A CD2 
264 C CD2 B LEU A 32 ? 0.2554 0.2401 0.2638 -0.0031 -0.0464 0.0088  32 LEU A CD2 
265 N N   . SER A 33 ? 0.1897 0.2206 0.2121 -0.0176 -0.0482 0.0089  33 SER A N   
266 C CA  . SER A 33 ? 0.1542 0.2002 0.1766 -0.0074 -0.0420 0.0026  33 SER A CA  
267 C C   . SER A 33 ? 0.2190 0.2954 0.2461 -0.0075 -0.0370 0.0048  33 SER A C   
268 O O   . SER A 33 ? 0.2026 0.2838 0.2269 0.0043  -0.0332 -0.0003 33 SER A O   
269 C CB  . SER A 33 ? 0.1706 0.2157 0.1934 -0.0069 -0.0473 -0.0026 33 SER A CB  
270 O OG  . SER A 33 ? 0.3398 0.3629 0.3568 -0.0015 -0.0523 -0.0084 33 SER A OG  
271 N N   . ARG A 34 ? 0.2467 0.3450 0.2801 -0.0205 -0.0393 0.0124  34 ARG A N   
272 C CA  . ARG A 34 ? 0.2762 0.4159 0.3140 -0.0193 -0.0349 0.0135  34 ARG A CA  
273 C C   . ARG A 34 ? 0.3012 0.4450 0.3358 -0.0111 -0.0297 0.0125  34 ARG A C   
274 O O   . ARG A 34 ? 0.2211 0.3857 0.2549 0.0027  -0.0274 0.0043  34 ARG A O   
275 C CB  . ARG A 34 ? 0.2145 0.3851 0.2603 -0.0391 -0.0387 0.0257  34 ARG A CB  
276 C CG  . ARG A 34 ? 0.2781 0.4539 0.3289 -0.0470 -0.0451 0.0255  34 ARG A CG  
277 C CD  . ARG A 34 ? 0.4504 0.6701 0.5109 -0.0681 -0.0489 0.0391  34 ARG A CD  
278 N NE  . ARG A 34 ? 0.3369 0.5414 0.3982 -0.0911 -0.0572 0.0565  34 ARG A NE  
279 C CZ  . ARG A 34 ? 0.5738 0.7448 0.6357 -0.1075 -0.0715 0.0634  34 ARG A CZ  
280 N NH1 . ARG A 34 ? 0.3005 0.4536 0.3629 -0.1032 -0.0773 0.0533  34 ARG A NH1 
281 N NH2 . ARG A 34 ? 0.4554 0.6087 0.5167 -0.1276 -0.0824 0.0800  34 ARG A NH2 
282 N N   . GLN A 35 ? 0.2013 0.3231 0.2331 -0.0178 -0.0302 0.0192  35 GLN A N   
283 C CA  . GLN A 35 ? 0.1632 0.2868 0.1916 -0.0110 -0.0260 0.0186  35 GLN A CA  
284 C C   . GLN A 35 ? 0.1774 0.2822 0.2007 0.0058  -0.0245 0.0073  35 GLN A C   
285 O O   . GLN A 35 ? 0.1928 0.3095 0.2147 0.0162  -0.0234 0.0017  35 GLN A O   
286 C CB  . GLN A 35 ? 0.2238 0.3259 0.2501 -0.0215 -0.0284 0.0283  35 GLN A CB  
287 C CG  . GLN A 35 ? 0.5552 0.6777 0.5853 -0.0407 -0.0325 0.0438  35 GLN A CG  
288 C CD  . GLN A 35 ? 0.3563 0.5228 0.3879 -0.0406 -0.0270 0.0482  35 GLN A CD  
289 O OE1 . GLN A 35 ? 0.4512 0.6161 0.4787 -0.0295 -0.0228 0.0431  35 GLN A OE1 
290 N NE2 . GLN A 35 ? 2.4397 2.6508 2.4771 -0.0530 -0.0275 0.0579  35 GLN A NE2 
291 N N   . ILE A 36 ? 0.1763 0.2536 0.1967 0.0079  -0.0263 0.0047  36 ILE A N   
292 C CA  A ILE A 36 ? 0.2090 0.2699 0.2247 0.0189  -0.0269 -0.0013 36 ILE A CA  
293 C CA  B ILE A 36 ? 0.2494 0.3098 0.2650 0.0189  -0.0270 -0.0013 36 ILE A CA  
294 C C   . ILE A 36 ? 0.2092 0.2827 0.2246 0.0297  -0.0304 -0.0089 36 ILE A C   
295 O O   . ILE A 36 ? 0.1840 0.2502 0.1959 0.0397  -0.0344 -0.0140 36 ILE A O   
296 C CB  A ILE A 36 ? 0.5763 0.6153 0.5885 0.0175  -0.0278 -0.0003 36 ILE A CB  
297 C CB  B ILE A 36 ? 0.1479 0.1874 0.1602 0.0175  -0.0280 -0.0006 36 ILE A CB  
298 C CG1 A ILE A 36 ? 0.2488 0.2758 0.2600 0.0122  -0.0270 0.0034  36 ILE A CG1 
299 C CG1 B ILE A 36 ? 0.2720 0.2990 0.2833 0.0123  -0.0274 0.0029  36 ILE A CG1 
300 C CG2 A ILE A 36 ? 0.1975 0.2246 0.2049 0.0240  -0.0298 -0.0016 36 ILE A CG2 
301 C CG2 B ILE A 36 ? 0.2326 0.2604 0.2401 0.0241  -0.0301 -0.0019 36 ILE A CG2 
302 C CD1 A ILE A 36 ? 0.3737 0.3889 0.3805 0.0161  -0.0266 0.0025  36 ILE A CD1 
303 C CD1 B ILE A 36 ? 0.1018 0.1259 0.1119 0.0136  -0.0250 0.0048  36 ILE A CD1 
304 N N   . GLN A 37 ? 0.2056 0.2969 0.2245 0.0283  -0.0311 -0.0101 37 GLN A N   
305 C CA  . GLN A 37 ? 0.1470 0.2556 0.1658 0.0408  -0.0355 -0.0189 37 GLN A CA  
306 C C   . GLN A 37 ? 0.1675 0.3036 0.1873 0.0505  -0.0361 -0.0252 37 GLN A C   
307 O O   . GLN A 37 ? 0.2133 0.3463 0.2286 0.0672  -0.0437 -0.0359 37 GLN A O   
308 C CB  . GLN A 37 ? 0.2053 0.3351 0.2292 0.0359  -0.0354 -0.0186 37 GLN A CB  
309 C CG  . GLN A 37 ? 0.2603 0.3664 0.2817 0.0322  -0.0371 -0.0167 37 GLN A CG  
310 C CD  . GLN A 37 ? 0.2844 0.4092 0.3118 0.0242  -0.0380 -0.0157 37 GLN A CD  
311 O OE1 . GLN A 37 ? 0.2544 0.4142 0.2881 0.0217  -0.0377 -0.0160 37 GLN A OE1 
312 N NE2 . GLN A 37 ? 0.2953 0.4009 0.3203 0.0203  -0.0399 -0.0149 37 GLN A NE2 
313 N N   . ASN A 38 ? 0.1778 0.3400 0.2023 0.0403  -0.0304 -0.0186 38 ASN A N   
314 C CA  . ASN A 38 ? 0.2101 0.4073 0.2351 0.0488  -0.0299 -0.0235 38 ASN A CA  
315 C C   . ASN A 38 ? 0.2646 0.4364 0.2830 0.0610  -0.0340 -0.0308 38 ASN A C   
316 O O   . ASN A 38 ? 0.2206 0.4101 0.2363 0.0792  -0.0399 -0.0440 38 ASN A O   
317 C CB  . ASN A 38 ? 0.1760 0.4015 0.2060 0.0307  -0.0236 -0.0095 38 ASN A CB  
318 C CG  . ASN A 38 ? 0.2866 0.5480 0.3242 0.0172  -0.0226 -0.0015 38 ASN A CG  
319 O OD1 . ASN A 38 ? 0.3925 0.6680 0.4321 0.0251  -0.0251 -0.0094 38 ASN A OD1 
320 N ND2 . ASN A 38 ? 0.3281 0.6036 0.3697 -0.0044 -0.0208 0.0154  38 ASN A ND2 
321 N N   . LEU A 39 ? 0.2042 0.3370 0.2202 0.0519  -0.0324 -0.0234 39 LEU A N   
322 C CA  . LEU A 39 ? 0.2502 0.3564 0.2610 0.0592  -0.0373 -0.0278 39 LEU A CA  
323 C C   . LEU A 39 ? 0.2892 0.3734 0.2950 0.0736  -0.0498 -0.0382 39 LEU A C   
324 O O   . LEU A 39 ? 0.2131 0.2936 0.2149 0.0877  -0.0595 -0.0489 39 LEU A O   
325 C CB  . LEU A 39 ? 0.1970 0.2736 0.2072 0.0458  -0.0329 -0.0171 39 LEU A CB  
326 C CG  . LEU A 39 ? 0.3084 0.3583 0.3148 0.0482  -0.0377 -0.0180 39 LEU A CG  
327 C CD1 . LEU A 39 ? 0.2193 0.2822 0.2247 0.0564  -0.0398 -0.0245 39 LEU A CD1 
328 C CD2 . LEU A 39 ? 0.2911 0.3244 0.2977 0.0360  -0.0322 -0.0080 39 LEU A CD2 
329 N N   . GLU A 40 ? 0.1983 0.2664 0.2032 0.0702  -0.0517 -0.0347 40 GLU A N   
330 C CA  . GLU A 40 ? 0.2242 0.2675 0.2231 0.0811  -0.0659 -0.0408 40 GLU A CA  
331 C C   . GLU A 40 ? 0.3121 0.3764 0.3092 0.1026  -0.0760 -0.0575 40 GLU A C   
332 O O   . GLU A 40 ? 0.2736 0.3152 0.2639 0.1175  -0.0931 -0.0674 40 GLU A O   
333 C CB  . GLU A 40 ? 0.1763 0.2066 0.1744 0.0728  -0.0646 -0.0326 40 GLU A CB  
334 C CG  . GLU A 40 ? 0.2191 0.2285 0.2163 0.0572  -0.0594 -0.0192 40 GLU A CG  
335 C CD  . GLU A 40 ? 0.3172 0.3220 0.3128 0.0516  -0.0584 -0.0129 40 GLU A CD  
336 O OE1 . GLU A 40 ? 0.3379 0.3614 0.3370 0.0516  -0.0530 -0.0155 40 GLU A OE1 
337 O OE2 . GLU A 40 ? 0.3184 0.3042 0.3091 0.0461  -0.0635 -0.0045 40 GLU A OE2 
338 N N   . GLU A 41 ? 0.2278 0.3369 0.2308 0.1044  -0.0676 -0.0606 41 GLU A N   
339 C CA  . GLU A 41 ? 0.2488 0.3934 0.2509 0.1263  -0.0753 -0.0776 41 GLU A CA  
340 C C   . GLU A 41 ? 0.2882 0.4500 0.2876 0.1427  -0.0812 -0.0908 41 GLU A C   
341 O O   . GLU A 41 ? 0.3148 0.4799 0.3085 0.1681  -0.0973 -0.1100 41 GLU A O   
342 C CB  . GLU A 41 ? 0.2193 0.4164 0.2300 0.1191  -0.0637 -0.0739 41 GLU A CB  
343 C CG  . GLU A 41 ? 0.1576 0.3426 0.1702 0.1103  -0.0624 -0.0673 41 GLU A CG  
344 C CD  . GLU A 41 ? 0.1585 0.3837 0.1807 0.0931  -0.0506 -0.0575 41 GLU A CD  
345 O OE1 . GLU A 41 ? 0.2479 0.5186 0.2756 0.0888  -0.0445 -0.0553 41 GLU A OE1 
346 O OE2 . GLU A 41 ? 0.2043 0.4167 0.2284 0.0828  -0.0491 -0.0510 41 GLU A OE2 
347 N N   . GLU A 42 ? 0.2211 0.3932 0.2237 0.1297  -0.0703 -0.0819 42 GLU A N   
348 C CA  . GLU A 42 ? 0.2833 0.4735 0.2829 0.1440  -0.0748 -0.0935 42 GLU A CA  
349 C C   . GLU A 42 ? 0.2979 0.4357 0.2891 0.1570  -0.0938 -0.1041 42 GLU A C   
350 O O   . GLU A 42 ? 0.3555 0.5017 0.3411 0.1822  -0.1092 -0.1246 42 GLU A O   
351 C CB  . GLU A 42 ? 0.3224 0.5286 0.3264 0.1250  -0.0597 -0.0787 42 GLU A CB  
352 C CG  . GLU A 42 ? 0.3387 0.5796 0.3400 0.1393  -0.0618 -0.0897 42 GLU A CG  
353 C CD  . GLU A 42 ? 0.5064 0.7517 0.5102 0.1204  -0.0496 -0.0737 42 GLU A CD  
354 O OE1 . GLU A 42 ? 0.4782 0.7160 0.4777 0.1289  -0.0545 -0.0809 42 GLU A OE1 
355 O OE2 . GLU A 42 ? 0.4947 0.7487 0.5039 0.0979  -0.0375 -0.0549 42 GLU A OE2 
356 N N   . LEU A 43 ? 0.2805 0.3672 0.2706 0.1397  -0.0946 -0.0900 43 LEU A N   
357 C CA  . LEU A 43 ? 0.2951 0.3299 0.2784 0.1439  -0.1137 -0.0936 43 LEU A CA  
358 C C   . LEU A 43 ? 0.4011 0.4068 0.3771 0.1601  -0.1363 -0.1042 43 LEU A C   
359 O O   . LEU A 43 ? 0.4176 0.3840 0.3862 0.1704  -0.1596 -0.1128 43 LEU A O   
360 C CB  . LEU A 43 ? 0.3770 0.3780 0.3623 0.1177  -0.1062 -0.0724 43 LEU A CB  
361 C CG  . LEU A 43 ? 0.3087 0.3250 0.2993 0.1023  -0.0887 -0.0617 43 LEU A CG  
362 C CD1 . LEU A 43 ? 0.3378 0.3281 0.3300 0.0806  -0.0823 -0.0434 43 LEU A CD1 
363 C CD2 . LEU A 43 ? 0.4027 0.4202 0.3910 0.1118  -0.0959 -0.0717 43 LEU A CD2 
364 N N   . GLY A 44 ? 0.4250 0.4472 0.4025 0.1619  -0.1317 -0.1033 44 GLY A N   
365 C CA  . GLY A 44 ? 0.3973 0.3921 0.3675 0.1768  -0.1529 -0.1117 44 GLY A CA  
366 C C   . GLY A 44 ? 0.3596 0.2981 0.3254 0.1582  -0.1624 -0.0935 44 GLY A C   
367 O O   . GLY A 44 ? 0.5457 0.4421 0.5024 0.1680  -0.1885 -0.0979 44 GLY A O   
368 N N   . ILE A 45 ? 0.3912 0.3312 0.3627 0.1317  -0.1427 -0.0726 45 ILE A N   
369 C CA  . ILE A 45 ? 0.4035 0.3046 0.3718 0.1111  -0.1477 -0.0525 45 ILE A CA  
370 C C   . ILE A 45 ? 0.6170 0.5383 0.5909 0.0930  -0.1259 -0.0370 45 ILE A C   
371 O O   . ILE A 45 ? 0.4798 0.4369 0.4608 0.0915  -0.1071 -0.0394 45 ILE A O   
372 C CB  . ILE A 45 ? 0.4935 0.3715 0.4619 0.0979  -0.1521 -0.0439 45 ILE A CB  
373 C CG1 . ILE A 45 ? 0.5297 0.4400 0.5065 0.0871  -0.1271 -0.0396 45 ILE A CG1 
374 C CG2 . ILE A 45 ? 0.5620 0.4140 0.5242 0.1161  -0.1779 -0.0606 45 ILE A CG2 
375 C CD1 . ILE A 45 ? 0.7572 0.6516 0.7351 0.0755  -0.1298 -0.0326 45 ILE A CD1 
376 N N   . GLN A 46 ? 0.3513 0.2498 0.3212 0.0790  -0.1310 -0.0208 46 GLN A N   
377 C CA  . GLN A 46 ? 0.3015 0.2181 0.2752 0.0630  -0.1128 -0.0072 46 GLN A CA  
378 C C   . GLN A 46 ? 0.2922 0.2062 0.2680 0.0448  -0.1055 0.0068  46 GLN A C   
379 O O   . GLN A 46 ? 0.3561 0.2467 0.3275 0.0344  -0.1186 0.0190  46 GLN A O   
380 C CB  . GLN A 46 ? 0.4192 0.3246 0.3867 0.0604  -0.1211 0.0016  46 GLN A CB  
381 C CG  . GLN A 46 ? 0.6880 0.6056 0.6548 0.0777  -0.1239 -0.0119 46 GLN A CG  
382 C CD  . GLN A 46 ? 0.6119 0.5181 0.5718 0.0754  -0.1326 -0.0025 46 GLN A CD  
383 O OE1 . GLN A 46 ? 0.6128 0.4899 0.5651 0.0660  -0.1475 0.0121  46 GLN A OE1 
384 N NE2 . GLN A 46 ? 0.6652 0.5957 0.6276 0.0824  -0.1246 -0.0092 46 GLN A NE2 
385 N N   . LEU A 47 ? 0.2855 0.2245 0.2681 0.0407  -0.0868 0.0055  47 LEU A N   
386 C CA  . LEU A 47 ? 0.2490 0.1924 0.2339 0.0270  -0.0786 0.0157  47 LEU A CA  
387 C C   . LEU A 47 ? 0.2984 0.2552 0.2825 0.0164  -0.0711 0.0274  47 LEU A C   
388 O O   . LEU A 47 ? 0.2528 0.2155 0.2366 0.0049  -0.0692 0.0387  47 LEU A O   
389 C CB  . LEU A 47 ? 0.2528 0.2143 0.2438 0.0297  -0.0653 0.0082  47 LEU A CB  
390 C CG  . LEU A 47 ? 0.3160 0.2747 0.3081 0.0392  -0.0701 -0.0025 47 LEU A CG  
391 C CD1 . LEU A 47 ? 0.2620 0.2438 0.2592 0.0395  -0.0560 -0.0062 47 LEU A CD1 
392 C CD2 . LEU A 47 ? 0.3514 0.2894 0.3414 0.0340  -0.0814 0.0019  47 LEU A CD2 
393 N N   . LEU A 48 ? 0.2809 0.2477 0.2644 0.0214  -0.0670 0.0238  48 LEU A N   
394 C CA  . LEU A 48 ? 0.2753 0.2588 0.2569 0.0154  -0.0605 0.0312  48 LEU A CA  
395 C C   . LEU A 48 ? 0.4005 0.3776 0.3761 0.0169  -0.0698 0.0358  48 LEU A C   
396 O O   . LEU A 48 ? 0.3459 0.3118 0.3207 0.0270  -0.0769 0.0273  48 LEU A O   
397 C CB  . LEU A 48 ? 0.2300 0.2318 0.2163 0.0198  -0.0479 0.0217  48 LEU A CB  
398 C CG  . LEU A 48 ? 0.2678 0.2741 0.2589 0.0191  -0.0403 0.0174  48 LEU A CG  
399 C CD1 . LEU A 48 ? 0.3066 0.3212 0.3014 0.0227  -0.0343 0.0090  48 LEU A CD1 
400 C CD2 . LEU A 48 ? 0.2552 0.2718 0.2451 0.0128  -0.0373 0.0249  48 LEU A CD2 
401 N N   . GLU A 49 ? 0.2525 0.2411 0.2235 0.0078  -0.0702 0.0491  49 GLU A N   
402 C CA  . GLU A 49 ? 0.3069 0.2931 0.2711 0.0082  -0.0784 0.0556  49 GLU A CA  
403 C C   . GLU A 49 ? 0.2681 0.2690 0.2348 0.0193  -0.0700 0.0418  49 GLU A C   
404 O O   . GLU A 49 ? 0.3418 0.3652 0.3111 0.0198  -0.0588 0.0373  49 GLU A O   
405 C CB  . GLU A 49 ? 0.3357 0.3416 0.2943 -0.0058 -0.0794 0.0750  49 GLU A CB  
406 C CG  . GLU A 49 ? 0.5969 0.5875 0.5526 -0.0218 -0.0926 0.0939  49 GLU A CG  
407 C CD  . GLU A 49 ? 6.5167 6.5355 6.4666 -0.0389 -0.0944 0.1173  49 GLU A CD  
408 O OE1 . GLU A 49 ? 0.6211 0.6701 0.5677 -0.0353 -0.0867 0.1176  49 GLU A OE1 
409 O OE2 . GLU A 49 ? 0.5589 0.5732 0.5077 -0.0566 -0.1044 0.1361  49 GLU A OE2 
410 N N   . ARG A 50 ? 0.3763 0.3643 0.3423 0.0292  -0.0775 0.0338  50 ARG A N   
411 C CA  . ARG A 50 ? 0.4547 0.4578 0.4246 0.0381  -0.0712 0.0209  50 ARG A CA  
412 C C   . ARG A 50 ? 0.4007 0.4211 0.3660 0.0364  -0.0690 0.0256  50 ARG A C   
413 O O   . ARG A 50 ? 0.4624 0.4776 0.4197 0.0349  -0.0783 0.0358  50 ARG A O   
414 C CB  . ARG A 50 ? 0.4875 0.4808 0.4579 0.0505  -0.0806 0.0110  50 ARG A CB  
415 C CG  . ARG A 50 ? 0.3864 0.4016 0.3643 0.0574  -0.0736 -0.0025 50 ARG A CG  
416 C CD  . ARG A 50 ? 0.3708 0.3972 0.3577 0.0545  -0.0636 -0.0088 50 ARG A CD  
417 N NE  . ARG A 50 ? 0.3566 0.4058 0.3509 0.0549  -0.0583 -0.0166 50 ARG A NE  
418 C CZ  . ARG A 50 ? 0.9174 0.9774 0.9189 0.0471  -0.0508 -0.0180 50 ARG A CZ  
419 N NH1 . ARG A 50 ? 0.3960 0.4756 0.4041 0.0443  -0.0496 -0.0223 50 ARG A NH1 
420 N NH2 . ARG A 50 ? 0.4136 0.4646 0.4156 0.0413  -0.0464 -0.0140 50 ARG A NH2 
421 N N   . GLY A 51 ? 0.4061 0.4457 0.3754 0.0369  -0.0588 0.0181  51 GLY A N   
422 C CA  . GLY A 51 ? 0.5135 0.5735 0.4784 0.0383  -0.0570 0.0182  51 GLY A CA  
423 C C   . GLY A 51 ? 0.3798 0.4600 0.3399 0.0331  -0.0530 0.0269  51 GLY A C   
424 O O   . GLY A 51 ? 0.4470 0.5508 0.4024 0.0366  -0.0515 0.0253  51 GLY A O   
425 N N   . SER A 52 ? 0.4027 0.4784 0.3638 0.0258  -0.0515 0.0349  52 SER A N   
426 C CA  . SER A 52 ? 0.4786 0.5820 0.4359 0.0201  -0.0477 0.0442  52 SER A CA  
427 C C   . SER A 52 ? 0.4074 0.5333 0.3665 0.0297  -0.0404 0.0291  52 SER A C   
428 O O   . SER A 52 ? 0.3266 0.4371 0.2920 0.0345  -0.0380 0.0162  52 SER A O   
429 C CB  . SER A 52 ? 0.4649 0.5582 0.4240 0.0091  -0.0493 0.0561  52 SER A CB  
430 O OG  . SER A 52 ? 0.3646 0.4409 0.3313 0.0130  -0.0451 0.0444  52 SER A OG  
431 N N   . ARG A 53 ? 0.3155 0.4788 0.2682 0.0331  -0.0388 0.0308  53 ARG A N   
432 C CA  . ARG A 53 ? 0.3783 0.5664 0.3304 0.0466  -0.0357 0.0138  53 ARG A CA  
433 C C   . ARG A 53 ? 0.5400 0.7776 0.4867 0.0460  -0.0322 0.0222  53 ARG A C   
434 O O   . ARG A 53 ? 0.4643 0.7348 0.4040 0.0420  -0.0329 0.0345  53 ARG A O   
435 C CB  . ARG A 53 ? 0.4135 0.6070 0.3624 0.0586  -0.0394 -0.0006 53 ARG A CB  
436 C CG  . ARG A 53 ? 0.5965 0.7524 0.5516 0.0584  -0.0432 -0.0085 53 ARG A CG  
437 C CD  . ARG A 53 ? 0.8412 0.9701 0.8042 0.0590  -0.0436 -0.0193 53 ARG A CD  
438 N NE  . ARG A 53 ? 6.4265 6.5301 6.3961 0.0559  -0.0469 -0.0238 53 ARG A NE  
439 C CZ  . ARG A 53 ? 1.7370 1.8180 1.7141 0.0511  -0.0473 -0.0268 53 ARG A CZ  
440 N NH1 . ARG A 53 ? 1.3367 1.4066 1.3198 0.0470  -0.0502 -0.0291 53 ARG A NH1 
441 N NH2 . ARG A 53 ? 0.9153 0.9901 0.8939 0.0500  -0.0451 -0.0264 53 ARG A NH2 
442 N N   . PRO A 54 ? 0.3894 0.6372 0.3392 0.0494  -0.0290 0.0166  54 PRO A N   
443 C CA  . PRO A 54 ? 0.4051 0.6165 0.3620 0.0525  -0.0289 0.0053  54 PRO A CA  
444 C C   . PRO A 54 ? 0.3284 0.5034 0.2911 0.0368  -0.0288 0.0190  54 PRO A C   
445 O O   . PRO A 54 ? 0.3587 0.5361 0.3196 0.0234  -0.0303 0.0378  54 PRO A O   
446 C CB  . PRO A 54 ? 0.3723 0.6178 0.3284 0.0604  -0.0263 -0.0004 54 PRO A CB  
447 C CG  . PRO A 54 ? 0.6017 0.8996 0.5531 0.0520  -0.0229 0.0172  54 PRO A CG  
448 C CD  . PRO A 54 ? 0.4944 0.8005 0.4400 0.0514  -0.0254 0.0217  54 PRO A CD  
449 N N   . VAL A 55 ? 0.2858 0.4277 0.2545 0.0389  -0.0289 0.0098  55 VAL A N   
450 C CA  . VAL A 55 ? 0.3036 0.4139 0.2772 0.0285  -0.0295 0.0180  55 VAL A CA  
451 C C   . VAL A 55 ? 0.3967 0.5167 0.3704 0.0170  -0.0290 0.0337  55 VAL A C   
452 O O   . VAL A 55 ? 0.2814 0.4229 0.2559 0.0180  -0.0256 0.0332  55 VAL A O   
453 C CB  . VAL A 55 ? 0.2352 0.3201 0.2149 0.0324  -0.0290 0.0066  55 VAL A CB  
454 C CG1 . VAL A 55 ? 0.2523 0.3132 0.2362 0.0245  -0.0297 0.0132  55 VAL A CG1 
455 C CG2 . VAL A 55 ? 0.2913 0.3659 0.2717 0.0390  -0.0324 -0.0055 55 VAL A CG2 
456 N N   . LYS A 56 ? 0.2580 0.3614 0.2306 0.0062  -0.0349 0.0472  56 LYS A N   
457 C CA  . LYS A 56 ? 0.2957 0.4011 0.2682 -0.0083 -0.0393 0.0646  56 LYS A CA  
458 C C   . LYS A 56 ? 0.3097 0.3733 0.2848 -0.0117 -0.0470 0.0653  56 LYS A C   
459 O O   . LYS A 56 ? 0.2881 0.3282 0.2626 -0.0055 -0.0516 0.0589  56 LYS A O   
460 C CB  . LYS A 56 ? 0.2990 0.4256 0.2647 -0.0197 -0.0450 0.0838  56 LYS A CB  
461 C CG  . LYS A 56 ? 0.3831 0.5262 0.3488 -0.0388 -0.0498 0.1053  56 LYS A CG  
462 C CD  . LYS A 56 ? 0.6014 0.7626 0.5596 -0.0542 -0.0584 0.1290  56 LYS A CD  
463 C CE  . LYS A 56 ? 0.8898 1.0682 0.8489 -0.0782 -0.0658 0.1544  56 LYS A CE  
464 N NZ  . LYS A 56 ? 1.9992 2.1960 1.9505 -0.0975 -0.0765 0.1823  56 LYS A NZ  
465 N N   . THR A 57 ? 0.2423 0.3007 0.2205 -0.0199 -0.0494 0.0713  57 THR A N   
466 C CA  . THR A 57 ? 0.2836 0.3049 0.2634 -0.0212 -0.0591 0.0702  57 THR A CA  
467 C C   . THR A 57 ? 0.2812 0.2805 0.2553 -0.0314 -0.0765 0.0852  57 THR A C   
468 O O   . THR A 57 ? 0.2307 0.2470 0.2008 -0.0450 -0.0807 0.1034  57 THR A O   
469 C CB  . THR A 57 ? 0.2346 0.2565 0.2193 -0.0266 -0.0584 0.0714  57 THR A CB  
470 O OG1 . THR A 57 ? 0.2461 0.2964 0.2303 -0.0416 -0.0589 0.0881  57 THR A OG1 
471 C CG2 . THR A 57 ? 0.1986 0.2297 0.1878 -0.0148 -0.0456 0.0557  57 THR A CG2 
472 N N   . THR A 58 ? 0.2931 0.2560 0.2663 -0.0242 -0.0883 0.0774  58 THR A N   
473 C CA  . THR A 58 ? 0.3714 0.3010 0.3385 -0.0325 -0.1111 0.0894  58 THR A CA  
474 C C   . THR A 58 ? 0.3986 0.3205 0.3684 -0.0471 -0.1193 0.0995  58 THR A C   
475 O O   . THR A 58 ? 0.3178 0.2587 0.2940 -0.0457 -0.1060 0.0929  58 THR A O   
476 C CB  . THR A 58 ? 0.3485 0.2444 0.3131 -0.0145 -0.1233 0.0727  58 THR A CB  
477 O OG1 . THR A 58 ? 0.3017 0.1957 0.2720 -0.0033 -0.1178 0.0556  58 THR A OG1 
478 C CG2 . THR A 58 ? 0.3997 0.3077 0.3628 -0.0016 -0.1157 0.0633  58 THR A CG2 
479 N N   . PRO A 59 ? 0.3954 0.2882 0.3600 -0.0619 -0.1432 0.1164  59 PRO A N   
480 C CA  . PRO A 59 ? 0.4023 0.2850 0.3701 -0.0773 -0.1539 0.1259  59 PRO A CA  
481 C C   . PRO A 59 ? 0.4382 0.3042 0.4107 -0.0611 -0.1527 0.1033  59 PRO A C   
482 O O   . PRO A 59 ? 0.3603 0.2432 0.3390 -0.0675 -0.1448 0.1039  59 PRO A O   
483 C CB  . PRO A 59 ? 0.4289 0.2685 0.3887 -0.0922 -0.1862 0.1443  59 PRO A CB  
484 C CG  . PRO A 59 ? 0.5636 0.4149 0.5169 -0.0949 -0.1850 0.1560  59 PRO A CG  
485 C CD  . PRO A 59 ? 0.4056 0.2761 0.3611 -0.0690 -0.1625 0.1314  59 PRO A CD  
486 N N   . GLU A 60 ? 0.3570 0.1957 0.3261 -0.0393 -0.1603 0.0833  60 GLU A N   
487 C CA  . GLU A 60 ? 0.4472 0.2798 0.4198 -0.0216 -0.1577 0.0609  60 GLU A CA  
488 C C   . GLU A 60 ? 0.3799 0.2531 0.3597 -0.0142 -0.1283 0.0512  60 GLU A C   
489 O O   . GLU A 60 ? 0.3624 0.2423 0.3464 -0.0090 -0.1221 0.0415  60 GLU A O   
490 C CB  . GLU A 60 ? 0.4747 0.2790 0.4415 0.0021  -0.1738 0.0410  60 GLU A CB  
491 C CG  . GLU A 60 ? 0.5413 0.3588 0.5061 0.0151  -0.1649 0.0341  60 GLU A CG  
492 C CD  . GLU A 60 ? 0.5901 0.3818 0.5462 0.0087  -0.1841 0.0476  60 GLU A CD  
493 O OE1 . GLU A 60 ? 0.4980 0.2840 0.4499 0.0262  -0.1895 0.0359  60 GLU A OE1 
494 O OE2 . GLU A 60 ? 0.5063 0.2871 0.4600 -0.0145 -0.1944 0.0711  60 GLU A OE2 
495 N N   . GLY A 61 ? 0.3338 0.2314 0.3139 -0.0139 -0.1129 0.0542  61 GLY A N   
496 C CA  . GLY A 61 ? 0.3148 0.2450 0.3003 -0.0087 -0.0896 0.0469  61 GLY A CA  
497 C C   . GLY A 61 ? 0.3320 0.2840 0.3219 -0.0203 -0.0805 0.0553  61 GLY A C   
498 O O   . GLY A 61 ? 0.2435 0.2077 0.2375 -0.0142 -0.0693 0.0463  61 GLY A O   
499 N N   . HIS A 62 ? 0.2212 0.1818 0.2098 -0.0375 -0.0861 0.0737  62 HIS A N   
500 C CA  . HIS A 62 ? 0.2332 0.2227 0.2262 -0.0486 -0.0788 0.0822  62 HIS A CA  
501 C C   . HIS A 62 ? 0.2783 0.2520 0.2749 -0.0516 -0.0867 0.0798  62 HIS A C   
502 O O   . HIS A 62 ? 0.2705 0.2650 0.2718 -0.0500 -0.0762 0.0755  62 HIS A O   
503 C CB  . HIS A 62 ? 0.2516 0.2653 0.2429 -0.0681 -0.0832 0.1048  62 HIS A CB  
504 C CG  . HIS A 62 ? 0.4802 0.5397 0.4762 -0.0756 -0.0723 0.1111  62 HIS A CG  
505 N ND1 . HIS A 62 ? 0.5626 0.6627 0.5589 -0.0654 -0.0559 0.1041  62 HIS A ND1 
506 C CD2 . HIS A 62 ? 0.5930 0.6657 0.5937 -0.0902 -0.0770 0.1215  62 HIS A CD2 
507 C CE1 . HIS A 62 ? 0.5615 0.7005 0.5619 -0.0714 -0.0508 0.1092  62 HIS A CE1 
508 N NE2 . HIS A 62 ? 0.8030 0.9285 0.8068 -0.0878 -0.0622 0.1208  62 HIS A NE2 
509 N N   . PHE A 63 ? 0.3554 0.2911 0.3490 -0.0544 -0.1073 0.0809  63 PHE A N   
510 C CA  . PHE A 63 ? 0.3637 0.2790 0.3595 -0.0538 -0.1183 0.0745  63 PHE A CA  
511 C C   . PHE A 63 ? 0.2977 0.2207 0.2960 -0.0338 -0.1040 0.0535  63 PHE A C   
512 O O   . PHE A 63 ? 0.2702 0.2061 0.2727 -0.0347 -0.0980 0.0509  63 PHE A O   
513 C CB  . PHE A 63 ? 0.3273 0.1946 0.3171 -0.0534 -0.1465 0.0735  63 PHE A CB  
514 C CG  . PHE A 63 ? 0.4694 0.3134 0.4603 -0.0483 -0.1608 0.0623  63 PHE A CG  
515 C CD1 . PHE A 63 ? 0.5789 0.4134 0.5724 -0.0689 -0.1766 0.0764  63 PHE A CD1 
516 C CD2 . PHE A 63 ? 0.3467 0.1833 0.3360 -0.0232 -0.1592 0.0378  63 PHE A CD2 
517 C CE1 . PHE A 63 ? 0.4551 0.2672 0.4492 -0.0632 -0.1914 0.0643  63 PHE A CE1 
518 C CE2 . PHE A 63 ? 0.4953 0.3148 0.4847 -0.0159 -0.1728 0.0254  63 PHE A CE2 
519 C CZ  . PHE A 63 ? 0.5192 0.3235 0.5108 -0.0353 -0.1894 0.0377  63 PHE A CZ  
520 N N   . PHE A 64 ? 0.2561 0.1743 0.2518 -0.0172 -0.0994 0.0405  64 PHE A N   
521 C CA  . PHE A 64 ? 0.2464 0.1771 0.2440 -0.0012 -0.0863 0.0246  64 PHE A CA  
522 C C   . PHE A 64 ? 0.1953 0.1550 0.1969 -0.0043 -0.0674 0.0275  64 PHE A C   
523 O O   . PHE A 64 ? 0.2135 0.1813 0.2174 0.0005  -0.0613 0.0213  64 PHE A O   
524 C CB  . PHE A 64 ? 0.2330 0.1627 0.2280 0.0123  -0.0843 0.0149  64 PHE A CB  
525 C CG  . PHE A 64 ? 0.2792 0.2244 0.2758 0.0262  -0.0749 0.0010  64 PHE A CG  
526 C CD1 . PHE A 64 ? 0.3393 0.2785 0.3341 0.0397  -0.0852 -0.0124 64 PHE A CD1 
527 C CD2 . PHE A 64 ? 0.2387 0.2062 0.2382 0.0259  -0.0581 0.0018  64 PHE A CD2 
528 C CE1 . PHE A 64 ? 0.3258 0.2893 0.3218 0.0509  -0.0761 -0.0226 64 PHE A CE1 
529 C CE2 . PHE A 64 ? 0.2745 0.2586 0.2755 0.0342  -0.0512 -0.0063 64 PHE A CE2 
530 C CZ  . PHE A 64 ? 0.2337 0.2200 0.2331 0.0460  -0.0589 -0.0174 64 PHE A CZ  
531 N N   . TYR A 65 ? 0.2201 0.1956 0.2217 -0.0108 -0.0601 0.0363  65 TYR A N   
532 C CA  . TYR A 65 ? 0.2029 0.2049 0.2068 -0.0104 -0.0462 0.0366  65 TYR A CA  
533 C C   . TYR A 65 ? 0.1930 0.2073 0.2004 -0.0163 -0.0458 0.0402  65 TYR A C   
534 O O   . TYR A 65 ? 0.2179 0.2415 0.2268 -0.0091 -0.0380 0.0333  65 TYR A O   
535 C CB  . TYR A 65 ? 0.1960 0.2170 0.1983 -0.0146 -0.0419 0.0440  65 TYR A CB  
536 C CG  . TYR A 65 ? 0.2037 0.2556 0.2074 -0.0126 -0.0326 0.0434  65 TYR A CG  
537 C CD1 . TYR A 65 ? 0.1890 0.2435 0.1922 -0.0001 -0.0251 0.0318  65 TYR A CD1 
538 C CD2 . TYR A 65 ? 0.2148 0.2945 0.2200 -0.0232 -0.0334 0.0544  65 TYR A CD2 
539 C CE1 . TYR A 65 ? 0.2448 0.3239 0.2478 0.0061  -0.0204 0.0280  65 TYR A CE1 
540 C CE2 . TYR A 65 ? 0.2773 0.3917 0.2834 -0.0170 -0.0258 0.0507  65 TYR A CE2 
541 C CZ  . TYR A 65 ? 0.2526 0.3639 0.2569 -0.0004 -0.0202 0.0358  65 TYR A CZ  
542 O OH  . TYR A 65 ? 0.2606 0.4027 0.2644 0.0096  -0.0164 0.0291  65 TYR A OH  
543 N N   . GLN A 66 ? 0.1736 0.1877 0.1822 -0.0305 -0.0559 0.0520  66 GLN A N   
544 C CA  . GLN A 66 ? 0.1851 0.2156 0.1979 -0.0389 -0.0568 0.0572  66 GLN A CA  
545 C C   . GLN A 66 ? 0.2111 0.2260 0.2254 -0.0308 -0.0590 0.0461  66 GLN A C   
546 O O   . GLN A 66 ? 0.2377 0.2704 0.2549 -0.0289 -0.0529 0.0436  66 GLN A O   
547 C CB  . GLN A 66 ? 0.2088 0.2416 0.2231 -0.0603 -0.0703 0.0755  66 GLN A CB  
548 C CG  . GLN A 66 ? 0.2517 0.3197 0.2653 -0.0701 -0.0651 0.0894  66 GLN A CG  
549 C CD  . GLN A 66 ? 0.5436 0.6229 0.5592 -0.0962 -0.0788 0.1127  66 GLN A CD  
550 O OE1 . GLN A 66 ? 0.9545 1.0789 0.9745 -0.1070 -0.0742 0.1231  66 GLN A OE1 
551 N NE2 . GLN A 66 ? 0.7837 0.8234 0.7955 -0.1066 -0.0976 0.1215  66 GLN A NE2 
552 N N   . TYR A 67 ? 0.1964 0.1818 0.2078 -0.0240 -0.0681 0.0381  67 TYR A N   
553 C CA  . TYR A 67 ? 0.2271 0.2042 0.2386 -0.0139 -0.0700 0.0261  67 TYR A CA  
554 C C   . TYR A 67 ? 0.1601 0.1494 0.1707 -0.0001 -0.0556 0.0167  67 TYR A C   
555 O O   . TYR A 67 ? 0.2303 0.2262 0.2414 0.0055  -0.0524 0.0111  67 TYR A O   
556 C CB  . TYR A 67 ? 0.2817 0.2285 0.2901 -0.0092 -0.0885 0.0188  67 TYR A CB  
557 C CG  . TYR A 67 ? 0.3875 0.3180 0.3974 -0.0238 -0.1073 0.0268  67 TYR A CG  
558 C CD1 . TYR A 67 ? 0.4095 0.3182 0.4175 -0.0371 -0.1243 0.0387  67 TYR A CD1 
559 C CD2 . TYR A 67 ? 0.4299 0.3670 0.4434 -0.0264 -0.1095 0.0247  67 TYR A CD2 
560 C CE1 . TYR A 67 ? 0.5158 0.4073 0.5253 -0.0548 -0.1450 0.0495  67 TYR A CE1 
561 C CE2 . TYR A 67 ? 0.4630 0.3857 0.4789 -0.0426 -0.1287 0.0334  67 TYR A CE2 
562 C CZ  . TYR A 67 ? 0.4735 0.3724 0.4876 -0.0580 -0.1472 0.0465  67 TYR A CZ  
563 O OH  . TYR A 67 ? 0.5630 0.4449 0.5795 -0.0781 -0.1696 0.0582  67 TYR A OH  
564 N N   . ALA A 68 ? 0.1824 0.1748 0.1913 0.0036  -0.0483 0.0165  68 ALA A N   
565 C CA  . ALA A 68 ? 0.1787 0.1806 0.1866 0.0121  -0.0374 0.0114  68 ALA A CA  
566 C C   . ALA A 68 ? 0.2118 0.2280 0.2208 0.0116  -0.0300 0.0137  68 ALA A C   
567 O O   . ALA A 68 ? 0.1917 0.2107 0.1998 0.0171  -0.0266 0.0105  68 ALA A O   
568 C CB  . ALA A 68 ? 0.1470 0.1478 0.1535 0.0138  -0.0340 0.0115  68 ALA A CB  
569 N N   . ILE A 69 ? 0.1698 0.1980 0.1802 0.0061  -0.0291 0.0194  69 ILE A N   
570 C CA  . ILE A 69 ? 0.1836 0.2296 0.1945 0.0099  -0.0241 0.0184  69 ILE A CA  
571 C C   . ILE A 69 ? 0.1972 0.2479 0.2102 0.0095  -0.0261 0.0175  69 ILE A C   
572 O O   . ILE A 69 ? 0.1909 0.2470 0.2026 0.0171  -0.0231 0.0137  69 ILE A O   
573 C CB  . ILE A 69 ? 0.2429 0.3135 0.2545 0.0072  -0.0222 0.0225  69 ILE A CB  
574 C CG1 . ILE A 69 ? 0.3546 0.4377 0.3697 -0.0074 -0.0274 0.0334  69 ILE A CG1 
575 C CG2 . ILE A 69 ? 0.2493 0.3167 0.2576 0.0110  -0.0202 0.0207  69 ILE A CG2 
576 C CD1 . ILE A 69 ? 0.9764 1.1003 0.9932 -0.0108 -0.0245 0.0391  69 ILE A CD1 
577 N N   . LYS A 70 ? 0.2102 0.2557 0.2259 0.0009  -0.0334 0.0209  70 LYS A N   
578 C CA  A LYS A 70 ? 0.2774 0.3251 0.2953 0.0000  -0.0375 0.0191  70 LYS A CA  
579 C CA  B LYS A 70 ? 0.2760 0.3238 0.2939 0.0001  -0.0374 0.0191  70 LYS A CA  
580 C C   . LYS A 70 ? 0.2799 0.3176 0.2944 0.0111  -0.0355 0.0109  70 LYS A C   
581 O O   . LYS A 70 ? 0.1945 0.2408 0.2085 0.0160  -0.0331 0.0085  70 LYS A O   
582 C CB  A LYS A 70 ? 0.2445 0.2807 0.2653 -0.0120 -0.0505 0.0238  70 LYS A CB  
583 C CB  B LYS A 70 ? 0.1963 0.2329 0.2171 -0.0118 -0.0504 0.0237  70 LYS A CB  
584 C CG  A LYS A 70 ? 0.1489 0.1893 0.1729 -0.0160 -0.0576 0.0229  70 LYS A CG  
585 C CG  B LYS A 70 ? 0.1238 0.1786 0.1489 -0.0281 -0.0541 0.0368  70 LYS A CG  
586 C CD  A LYS A 70 ? 0.8329 0.8511 0.8540 -0.0075 -0.0662 0.0121  70 LYS A CD  
587 C CD  B LYS A 70 ? 0.3243 0.3606 0.3516 -0.0432 -0.0719 0.0437  70 LYS A CD  
588 C CE  A LYS A 70 ? 0.7460 0.7650 0.7706 -0.0125 -0.0768 0.0106  70 LYS A CE  
589 C CE  B LYS A 70 ? 0.5073 0.5662 0.5391 -0.0645 -0.0768 0.0621  70 LYS A CE  
590 N NZ  A LYS A 70 ? 0.6112 0.6099 0.6319 -0.0016 -0.0882 -0.0028 70 LYS A NZ  
591 N NZ  B LYS A 70 ? 0.5879 0.6229 0.6216 -0.0830 -0.0988 0.0720  70 LYS A NZ  
592 N N   . LEU A 71 ? 0.2084 0.2327 0.2200 0.0150  -0.0369 0.0072  71 LEU A N   
593 C CA  . LEU A 71 ? 0.2431 0.2682 0.2514 0.0241  -0.0350 0.0013  71 LEU A CA  
594 C C   . LEU A 71 ? 0.2003 0.2326 0.2060 0.0272  -0.0269 0.0044  71 LEU A C   
595 O O   . LEU A 71 ? 0.2181 0.2570 0.2216 0.0312  -0.0259 0.0040  71 LEU A O   
596 C CB  . LEU A 71 ? 0.2399 0.2581 0.2463 0.0286  -0.0389 -0.0039 71 LEU A CB  
597 C CG  . LEU A 71 ? 0.7429 0.7723 0.7462 0.0385  -0.0399 -0.0116 71 LEU A CG  
598 C CD1 . LEU A 71 ? 0.7312 0.7516 0.7334 0.0458  -0.0531 -0.0227 71 LEU A CD1 
599 C CD2 . LEU A 71 ? 0.5681 0.6109 0.5696 0.0406  -0.0324 -0.0090 71 LEU A CD2 
600 N N   . LEU A 72 ? 0.1728 0.2019 0.1782 0.0255  -0.0235 0.0077  72 LEU A N   
601 C CA  . LEU A 72 ? 0.1802 0.2081 0.1825 0.0283  -0.0212 0.0103  72 LEU A CA  
602 C C   . LEU A 72 ? 0.2521 0.2848 0.2532 0.0326  -0.0222 0.0098  72 LEU A C   
603 O O   . LEU A 72 ? 0.2375 0.2659 0.2343 0.0361  -0.0240 0.0119  72 LEU A O   
604 C CB  . LEU A 72 ? 0.1400 0.1613 0.1417 0.0273  -0.0207 0.0111  72 LEU A CB  
605 C CG  . LEU A 72 ? 0.1700 0.1875 0.1721 0.0240  -0.0199 0.0119  72 LEU A CG  
606 C CD1 . LEU A 72 ? 0.1937 0.2059 0.1957 0.0235  -0.0201 0.0115  72 LEU A CD1 
607 C CD2 . LEU A 72 ? 0.2240 0.2446 0.2242 0.0224  -0.0199 0.0158  72 LEU A CD2 
608 N N   . SER A 73 ? 0.2007 0.2447 0.2055 0.0315  -0.0224 0.0081  73 SER A N   
609 C CA  . SER A 73 ? 0.1968 0.2534 0.2017 0.0366  -0.0235 0.0062  73 SER A CA  
610 C C   . SER A 73 ? 0.1824 0.2391 0.1863 0.0380  -0.0249 0.0059  73 SER A C   
611 O O   . SER A 73 ? 0.2684 0.3266 0.2688 0.0448  -0.0264 0.0055  73 SER A O   
612 C CB  . SER A 73 ? 0.2623 0.3403 0.2729 0.0315  -0.0234 0.0070  73 SER A CB  
613 O OG  . SER A 73 ? 0.3971 0.4948 0.4087 0.0372  -0.0243 0.0044  73 SER A OG  
614 N N   . ASN A 74 ? 0.1898 0.2446 0.1960 0.0331  -0.0263 0.0052  74 ASN A N   
615 C CA  . ASN A 74 ? 0.2012 0.2595 0.2057 0.0362  -0.0286 0.0025  74 ASN A CA  
616 C C   . ASN A 74 ? 0.2595 0.3167 0.2577 0.0407  -0.0265 0.0056  74 ASN A C   
617 O O   . ASN A 74 ? 0.2224 0.2865 0.2170 0.0447  -0.0274 0.0064  74 ASN A O   
618 C CB  . ASN A 74 ? 0.1898 0.2441 0.1969 0.0335  -0.0343 -0.0023 74 ASN A CB  
619 C CG  . ASN A 74 ? 0.3112 0.3658 0.3243 0.0249  -0.0407 -0.0018 74 ASN A CG  
620 O OD1 . ASN A 74 ? 0.4006 0.4436 0.4154 0.0205  -0.0495 -0.0040 74 ASN A OD1 
621 N ND2 . ASN A 74 ? 0.3088 0.3783 0.3250 0.0223  -0.0384 0.0018  74 ASN A ND2 
622 N N   . VAL A 75 ? 0.1873 0.2379 0.1837 0.0382  -0.0244 0.0091  75 VAL A N   
623 C CA  . VAL A 75 ? 0.2402 0.2922 0.2311 0.0373  -0.0239 0.0167  75 VAL A CA  
624 C C   . VAL A 75 ? 0.2458 0.2881 0.2321 0.0393  -0.0275 0.0221  75 VAL A C   
625 O O   . VAL A 75 ? 0.2267 0.2733 0.2079 0.0398  -0.0300 0.0284  75 VAL A O   
626 C CB  . VAL A 75 ? 0.3181 0.3657 0.3095 0.0319  -0.0225 0.0206  75 VAL A CB  
627 C CG1 . VAL A 75 ? 0.2868 0.3359 0.2731 0.0260  -0.0245 0.0327  75 VAL A CG1 
628 C CG2 . VAL A 75 ? 0.2503 0.3094 0.2444 0.0331  -0.0210 0.0143  75 VAL A CG2 
629 N N   . ASP A 76 ? 0.2493 0.2803 0.2368 0.0421  -0.0295 0.0189  76 ASP A N   
630 C CA  . ASP A 76 ? 0.3298 0.3489 0.3120 0.0488  -0.0366 0.0198  76 ASP A CA  
631 C C   . ASP A 76 ? 0.3838 0.4130 0.3644 0.0556  -0.0383 0.0176  76 ASP A C   
632 O O   . ASP A 76 ? 0.3392 0.3583 0.3127 0.0597  -0.0457 0.0224  76 ASP A O   
633 C CB  . ASP A 76 ? 0.3507 0.3655 0.3345 0.0550  -0.0385 0.0121  76 ASP A CB  
634 C CG  . ASP A 76 ? 0.7404 0.7396 0.7232 0.0505  -0.0407 0.0143  76 ASP A CG  
635 O OD1 . ASP A 76 ? 0.4541 0.4419 0.4340 0.0424  -0.0434 0.0235  76 ASP A OD1 
636 O OD2 . ASP A 76 ? 0.5192 0.5215 0.5042 0.0545  -0.0400 0.0075  76 ASP A OD2 
637 N N   . GLN A 77 ? 0.2179 0.2655 0.2049 0.0558  -0.0335 0.0113  77 GLN A N   
638 C CA  . GLN A 77 ? 0.2310 0.2921 0.2181 0.0612  -0.0350 0.0084  77 GLN A CA  
639 C C   . GLN A 77 ? 0.2384 0.3019 0.2204 0.0602  -0.0357 0.0138  77 GLN A C   
640 O O   . GLN A 77 ? 0.2366 0.3021 0.2136 0.0661  -0.0399 0.0158  77 GLN A O   
641 C CB  . GLN A 77 ? 0.3411 0.4201 0.3370 0.0574  -0.0322 0.0025  77 GLN A CB  
642 C CG  . GLN A 77 ? 0.6728 0.7642 0.6736 0.0589  -0.0318 -0.0011 77 GLN A CG  
643 C CD  . GLN A 77 ? 3.6864 3.7990 3.6962 0.0502  -0.0314 -0.0020 77 GLN A CD  
644 O OE1 . GLN A 77 ? 0.7170 0.8255 0.7297 0.0424  -0.0330 -0.0014 77 GLN A OE1 
645 N NE2 . GLN A 77 ? 1.1925 1.3301 1.2066 0.0515  -0.0311 -0.0036 77 GLN A NE2 
646 N N   . MET A 78 ? 0.2055 0.2730 0.1882 0.0539  -0.0321 0.0158  78 MET A N   
647 C CA  . MET A 78 ? 0.2565 0.3374 0.2342 0.0538  -0.0320 0.0204  78 MET A CA  
648 C C   . MET A 78 ? 0.3034 0.3773 0.2722 0.0508  -0.0361 0.0346  78 MET A C   
649 O O   . MET A 78 ? 0.3126 0.3960 0.2753 0.0531  -0.0391 0.0402  78 MET A O   
650 C CB  . MET A 78 ? 0.2495 0.3414 0.2295 0.0508  -0.0285 0.0172  78 MET A CB  
651 C CG  . MET A 78 ? 0.3536 0.4718 0.3285 0.0535  -0.0280 0.0190  78 MET A CG  
652 S SD  . MET A 78 ? 0.3679 0.5059 0.3438 0.0530  -0.0250 0.0160  78 MET A SD  
653 C CE  . MET A 78 ? 0.3909 0.5079 0.3748 0.0557  -0.0275 0.0009  78 MET A CE  
654 N N   . VAL A 79 ? 0.2801 0.3361 0.2478 0.0447  -0.0384 0.0414  79 VAL A N   
655 C CA  . VAL A 79 ? 0.3345 0.3769 0.2940 0.0378  -0.0467 0.0576  79 VAL A CA  
656 C C   . VAL A 79 ? 0.3472 0.3692 0.3002 0.0463  -0.0575 0.0583  79 VAL A C   
657 O O   . VAL A 79 ? 0.3579 0.3772 0.3025 0.0435  -0.0652 0.0711  79 VAL A O   
658 C CB  . VAL A 79 ? 0.4197 0.4444 0.3805 0.0288  -0.0495 0.0631  79 VAL A CB  
659 C CG1 . VAL A 79 ? 0.3828 0.3829 0.3348 0.0204  -0.0639 0.0800  79 VAL A CG1 
660 C CG2 . VAL A 79 ? 0.2903 0.3403 0.2559 0.0209  -0.0405 0.0645  79 VAL A CG2 
661 N N   . SER A 80 ? 0.3381 0.3499 0.2947 0.0571  -0.0587 0.0447  80 SER A N   
662 C CA  . SER A 80 ? 0.3268 0.3247 0.2779 0.0703  -0.0695 0.0402  80 SER A CA  
663 C C   . SER A 80 ? 0.4019 0.4170 0.3502 0.0757  -0.0692 0.0408  80 SER A C   
664 O O   . SER A 80 ? 0.3495 0.3500 0.2882 0.0805  -0.0811 0.0478  80 SER A O   
665 C CB  . SER A 80 ? 0.3734 0.3750 0.3307 0.0819  -0.0679 0.0237  80 SER A CB  
666 O OG  . SER A 80 ? 0.6745 0.6744 0.6274 0.0983  -0.0773 0.0158  80 SER A OG  
667 N N   . MET A 81 ? 0.2614 0.3047 0.2174 0.0749  -0.0578 0.0334  81 MET A N   
668 C CA  . MET A 81 ? 0.2859 0.3482 0.2403 0.0805  -0.0576 0.0316  81 MET A CA  
669 C C   . MET A 81 ? 0.3290 0.3976 0.2744 0.0743  -0.0597 0.0464  81 MET A C   
670 O O   . MET A 81 ? 0.2590 0.3292 0.1969 0.0798  -0.0663 0.0512  81 MET A O   
671 C CB  . MET A 81 ? 0.3405 0.4273 0.3054 0.0803  -0.0488 0.0194  81 MET A CB  
672 C CG  . MET A 81 ? 0.8064 0.9115 0.7721 0.0882  -0.0506 0.0127  81 MET A CG  
673 S SD  . MET A 81 ? 0.6944 0.7961 0.6578 0.1025  -0.0590 0.0076  81 MET A SD  
674 C CE  . MET A 81 ? 2.6690 2.7600 2.6175 0.1083  -0.0688 0.0195  81 MET A CE  
675 N N   . THR A 82 ? 0.3405 0.4174 0.2862 0.0631  -0.0545 0.0541  82 THR A N   
676 C CA  . THR A 82 ? 0.3569 0.4529 0.2947 0.0555  -0.0554 0.0699  82 THR A CA  
677 C C   . THR A 82 ? 0.4403 0.5117 0.3667 0.0496  -0.0693 0.0897  82 THR A C   
678 O O   . THR A 82 ? 0.4253 0.5087 0.3428 0.0478  -0.0743 0.1024  82 THR A O   
679 C CB  . THR A 82 ? 0.3794 0.4971 0.3206 0.0457  -0.0475 0.0735  82 THR A CB  
680 O OG1 . THR A 82 ? 0.2683 0.3979 0.2190 0.0526  -0.0394 0.0541  82 THR A OG1 
681 C CG2 . THR A 82 ? 0.2890 0.4443 0.2229 0.0405  -0.0465 0.0869  82 THR A CG2 
682 N N   . LYS A 83 ? 0.2919 0.3275 0.2178 0.0467  -0.0778 0.0923  83 LYS A N   
683 C CA  . LYS A 83 ? 0.3098 0.3097 0.2243 0.0422  -0.0970 0.1089  83 LYS A CA  
684 C C   . LYS A 83 ? 0.4553 0.4416 0.3627 0.0583  -0.1079 0.1037  83 LYS A C   
685 O O   . LYS A 83 ? 0.4963 0.4677 0.3915 0.0544  -0.1228 0.1212  83 LYS A O   
686 C CB  . LYS A 83 ? 0.3407 0.3031 0.2567 0.0407  -0.1061 0.1061  83 LYS A CB  
687 C CG  . LYS A 83 ? 0.4447 0.4107 0.3637 0.0207  -0.1034 0.1196  83 LYS A CG  
688 C CD  . LYS A 83 ? 0.5980 0.5254 0.5184 0.0219  -0.1137 0.1133  83 LYS A CD  
689 C CE  . LYS A 83 ? 0.7637 0.6944 0.6875 0.0009  -0.1129 0.1276  83 LYS A CE  
690 N NZ  . LYS A 83 ? 0.5856 0.4826 0.5118 0.0042  -0.1210 0.1173  83 LYS A NZ  
691 N N   . ARG A 84 ? 0.4091 0.4030 0.3238 0.0753  -0.1013 0.0810  84 ARG A N   
692 C CA  . ARG A 84 ? 0.5917 0.5803 0.5019 0.0934  -0.1103 0.0719  84 ARG A CA  
693 C C   . ARG A 84 ? 0.4979 0.5107 0.4024 0.0928  -0.1086 0.0803  84 ARG A C   
694 O O   . ARG A 84 ? 0.5982 0.5991 0.4934 0.1032  -0.1218 0.0829  84 ARG A O   
695 C CB  . ARG A 84 ? 0.3540 0.3601 0.2756 0.1075  -0.1009 0.0477  84 ARG A CB  
696 C CG  . ARG A 84 ? 0.7159 0.7083 0.6336 0.1288  -0.1145 0.0349  84 ARG A CG  
697 C CD  . ARG A 84 ? 1.0376 1.0585 0.9681 0.1386  -0.1038 0.0142  84 ARG A CD  
698 N NE  . ARG A 84 ? 1.1721 1.1909 1.1103 0.1302  -0.0959 0.0110  84 ARG A NE  
699 C CZ  . ARG A 84 ? 1.3288 1.3744 1.2787 0.1318  -0.0853 -0.0015 84 ARG A CZ  
700 N NH1 . ARG A 84 ? 0.7625 0.8417 0.7189 0.1398  -0.0814 -0.0117 84 ARG A NH1 
701 N NH2 . ARG A 84 ? 1.0403 1.0814 0.9952 0.1237  -0.0795 -0.0022 84 ARG A NH2 
702 N N   . ILE A 85 ? 0.3910 0.4390 0.3005 0.0828  -0.0938 0.0833  85 ILE A N   
703 C CA  . ILE A 85 ? 0.4141 0.4923 0.3179 0.0825  -0.0914 0.0903  85 ILE A CA  
704 C C   . ILE A 85 ? 0.8430 0.9115 0.7319 0.0709  -0.1045 0.1182  85 ILE A C   
705 O O   . ILE A 85 ? 0.8239 0.8919 0.7030 0.0769  -0.1141 0.1254  85 ILE A O   
706 C CB  . ILE A 85 ? 0.9715 1.0916 0.8834 0.0782  -0.0750 0.0828  85 ILE A CB  
707 C CG1 . ILE A 85 ? 0.4780 0.6054 0.4034 0.0880  -0.0667 0.0579  85 ILE A CG1 
708 C CG2 . ILE A 85 ? 1.4545 1.6099 1.3585 0.0790  -0.0742 0.0906  85 ILE A CG2 
709 C CD1 . ILE A 85 ? 0.4374 0.5908 0.3707 0.0846  -0.0557 0.0480  85 ILE A CD1 
710 N N   . ALA A 86 ? 0.5474 0.6095 0.4347 0.0528  -0.1061 0.1354  86 ALA A N   
711 C CA  . ALA A 86 ? 1.1194 1.1751 0.9933 0.0353  -0.1199 0.1671  86 ALA A CA  
712 C C   . ALA A 86 ? 0.8967 0.8929 0.7595 0.0372  -0.1457 0.1771  86 ALA A C   
713 O O   . ALA A 86 ? 2.7293 2.7162 2.5794 0.0379  -0.1604 0.1921  86 ALA A O   
714 C CB  . ALA A 86 ? 0.6712 0.7452 0.5486 0.0135  -0.1141 0.1827  86 ALA A CB  
715 N N   . SER A 87 ? 1.2867 1.2431 1.1538 0.0401  -0.1530 0.1675  87 SER A N   
716 C CA  . SER A 87 ? 1.0604 0.9551 0.9168 0.0454  -0.1815 0.1721  87 SER A CA  
717 C C   . SER A 87 ? 3.9490 3.8190 3.7896 0.0241  -0.2051 0.2082  87 SER A C   
718 O O   . SER A 87 ? 1.5915 1.4690 1.4323 -0.0026 -0.2056 0.2317  87 SER A O   
719 C CB  . SER A 87 ? 1.2187 1.0999 1.0727 0.0752  -0.1884 0.1488  87 SER A CB  
720 O OG  . SER A 87 ? 0.6647 0.5548 0.5318 0.0918  -0.1752 0.1190  87 SER A OG  
# 
